data_2K3I
#
_entry.id   2K3I
#
_entity_poly.entity_id   1
_entity_poly.type   'polypeptide(L)'
_entity_poly.pdbx_seq_one_letter_code
;MAMKDVVDKCSTKGCAIDIGTVIDNDNCTSKFSRFFATREEAESFMTKLKELAAAASSADEGASVAYKIKDLEGQVELDA
AFTFSCQAEMIIFELSLRSLALEHHHHHH
;
_entity_poly.pdbx_strand_id   A
#
# COMPACT_ATOMS: atom_id res chain seq x y z
N MET A 1 39.22 -11.87 -29.86
CA MET A 1 39.00 -10.44 -30.15
C MET A 1 38.41 -9.73 -28.92
N ALA A 2 38.12 -10.51 -27.88
CA ALA A 2 37.60 -9.95 -26.64
C ALA A 2 38.57 -10.22 -25.50
N MET A 3 38.75 -9.23 -24.63
CA MET A 3 39.74 -9.35 -23.55
C MET A 3 39.15 -8.90 -22.21
N LYS A 4 38.17 -8.01 -22.27
CA LYS A 4 37.67 -7.36 -21.06
C LYS A 4 36.43 -8.06 -20.52
N ASP A 5 36.61 -8.78 -19.41
CA ASP A 5 35.48 -9.34 -18.69
C ASP A 5 35.77 -9.25 -17.20
N VAL A 6 35.37 -8.13 -16.59
CA VAL A 6 35.61 -7.91 -15.18
C VAL A 6 34.65 -6.86 -14.62
N VAL A 7 33.91 -7.26 -13.59
CA VAL A 7 33.00 -6.36 -12.91
C VAL A 7 32.80 -6.83 -11.47
N ASP A 8 32.74 -5.90 -10.54
CA ASP A 8 32.58 -6.24 -9.14
C ASP A 8 31.88 -5.13 -8.36
N LYS A 9 30.58 -5.30 -8.17
CA LYS A 9 29.79 -4.39 -7.34
C LYS A 9 28.47 -5.04 -6.98
N CYS A 10 28.46 -5.73 -5.86
CA CYS A 10 27.25 -6.39 -5.39
C CYS A 10 26.87 -5.89 -3.99
N SER A 11 27.37 -4.71 -3.65
CA SER A 11 27.16 -4.15 -2.34
C SER A 11 25.78 -3.47 -2.23
N THR A 12 24.78 -4.28 -1.97
CA THR A 12 23.43 -3.81 -1.72
C THR A 12 22.77 -4.77 -0.73
N LYS A 13 22.11 -4.23 0.27
CA LYS A 13 21.59 -5.06 1.35
C LYS A 13 20.08 -5.21 1.27
N GLY A 14 19.42 -4.21 0.72
CA GLY A 14 17.98 -4.25 0.60
C GLY A 14 17.29 -3.94 1.91
N CYS A 15 17.67 -2.83 2.51
CA CYS A 15 17.10 -2.40 3.78
C CYS A 15 15.68 -1.90 3.60
N ALA A 16 15.39 -1.38 2.41
CA ALA A 16 14.05 -0.90 2.10
C ALA A 16 13.25 -2.01 1.42
N ILE A 17 12.03 -2.21 1.88
CA ILE A 17 11.18 -3.26 1.33
C ILE A 17 10.60 -2.85 -0.02
N ASP A 18 11.20 -3.35 -1.08
CA ASP A 18 10.74 -3.08 -2.44
C ASP A 18 10.56 -4.38 -3.19
N ILE A 19 9.43 -4.51 -3.87
CA ILE A 19 9.13 -5.73 -4.61
C ILE A 19 9.88 -5.73 -5.94
N GLY A 20 10.32 -4.55 -6.36
CA GLY A 20 11.00 -4.41 -7.63
C GLY A 20 10.08 -3.89 -8.71
N THR A 21 9.09 -3.11 -8.28
CA THR A 21 8.11 -2.57 -9.20
C THR A 21 8.47 -1.12 -9.56
N VAL A 22 7.73 -0.55 -10.51
CA VAL A 22 7.97 0.82 -10.94
C VAL A 22 7.47 1.83 -9.90
N ILE A 23 7.83 3.10 -10.12
CA ILE A 23 7.49 4.17 -9.19
C ILE A 23 6.39 5.04 -9.79
N ASP A 24 5.35 5.31 -9.01
CA ASP A 24 4.33 6.26 -9.43
C ASP A 24 4.78 7.67 -9.09
N ASN A 25 4.90 8.50 -10.12
CA ASN A 25 5.40 9.84 -9.94
C ASN A 25 4.32 10.89 -10.12
N ASP A 26 3.97 11.56 -9.03
CA ASP A 26 3.09 12.73 -9.07
C ASP A 26 2.88 13.27 -7.66
N ASN A 27 2.55 12.37 -6.73
CA ASN A 27 2.22 12.78 -5.37
C ASN A 27 3.05 12.02 -4.33
N CYS A 28 2.80 12.34 -3.07
CA CYS A 28 3.31 11.58 -1.95
C CYS A 28 2.12 11.06 -1.13
N THR A 29 0.95 11.63 -1.40
CA THR A 29 -0.29 11.19 -0.82
C THR A 29 -1.02 10.28 -1.80
N SER A 30 -1.25 9.04 -1.42
CA SER A 30 -1.90 8.08 -2.30
C SER A 30 -3.38 8.00 -1.98
N LYS A 31 -4.19 7.73 -2.99
CA LYS A 31 -5.63 7.66 -2.80
C LYS A 31 -6.11 6.30 -3.26
N PHE A 32 -6.58 5.52 -2.32
CA PHE A 32 -7.01 4.16 -2.61
C PHE A 32 -8.54 4.08 -2.64
N SER A 33 -9.08 3.76 -3.80
CA SER A 33 -10.51 3.64 -3.98
C SER A 33 -10.93 2.21 -4.27
N ARG A 34 -11.98 1.78 -3.60
CA ARG A 34 -12.60 0.49 -3.84
C ARG A 34 -14.10 0.61 -3.63
N PHE A 35 -14.85 -0.17 -4.39
CA PHE A 35 -16.31 -0.12 -4.31
C PHE A 35 -16.82 -1.38 -3.65
N PHE A 36 -17.59 -1.20 -2.59
CA PHE A 36 -18.10 -2.33 -1.83
C PHE A 36 -19.62 -2.31 -1.84
N ALA A 37 -20.23 -3.42 -1.44
CA ALA A 37 -21.68 -3.54 -1.43
C ALA A 37 -22.30 -2.82 -0.23
N THR A 38 -21.57 -2.76 0.86
CA THR A 38 -22.04 -2.07 2.05
C THR A 38 -20.99 -1.13 2.58
N ARG A 39 -21.41 -0.11 3.31
CA ARG A 39 -20.50 0.80 3.99
C ARG A 39 -19.69 0.02 5.03
N GLU A 40 -20.28 -1.07 5.51
CA GLU A 40 -19.58 -1.99 6.41
C GLU A 40 -18.35 -2.55 5.72
N GLU A 41 -18.54 -3.10 4.53
CA GLU A 41 -17.45 -3.64 3.72
C GLU A 41 -16.36 -2.60 3.53
N ALA A 42 -16.76 -1.34 3.46
CA ALA A 42 -15.82 -0.25 3.25
C ALA A 42 -14.97 -0.03 4.50
N GLU A 43 -15.62 0.11 5.65
CA GLU A 43 -14.93 0.36 6.90
C GLU A 43 -14.17 -0.88 7.39
N SER A 44 -14.62 -2.05 6.95
CA SER A 44 -13.92 -3.29 7.27
C SER A 44 -12.61 -3.37 6.52
N PHE A 45 -12.60 -2.84 5.31
CA PHE A 45 -11.40 -2.88 4.49
C PHE A 45 -10.41 -1.83 4.99
N MET A 46 -10.93 -0.77 5.60
CA MET A 46 -10.11 0.28 6.17
C MET A 46 -9.20 -0.28 7.27
N THR A 47 -9.69 -1.30 7.97
CA THR A 47 -8.92 -1.95 9.02
C THR A 47 -7.57 -2.45 8.48
N LYS A 48 -7.62 -3.22 7.40
CA LYS A 48 -6.39 -3.79 6.85
C LYS A 48 -5.52 -2.71 6.19
N LEU A 49 -6.15 -1.64 5.72
CA LEU A 49 -5.40 -0.49 5.23
C LEU A 49 -4.57 0.12 6.36
N LYS A 50 -5.15 0.22 7.55
CA LYS A 50 -4.44 0.70 8.72
C LYS A 50 -3.28 -0.24 9.08
N GLU A 51 -3.54 -1.54 8.98
CA GLU A 51 -2.51 -2.55 9.24
C GLU A 51 -1.33 -2.34 8.28
N LEU A 52 -1.66 -2.11 7.02
CA LEU A 52 -0.66 -1.89 5.99
C LEU A 52 0.03 -0.55 6.14
N ALA A 53 -0.73 0.46 6.56
CA ALA A 53 -0.19 1.80 6.76
C ALA A 53 0.90 1.80 7.83
N ALA A 54 0.69 1.02 8.88
CA ALA A 54 1.65 0.92 9.97
C ALA A 54 2.96 0.29 9.50
N ALA A 55 2.87 -0.59 8.51
CA ALA A 55 4.05 -1.24 7.97
C ALA A 55 4.82 -0.30 7.06
N ALA A 56 4.09 0.38 6.17
CA ALA A 56 4.70 1.30 5.22
C ALA A 56 5.25 2.54 5.91
N SER A 57 4.43 3.17 6.74
CA SER A 57 4.84 4.34 7.47
C SER A 57 4.87 4.06 8.96
N SER A 58 6.04 4.23 9.57
CA SER A 58 6.19 3.98 10.99
C SER A 58 5.49 5.05 11.80
N ALA A 59 6.18 6.18 12.01
CA ALA A 59 5.64 7.31 12.75
C ALA A 59 5.12 6.89 14.12
N ASP A 60 4.36 7.78 14.69
CA ASP A 60 3.70 7.50 15.97
C ASP A 60 2.46 6.64 15.73
N GLU A 61 1.63 7.06 14.80
CA GLU A 61 0.39 6.36 14.49
C GLU A 61 0.27 6.11 12.98
N GLY A 62 1.39 6.22 12.29
CA GLY A 62 1.39 6.01 10.85
C GLY A 62 1.20 7.31 10.09
N ALA A 63 1.12 7.21 8.78
CA ALA A 63 0.90 8.37 7.92
C ALA A 63 -0.49 8.95 8.12
N SER A 64 -0.70 10.15 7.58
CA SER A 64 -2.00 10.81 7.68
C SER A 64 -3.01 10.12 6.78
N VAL A 65 -4.24 9.98 7.26
CA VAL A 65 -5.27 9.28 6.51
C VAL A 65 -6.58 10.04 6.53
N ALA A 66 -7.02 10.47 5.36
CA ALA A 66 -8.32 11.09 5.20
C ALA A 66 -9.17 10.24 4.28
N TYR A 67 -10.16 9.56 4.84
CA TYR A 67 -10.90 8.58 4.08
C TYR A 67 -12.25 9.13 3.62
N LYS A 68 -12.69 8.67 2.47
CA LYS A 68 -14.01 8.99 1.98
C LYS A 68 -14.91 7.78 2.09
N ILE A 69 -16.13 8.03 2.49
CA ILE A 69 -17.16 7.02 2.50
C ILE A 69 -18.43 7.61 1.92
N LYS A 70 -18.74 7.26 0.69
CA LYS A 70 -19.93 7.76 0.03
C LYS A 70 -20.99 6.67 -0.03
N ASP A 71 -22.11 6.95 0.60
CA ASP A 71 -23.20 6.01 0.70
C ASP A 71 -24.02 6.05 -0.60
N LEU A 72 -23.74 5.14 -1.50
CA LEU A 72 -24.42 5.11 -2.79
C LEU A 72 -25.57 4.13 -2.77
N GLU A 73 -26.22 3.96 -3.92
CA GLU A 73 -27.36 3.08 -4.05
C GLU A 73 -26.91 1.69 -4.52
N GLY A 74 -26.72 0.78 -3.59
CA GLY A 74 -26.31 -0.56 -3.93
C GLY A 74 -24.84 -0.80 -3.70
N GLN A 75 -24.09 0.28 -3.54
CA GLN A 75 -22.66 0.19 -3.30
C GLN A 75 -22.18 1.40 -2.51
N VAL A 76 -20.91 1.40 -2.16
CA VAL A 76 -20.29 2.54 -1.50
C VAL A 76 -18.91 2.81 -2.08
N GLU A 77 -18.46 4.04 -1.97
CA GLU A 77 -17.11 4.41 -2.39
C GLU A 77 -16.21 4.56 -1.19
N LEU A 78 -15.23 3.69 -1.11
CA LEU A 78 -14.19 3.81 -0.09
C LEU A 78 -12.93 4.33 -0.74
N ASP A 79 -12.58 5.56 -0.39
CA ASP A 79 -11.41 6.21 -0.99
C ASP A 79 -10.58 6.86 0.10
N ALA A 80 -9.47 6.22 0.45
CA ALA A 80 -8.65 6.70 1.54
C ALA A 80 -7.39 7.39 1.02
N ALA A 81 -7.21 8.63 1.46
CA ALA A 81 -6.03 9.40 1.08
C ALA A 81 -4.97 9.29 2.16
N PHE A 82 -3.86 8.66 1.83
CA PHE A 82 -2.76 8.48 2.77
C PHE A 82 -1.63 9.45 2.46
N THR A 83 -1.40 10.39 3.36
CA THR A 83 -0.35 11.36 3.19
C THR A 83 0.95 10.86 3.81
N PHE A 84 1.86 10.43 2.96
CA PHE A 84 3.14 9.95 3.40
C PHE A 84 4.15 11.10 3.43
N SER A 85 5.28 10.86 4.06
CA SER A 85 6.32 11.87 4.16
C SER A 85 7.29 11.72 3.00
N CYS A 86 7.43 10.50 2.51
CA CYS A 86 8.33 10.19 1.42
C CYS A 86 7.54 9.56 0.27
N GLN A 87 8.13 9.54 -0.91
CA GLN A 87 7.49 8.88 -2.03
C GLN A 87 7.77 7.39 -1.98
N ALA A 88 8.94 7.03 -1.46
CA ALA A 88 9.32 5.63 -1.31
C ALA A 88 8.29 4.86 -0.51
N GLU A 89 7.90 5.41 0.64
CA GLU A 89 6.92 4.76 1.50
C GLU A 89 5.52 4.75 0.85
N MET A 90 5.27 5.71 -0.04
CA MET A 90 4.00 5.78 -0.74
C MET A 90 3.89 4.66 -1.79
N ILE A 91 4.88 4.59 -2.67
CA ILE A 91 4.87 3.62 -3.76
C ILE A 91 4.91 2.18 -3.23
N ILE A 92 5.72 1.92 -2.21
CA ILE A 92 5.80 0.57 -1.65
C ILE A 92 4.49 0.17 -1.00
N PHE A 93 3.75 1.15 -0.50
CA PHE A 93 2.43 0.93 0.04
C PHE A 93 1.50 0.41 -1.06
N GLU A 94 1.53 1.08 -2.20
CA GLU A 94 0.79 0.65 -3.39
C GLU A 94 1.19 -0.77 -3.79
N LEU A 95 2.48 -1.05 -3.73
CA LEU A 95 2.98 -2.38 -4.05
C LEU A 95 2.41 -3.41 -3.09
N SER A 96 2.54 -3.14 -1.80
CA SER A 96 1.95 -3.97 -0.75
C SER A 96 0.44 -4.16 -0.98
N LEU A 97 -0.25 -3.09 -1.37
CA LEU A 97 -1.68 -3.16 -1.67
C LEU A 97 -1.94 -4.18 -2.77
N ARG A 98 -1.16 -4.10 -3.83
CA ARG A 98 -1.28 -5.00 -4.97
C ARG A 98 -0.97 -6.44 -4.57
N SER A 99 -0.11 -6.59 -3.58
CA SER A 99 0.30 -7.92 -3.12
C SER A 99 -0.75 -8.52 -2.18
N LEU A 100 -1.27 -7.71 -1.26
CA LEU A 100 -2.18 -8.21 -0.24
C LEU A 100 -3.63 -8.14 -0.68
N ALA A 101 -4.08 -6.95 -1.04
CA ALA A 101 -5.46 -6.75 -1.44
C ALA A 101 -5.65 -7.24 -2.86
N LEU A 102 -4.64 -6.99 -3.70
CA LEU A 102 -4.59 -7.43 -5.09
C LEU A 102 -5.65 -6.78 -5.97
N GLU A 103 -6.92 -6.98 -5.63
CA GLU A 103 -8.02 -6.56 -6.50
C GLU A 103 -8.24 -5.04 -6.46
N HIS A 104 -7.38 -4.33 -7.18
CA HIS A 104 -7.62 -2.94 -7.51
C HIS A 104 -7.74 -2.87 -9.02
N HIS A 105 -8.64 -3.70 -9.52
CA HIS A 105 -8.76 -4.02 -10.94
C HIS A 105 -7.52 -4.79 -11.40
N HIS A 106 -6.44 -4.08 -11.71
CA HIS A 106 -5.18 -4.70 -12.11
C HIS A 106 -4.11 -3.64 -12.30
N HIS A 107 -4.08 -3.04 -13.49
CA HIS A 107 -3.09 -2.03 -13.81
C HIS A 107 -3.72 -0.64 -13.70
N HIS A 108 -3.70 -0.08 -12.52
CA HIS A 108 -4.28 1.24 -12.30
C HIS A 108 -3.30 2.33 -12.72
N HIS A 109 -2.05 2.18 -12.28
CA HIS A 109 -0.99 3.11 -12.65
C HIS A 109 0.16 2.34 -13.27
N MET A 1 34.31 29.72 1.40
CA MET A 1 33.66 30.04 2.69
C MET A 1 33.31 28.76 3.43
N ALA A 2 33.72 27.62 2.88
CA ALA A 2 33.47 26.32 3.48
C ALA A 2 34.38 26.11 4.68
N MET A 3 33.81 26.22 5.87
CA MET A 3 34.60 26.11 7.09
C MET A 3 34.20 24.86 7.89
N LYS A 4 32.98 24.40 7.71
CA LYS A 4 32.49 23.24 8.42
C LYS A 4 31.68 22.33 7.50
N ASP A 5 32.13 21.09 7.38
CA ASP A 5 31.44 20.09 6.57
C ASP A 5 31.69 18.70 7.14
N VAL A 6 30.62 17.99 7.48
CA VAL A 6 30.74 16.63 8.02
C VAL A 6 29.58 15.77 7.55
N VAL A 7 29.84 14.48 7.41
CA VAL A 7 28.80 13.51 7.09
C VAL A 7 28.86 12.35 8.08
N ASP A 8 28.16 12.51 9.19
CA ASP A 8 28.23 11.56 10.28
C ASP A 8 26.89 10.87 10.49
N LYS A 9 26.00 11.06 9.54
CA LYS A 9 24.70 10.45 9.60
C LYS A 9 24.59 9.34 8.56
N CYS A 10 24.61 8.10 9.01
CA CYS A 10 24.46 6.95 8.13
C CYS A 10 23.68 5.84 8.83
N SER A 11 22.38 5.82 8.60
CA SER A 11 21.50 4.86 9.24
C SER A 11 20.93 3.90 8.21
N THR A 12 21.46 2.68 8.18
CA THR A 12 20.97 1.65 7.28
C THR A 12 19.97 0.76 8.00
N LYS A 13 18.74 0.75 7.51
CA LYS A 13 17.68 -0.07 8.10
C LYS A 13 16.57 -0.30 7.08
N GLY A 14 15.65 -1.19 7.40
CA GLY A 14 14.48 -1.37 6.55
C GLY A 14 14.63 -2.52 5.58
N CYS A 15 14.09 -3.67 5.96
CA CYS A 15 14.02 -4.82 5.07
C CYS A 15 12.57 -5.08 4.68
N ALA A 16 12.22 -4.79 3.44
CA ALA A 16 10.84 -4.90 3.00
C ALA A 16 10.74 -5.71 1.72
N ILE A 17 9.52 -5.89 1.24
CA ILE A 17 9.29 -6.61 -0.01
C ILE A 17 9.51 -5.69 -1.19
N ASP A 18 10.57 -5.97 -1.93
CA ASP A 18 10.93 -5.16 -3.08
C ASP A 18 10.52 -5.85 -4.37
N ILE A 19 9.46 -5.34 -4.99
CA ILE A 19 8.95 -5.90 -6.23
C ILE A 19 10.02 -5.81 -7.33
N GLY A 20 10.81 -4.74 -7.28
CA GLY A 20 11.92 -4.59 -8.19
C GLY A 20 11.51 -4.17 -9.59
N THR A 21 10.87 -5.09 -10.31
CA THR A 21 10.59 -4.89 -11.72
C THR A 21 9.37 -3.99 -11.93
N VAL A 22 8.64 -3.75 -10.88
CA VAL A 22 7.45 -2.91 -10.95
C VAL A 22 7.45 -1.86 -9.85
N ILE A 23 8.11 -0.75 -10.12
CA ILE A 23 8.16 0.38 -9.19
C ILE A 23 7.77 1.67 -9.90
N ASP A 24 6.80 2.37 -9.35
CA ASP A 24 6.36 3.64 -9.91
C ASP A 24 6.75 4.77 -8.97
N ASN A 25 6.15 5.94 -9.13
CA ASN A 25 6.44 7.09 -8.28
C ASN A 25 5.41 8.19 -8.49
N ASP A 26 4.16 7.80 -8.61
CA ASP A 26 3.08 8.76 -8.83
C ASP A 26 2.58 9.35 -7.52
N ASN A 27 3.11 10.54 -7.20
CA ASN A 27 2.69 11.32 -6.04
C ASN A 27 3.16 10.68 -4.72
N CYS A 28 3.17 11.49 -3.66
CA CYS A 28 3.51 11.00 -2.33
C CYS A 28 2.24 10.68 -1.55
N THR A 29 1.11 10.99 -2.16
CA THR A 29 -0.19 10.68 -1.59
C THR A 29 -0.87 9.58 -2.40
N SER A 30 -1.31 8.54 -1.71
CA SER A 30 -1.94 7.41 -2.37
C SER A 30 -3.46 7.54 -2.32
N LYS A 31 -4.07 7.64 -3.48
CA LYS A 31 -5.52 7.73 -3.59
C LYS A 31 -6.10 6.39 -3.97
N PHE A 32 -6.86 5.80 -3.06
CA PHE A 32 -7.44 4.49 -3.26
C PHE A 32 -8.95 4.58 -3.26
N SER A 33 -9.58 4.16 -4.36
CA SER A 33 -11.03 4.20 -4.47
C SER A 33 -11.59 2.84 -4.87
N ARG A 34 -12.48 2.32 -4.03
CA ARG A 34 -13.12 1.05 -4.29
C ARG A 34 -14.58 1.10 -3.87
N PHE A 35 -15.42 0.41 -4.62
CA PHE A 35 -16.85 0.41 -4.35
C PHE A 35 -17.26 -0.91 -3.72
N PHE A 36 -17.99 -0.81 -2.62
CA PHE A 36 -18.43 -1.98 -1.87
C PHE A 36 -19.94 -1.94 -1.67
N ALA A 37 -20.48 -2.88 -0.92
CA ALA A 37 -21.91 -2.93 -0.65
C ALA A 37 -22.34 -1.89 0.37
N THR A 38 -21.95 -2.09 1.63
CA THR A 38 -22.39 -1.23 2.70
C THR A 38 -21.23 -0.41 3.25
N ARG A 39 -21.56 0.61 4.05
CA ARG A 39 -20.55 1.43 4.72
C ARG A 39 -19.65 0.54 5.59
N GLU A 40 -20.21 -0.57 6.06
CA GLU A 40 -19.49 -1.52 6.90
C GLU A 40 -18.42 -2.22 6.09
N GLU A 41 -18.77 -2.60 4.88
CA GLU A 41 -17.82 -3.21 3.93
C GLU A 41 -16.61 -2.29 3.75
N ALA A 42 -16.86 -0.99 3.81
CA ALA A 42 -15.81 0.01 3.62
C ALA A 42 -14.92 0.09 4.86
N GLU A 43 -15.55 0.18 6.02
CA GLU A 43 -14.83 0.18 7.29
C GLU A 43 -13.97 -1.07 7.43
N SER A 44 -14.55 -2.21 7.04
CA SER A 44 -13.87 -3.49 7.16
C SER A 44 -12.66 -3.57 6.25
N PHE A 45 -12.70 -2.88 5.11
CA PHE A 45 -11.61 -2.94 4.17
C PHE A 45 -10.48 -2.03 4.63
N MET A 46 -10.84 -0.92 5.25
CA MET A 46 -9.86 0.03 5.75
C MET A 46 -9.06 -0.55 6.91
N THR A 47 -9.66 -1.53 7.59
CA THR A 47 -9.02 -2.16 8.74
C THR A 47 -7.66 -2.76 8.38
N LYS A 48 -7.59 -3.49 7.28
CA LYS A 48 -6.34 -4.10 6.85
C LYS A 48 -5.35 -3.04 6.36
N LEU A 49 -5.88 -1.94 5.85
CA LEU A 49 -5.05 -0.82 5.39
C LEU A 49 -4.32 -0.19 6.58
N LYS A 50 -4.94 -0.25 7.76
CA LYS A 50 -4.32 0.25 8.98
C LYS A 50 -3.01 -0.47 9.25
N GLU A 51 -3.05 -1.80 9.19
CA GLU A 51 -1.87 -2.62 9.43
C GLU A 51 -0.78 -2.30 8.42
N LEU A 52 -1.19 -2.21 7.16
CA LEU A 52 -0.27 -1.95 6.06
C LEU A 52 0.35 -0.56 6.19
N ALA A 53 -0.46 0.44 6.45
CA ALA A 53 0.01 1.83 6.53
C ALA A 53 0.94 2.01 7.73
N ALA A 54 0.66 1.30 8.81
CA ALA A 54 1.48 1.38 10.01
C ALA A 54 2.86 0.79 9.79
N ALA A 55 2.93 -0.23 8.95
CA ALA A 55 4.20 -0.89 8.65
C ALA A 55 4.94 -0.18 7.54
N ALA A 56 4.19 0.43 6.62
CA ALA A 56 4.78 1.07 5.45
C ALA A 56 5.29 2.47 5.76
N SER A 57 5.10 2.93 6.99
CA SER A 57 5.59 4.24 7.38
C SER A 57 6.73 4.10 8.40
N SER A 58 7.95 4.30 7.91
CA SER A 58 9.14 4.18 8.74
C SER A 58 9.67 5.55 9.11
N ALA A 59 9.07 6.59 8.53
CA ALA A 59 9.41 7.96 8.89
C ALA A 59 9.16 8.19 10.37
N ASP A 60 7.97 7.76 10.83
CA ASP A 60 7.61 7.81 12.24
C ASP A 60 6.24 7.19 12.44
N GLU A 61 5.22 8.01 12.29
CA GLU A 61 3.82 7.58 12.37
C GLU A 61 2.95 8.64 11.71
N GLY A 62 3.61 9.62 11.09
CA GLY A 62 2.92 10.75 10.54
C GLY A 62 2.34 10.46 9.17
N ALA A 63 1.44 9.49 9.12
CA ALA A 63 0.72 9.18 7.91
C ALA A 63 -0.66 9.82 7.96
N SER A 64 -0.97 10.63 6.98
CA SER A 64 -2.25 11.31 6.95
C SER A 64 -3.22 10.59 6.06
N VAL A 65 -4.11 9.81 6.65
CA VAL A 65 -5.13 9.12 5.89
C VAL A 65 -6.46 9.86 5.98
N ALA A 66 -6.90 10.34 4.84
CA ALA A 66 -8.20 10.99 4.75
C ALA A 66 -9.11 10.16 3.87
N TYR A 67 -9.93 9.33 4.50
CA TYR A 67 -10.80 8.45 3.75
C TYR A 67 -12.26 8.77 4.05
N LYS A 68 -13.08 8.73 3.01
CA LYS A 68 -14.51 8.95 3.15
C LYS A 68 -15.25 7.68 2.78
N ILE A 69 -16.43 7.53 3.32
CA ILE A 69 -17.33 6.46 2.93
C ILE A 69 -18.54 7.06 2.24
N LYS A 70 -18.57 6.96 0.93
CA LYS A 70 -19.67 7.52 0.16
C LYS A 70 -20.85 6.57 0.19
N ASP A 71 -21.81 6.93 1.00
CA ASP A 71 -22.99 6.10 1.22
C ASP A 71 -23.96 6.26 0.06
N LEU A 72 -24.07 5.23 -0.75
CA LEU A 72 -25.00 5.23 -1.87
C LEU A 72 -26.00 4.11 -1.69
N GLU A 73 -27.01 4.11 -2.54
CA GLU A 73 -28.06 3.11 -2.47
C GLU A 73 -27.65 1.84 -3.21
N GLY A 74 -27.32 0.82 -2.46
CA GLY A 74 -26.96 -0.47 -3.05
C GLY A 74 -25.46 -0.68 -3.13
N GLN A 75 -24.71 0.38 -2.85
CA GLN A 75 -23.25 0.31 -2.87
C GLN A 75 -22.66 1.55 -2.22
N VAL A 76 -21.37 1.50 -1.91
CA VAL A 76 -20.69 2.63 -1.31
C VAL A 76 -19.33 2.82 -1.96
N GLU A 77 -18.83 4.05 -1.91
CA GLU A 77 -17.50 4.34 -2.40
C GLU A 77 -16.54 4.56 -1.23
N LEU A 78 -15.56 3.67 -1.10
CA LEU A 78 -14.52 3.85 -0.11
C LEU A 78 -13.39 4.63 -0.76
N ASP A 79 -13.23 5.86 -0.32
CA ASP A 79 -12.28 6.79 -0.94
C ASP A 79 -11.19 7.15 0.05
N ALA A 80 -9.99 6.65 -0.19
CA ALA A 80 -8.89 6.86 0.75
C ALA A 80 -7.77 7.70 0.13
N ALA A 81 -7.21 8.57 0.95
CA ALA A 81 -6.06 9.36 0.57
C ALA A 81 -4.98 9.27 1.64
N PHE A 82 -3.88 8.59 1.33
CA PHE A 82 -2.79 8.42 2.27
C PHE A 82 -1.63 9.34 1.93
N THR A 83 -1.39 10.32 2.77
CA THR A 83 -0.25 11.21 2.60
C THR A 83 0.86 10.84 3.58
N PHE A 84 1.98 10.40 3.03
CA PHE A 84 3.11 9.98 3.85
C PHE A 84 4.17 11.07 3.92
N SER A 85 5.03 11.00 4.93
CA SER A 85 6.12 11.94 5.09
C SER A 85 7.13 11.80 3.96
N CYS A 86 7.35 10.56 3.53
CA CYS A 86 8.25 10.27 2.43
C CYS A 86 7.48 9.62 1.30
N GLN A 87 7.92 9.85 0.07
CA GLN A 87 7.32 9.21 -1.08
C GLN A 87 7.63 7.72 -1.08
N ALA A 88 8.77 7.38 -0.50
CA ALA A 88 9.17 5.99 -0.36
C ALA A 88 8.11 5.18 0.37
N GLU A 89 7.53 5.78 1.40
CA GLU A 89 6.50 5.10 2.20
C GLU A 89 5.27 4.82 1.36
N MET A 90 5.01 5.70 0.40
CA MET A 90 3.83 5.59 -0.45
C MET A 90 4.00 4.42 -1.41
N ILE A 91 5.13 4.38 -2.12
CA ILE A 91 5.37 3.36 -3.12
C ILE A 91 5.48 1.96 -2.52
N ILE A 92 6.12 1.85 -1.35
CA ILE A 92 6.20 0.55 -0.69
C ILE A 92 4.83 0.10 -0.22
N PHE A 93 3.98 1.09 0.08
CA PHE A 93 2.61 0.84 0.49
C PHE A 93 1.77 0.29 -0.67
N GLU A 94 1.82 0.98 -1.80
CA GLU A 94 1.01 0.59 -2.96
C GLU A 94 1.48 -0.74 -3.56
N LEU A 95 2.78 -1.00 -3.50
CA LEU A 95 3.32 -2.29 -3.93
C LEU A 95 2.72 -3.42 -3.10
N SER A 96 2.77 -3.24 -1.79
CA SER A 96 2.24 -4.23 -0.85
C SER A 96 0.76 -4.50 -1.10
N LEU A 97 0.03 -3.47 -1.55
CA LEU A 97 -1.39 -3.62 -1.87
C LEU A 97 -1.59 -4.61 -3.00
N ARG A 98 -0.81 -4.46 -4.07
CA ARG A 98 -0.95 -5.28 -5.26
C ARG A 98 -0.50 -6.71 -5.00
N SER A 99 0.54 -6.87 -4.22
CA SER A 99 1.07 -8.19 -3.91
C SER A 99 0.23 -8.90 -2.85
N LEU A 100 -0.90 -8.32 -2.50
CA LEU A 100 -1.75 -8.87 -1.46
C LEU A 100 -3.13 -9.17 -2.00
N ALA A 101 -3.82 -8.14 -2.45
CA ALA A 101 -5.19 -8.27 -2.92
C ALA A 101 -5.26 -8.11 -4.43
N LEU A 102 -4.24 -8.61 -5.12
CA LEU A 102 -4.19 -8.55 -6.57
C LEU A 102 -5.44 -9.14 -7.22
N GLU A 103 -5.78 -10.38 -6.85
CA GLU A 103 -6.86 -11.14 -7.48
C GLU A 103 -6.60 -11.35 -8.97
N HIS A 104 -6.85 -10.31 -9.75
CA HIS A 104 -6.67 -10.35 -11.19
C HIS A 104 -5.19 -10.19 -11.55
N HIS A 105 -4.67 -11.13 -12.34
CA HIS A 105 -3.29 -11.07 -12.76
C HIS A 105 -3.14 -10.19 -13.99
N HIS A 106 -1.95 -9.62 -14.15
CA HIS A 106 -1.67 -8.73 -15.26
C HIS A 106 -0.17 -8.60 -15.45
N HIS A 107 0.30 -8.95 -16.64
CA HIS A 107 1.72 -8.93 -16.95
C HIS A 107 1.96 -8.51 -18.39
N HIS A 108 2.22 -7.23 -18.58
CA HIS A 108 2.42 -6.70 -19.92
C HIS A 108 3.13 -5.35 -19.83
N HIS A 109 4.27 -5.25 -20.50
CA HIS A 109 5.03 -4.00 -20.50
C HIS A 109 5.04 -3.41 -21.89
N MET A 1 46.29 -7.08 -20.28
CA MET A 1 45.09 -7.93 -20.37
C MET A 1 45.35 -9.27 -19.68
N ALA A 2 44.99 -9.33 -18.41
CA ALA A 2 45.14 -10.54 -17.59
C ALA A 2 44.62 -10.27 -16.20
N MET A 3 43.40 -9.73 -16.11
CA MET A 3 42.85 -9.30 -14.84
C MET A 3 42.06 -10.40 -14.16
N LYS A 4 42.63 -10.95 -13.09
CA LYS A 4 41.95 -11.92 -12.25
C LYS A 4 41.72 -11.30 -10.87
N ASP A 5 41.95 -9.99 -10.80
CA ASP A 5 41.82 -9.24 -9.55
C ASP A 5 40.44 -9.41 -8.94
N VAL A 6 40.41 -9.92 -7.72
CA VAL A 6 39.16 -10.08 -7.00
C VAL A 6 39.41 -10.00 -5.49
N VAL A 7 38.57 -9.24 -4.81
CA VAL A 7 38.62 -9.16 -3.36
C VAL A 7 37.24 -9.49 -2.79
N ASP A 8 37.19 -10.52 -1.96
CA ASP A 8 35.93 -10.93 -1.36
C ASP A 8 35.69 -10.19 -0.07
N LYS A 9 34.81 -9.21 -0.12
CA LYS A 9 34.45 -8.43 1.05
C LYS A 9 33.19 -7.62 0.75
N CYS A 10 32.04 -8.23 1.01
CA CYS A 10 30.76 -7.58 0.78
C CYS A 10 30.00 -7.44 2.10
N SER A 11 29.18 -6.41 2.20
CA SER A 11 28.39 -6.19 3.40
C SER A 11 26.93 -6.00 3.03
N THR A 12 26.04 -6.60 3.81
CA THR A 12 24.61 -6.46 3.59
C THR A 12 23.85 -6.77 4.88
N LYS A 13 22.73 -6.09 5.08
CA LYS A 13 21.91 -6.28 6.27
C LYS A 13 20.56 -5.59 6.10
N GLY A 14 19.68 -5.79 7.07
CA GLY A 14 18.39 -5.12 7.05
C GLY A 14 17.30 -6.01 6.51
N CYS A 15 17.20 -7.22 7.03
CA CYS A 15 16.20 -8.16 6.58
C CYS A 15 14.92 -8.01 7.41
N ALA A 16 14.00 -7.20 6.91
CA ALA A 16 12.74 -6.94 7.59
C ALA A 16 11.62 -6.86 6.57
N ILE A 17 11.86 -7.48 5.42
CA ILE A 17 10.95 -7.45 4.27
C ILE A 17 11.00 -6.08 3.61
N ASP A 18 11.56 -6.09 2.41
CA ASP A 18 11.78 -4.87 1.65
C ASP A 18 11.34 -5.08 0.21
N ILE A 19 10.48 -4.21 -0.27
CA ILE A 19 9.96 -4.31 -1.62
C ILE A 19 10.27 -3.04 -2.41
N GLY A 20 11.31 -3.11 -3.23
CA GLY A 20 11.69 -1.98 -4.04
C GLY A 20 11.73 -2.32 -5.51
N THR A 21 10.58 -2.24 -6.16
CA THR A 21 10.48 -2.50 -7.59
C THR A 21 9.25 -1.78 -8.16
N VAL A 22 9.31 -1.44 -9.45
CA VAL A 22 8.22 -0.74 -10.13
C VAL A 22 8.00 0.64 -9.51
N ILE A 23 8.74 1.62 -9.99
CA ILE A 23 8.61 2.98 -9.48
C ILE A 23 7.41 3.65 -10.12
N ASP A 24 6.28 3.55 -9.45
CA ASP A 24 5.04 4.14 -9.94
C ASP A 24 4.89 5.54 -9.38
N ASN A 25 5.44 6.51 -10.08
CA ASN A 25 5.45 7.89 -9.64
C ASN A 25 4.12 8.58 -9.94
N ASP A 26 3.72 9.43 -9.02
CA ASP A 26 2.47 10.20 -9.13
C ASP A 26 2.48 11.30 -8.10
N ASN A 27 2.26 10.91 -6.86
CA ASN A 27 2.34 11.83 -5.72
C ASN A 27 3.03 11.11 -4.57
N CYS A 28 3.15 11.81 -3.45
CA CYS A 28 3.65 11.20 -2.23
C CYS A 28 2.48 10.86 -1.32
N THR A 29 1.30 10.96 -1.90
CA THR A 29 0.05 10.63 -1.23
C THR A 29 -0.73 9.66 -2.09
N SER A 30 -1.21 8.58 -1.48
CA SER A 30 -1.93 7.56 -2.23
C SER A 30 -3.43 7.76 -2.08
N LYS A 31 -4.07 8.10 -3.19
CA LYS A 31 -5.53 8.19 -3.24
C LYS A 31 -6.08 6.90 -3.83
N PHE A 32 -6.77 6.14 -3.02
CA PHE A 32 -7.31 4.86 -3.45
C PHE A 32 -8.81 4.82 -3.24
N SER A 33 -9.55 4.67 -4.33
CA SER A 33 -11.00 4.64 -4.26
C SER A 33 -11.52 3.29 -4.76
N ARG A 34 -12.41 2.70 -3.98
CA ARG A 34 -13.01 1.42 -4.32
C ARG A 34 -14.51 1.46 -4.11
N PHE A 35 -15.24 0.69 -4.89
CA PHE A 35 -16.68 0.60 -4.72
C PHE A 35 -17.04 -0.75 -4.11
N PHE A 36 -17.88 -0.73 -3.10
CA PHE A 36 -18.29 -1.96 -2.43
C PHE A 36 -19.81 -2.04 -2.35
N ALA A 37 -20.32 -3.18 -1.91
CA ALA A 37 -21.76 -3.39 -1.83
C ALA A 37 -22.37 -2.54 -0.73
N THR A 38 -21.86 -2.66 0.48
CA THR A 38 -22.38 -1.89 1.60
C THR A 38 -21.26 -1.17 2.32
N ARG A 39 -21.62 -0.23 3.18
CA ARG A 39 -20.63 0.51 3.96
C ARG A 39 -19.82 -0.45 4.83
N GLU A 40 -20.42 -1.58 5.15
CA GLU A 40 -19.77 -2.65 5.91
C GLU A 40 -18.56 -3.17 5.16
N GLU A 41 -18.79 -3.51 3.88
CA GLU A 41 -17.74 -3.98 2.99
C GLU A 41 -16.59 -2.99 2.92
N ALA A 42 -16.93 -1.71 3.07
CA ALA A 42 -15.96 -0.63 2.98
C ALA A 42 -15.11 -0.53 4.23
N GLU A 43 -15.77 -0.45 5.39
CA GLU A 43 -15.08 -0.29 6.67
C GLU A 43 -14.18 -1.48 6.96
N SER A 44 -14.61 -2.67 6.53
CA SER A 44 -13.84 -3.89 6.72
C SER A 44 -12.50 -3.82 5.99
N PHE A 45 -12.47 -3.06 4.90
CA PHE A 45 -11.26 -2.95 4.10
C PHE A 45 -10.28 -1.96 4.73
N MET A 46 -10.81 -0.91 5.33
CA MET A 46 -9.99 0.17 5.88
C MET A 46 -9.24 -0.28 7.13
N THR A 47 -9.83 -1.21 7.88
CA THR A 47 -9.25 -1.68 9.13
C THR A 47 -7.80 -2.15 8.95
N LYS A 48 -7.58 -3.03 7.99
CA LYS A 48 -6.25 -3.57 7.74
C LYS A 48 -5.34 -2.54 7.07
N LEU A 49 -5.95 -1.62 6.32
CA LEU A 49 -5.22 -0.52 5.70
C LEU A 49 -4.59 0.37 6.76
N LYS A 50 -5.30 0.56 7.86
CA LYS A 50 -4.80 1.33 9.00
C LYS A 50 -3.51 0.73 9.54
N GLU A 51 -3.48 -0.60 9.63
CA GLU A 51 -2.32 -1.31 10.14
C GLU A 51 -1.16 -1.19 9.16
N LEU A 52 -1.45 -1.38 7.89
CA LEU A 52 -0.45 -1.31 6.83
C LEU A 52 0.15 0.10 6.76
N ALA A 53 -0.69 1.11 6.95
CA ALA A 53 -0.26 2.51 6.89
C ALA A 53 0.79 2.80 7.96
N ALA A 54 0.68 2.15 9.10
CA ALA A 54 1.63 2.34 10.19
C ALA A 54 2.98 1.76 9.83
N ALA A 55 2.97 0.55 9.30
CA ALA A 55 4.19 -0.16 8.96
C ALA A 55 4.97 0.55 7.86
N ALA A 56 4.25 1.14 6.92
CA ALA A 56 4.87 1.78 5.76
C ALA A 56 5.28 3.21 6.06
N SER A 57 4.78 3.78 7.17
CA SER A 57 5.07 5.16 7.50
C SER A 57 6.51 5.31 8.00
N SER A 58 7.15 6.39 7.57
CA SER A 58 8.51 6.68 7.95
C SER A 58 8.62 6.94 9.46
N ALA A 59 7.53 7.40 10.05
CA ALA A 59 7.52 7.82 11.44
C ALA A 59 7.13 6.69 12.39
N ASP A 60 6.82 5.52 11.84
CA ASP A 60 6.46 4.32 12.63
C ASP A 60 5.11 4.43 13.33
N GLU A 61 4.67 5.66 13.61
CA GLU A 61 3.37 5.89 14.23
C GLU A 61 2.25 5.49 13.29
N GLY A 62 2.27 6.08 12.11
CA GLY A 62 1.24 5.85 11.12
C GLY A 62 1.27 6.91 10.06
N ALA A 63 0.70 6.61 8.90
CA ALA A 63 0.64 7.57 7.82
C ALA A 63 -0.58 8.46 7.95
N SER A 64 -0.50 9.66 7.40
CA SER A 64 -1.63 10.57 7.40
C SER A 64 -2.75 10.01 6.55
N VAL A 65 -3.71 9.37 7.20
CA VAL A 65 -4.80 8.74 6.50
C VAL A 65 -6.08 9.58 6.59
N ALA A 66 -6.53 10.03 5.44
CA ALA A 66 -7.81 10.71 5.33
C ALA A 66 -8.78 9.84 4.55
N TYR A 67 -9.66 9.15 5.25
CA TYR A 67 -10.56 8.22 4.61
C TYR A 67 -12.01 8.71 4.70
N LYS A 68 -12.75 8.46 3.63
CA LYS A 68 -14.17 8.79 3.61
C LYS A 68 -14.97 7.64 3.02
N ILE A 69 -16.22 7.59 3.42
CA ILE A 69 -17.13 6.55 2.95
C ILE A 69 -18.44 7.17 2.51
N LYS A 70 -18.72 7.08 1.22
CA LYS A 70 -19.95 7.65 0.68
C LYS A 70 -20.95 6.55 0.40
N ASP A 71 -22.08 6.65 1.05
CA ASP A 71 -23.16 5.70 0.85
C ASP A 71 -23.94 6.05 -0.40
N LEU A 72 -23.94 5.14 -1.37
CA LEU A 72 -24.63 5.36 -2.63
C LEU A 72 -25.84 4.43 -2.73
N GLU A 73 -26.50 4.45 -3.86
CA GLU A 73 -27.67 3.61 -4.07
C GLU A 73 -27.27 2.27 -4.68
N GLY A 74 -27.19 1.25 -3.84
CA GLY A 74 -26.84 -0.08 -4.30
C GLY A 74 -25.40 -0.42 -4.05
N GLN A 75 -24.60 0.60 -3.77
CA GLN A 75 -23.17 0.43 -3.56
C GLN A 75 -22.65 1.57 -2.68
N VAL A 76 -21.37 1.52 -2.34
CA VAL A 76 -20.73 2.60 -1.58
C VAL A 76 -19.36 2.91 -2.15
N GLU A 77 -18.85 4.09 -1.85
CA GLU A 77 -17.53 4.48 -2.30
C GLU A 77 -16.57 4.60 -1.10
N LEU A 78 -15.57 3.74 -1.09
CA LEU A 78 -14.53 3.81 -0.07
C LEU A 78 -13.37 4.64 -0.63
N ASP A 79 -13.12 5.77 0.00
CA ASP A 79 -12.11 6.70 -0.48
C ASP A 79 -10.98 6.83 0.53
N ALA A 80 -9.79 6.45 0.12
CA ALA A 80 -8.63 6.49 1.00
C ALA A 80 -7.59 7.49 0.52
N ALA A 81 -6.90 8.10 1.47
CA ALA A 81 -5.83 9.04 1.18
C ALA A 81 -4.71 8.87 2.20
N PHE A 82 -3.61 8.28 1.78
CA PHE A 82 -2.49 8.05 2.66
C PHE A 82 -1.31 8.94 2.30
N THR A 83 -0.99 9.89 3.16
CA THR A 83 0.12 10.79 2.95
C THR A 83 1.37 10.25 3.64
N PHE A 84 2.33 9.78 2.84
CA PHE A 84 3.58 9.25 3.39
C PHE A 84 4.68 10.29 3.29
N SER A 85 4.40 11.32 2.51
CA SER A 85 5.31 12.47 2.31
C SER A 85 6.48 12.10 1.39
N CYS A 86 6.93 10.86 1.47
CA CYS A 86 7.95 10.37 0.58
C CYS A 86 7.33 9.45 -0.46
N GLN A 87 7.92 9.41 -1.65
CA GLN A 87 7.37 8.60 -2.74
C GLN A 87 7.70 7.12 -2.55
N ALA A 88 8.84 6.84 -1.93
CA ALA A 88 9.22 5.45 -1.66
C ALA A 88 8.22 4.81 -0.71
N GLU A 89 7.96 5.51 0.39
CA GLU A 89 6.93 5.11 1.33
C GLU A 89 5.58 4.92 0.65
N MET A 90 5.34 5.67 -0.42
CA MET A 90 4.08 5.56 -1.16
C MET A 90 4.06 4.28 -2.01
N ILE A 91 5.13 4.06 -2.78
CA ILE A 91 5.17 2.92 -3.69
C ILE A 91 5.30 1.59 -2.95
N ILE A 92 6.01 1.57 -1.82
CA ILE A 92 6.12 0.35 -1.04
C ILE A 92 4.77 -0.04 -0.46
N PHE A 93 3.94 0.98 -0.20
CA PHE A 93 2.58 0.76 0.26
C PHE A 93 1.76 0.17 -0.88
N GLU A 94 1.92 0.75 -2.07
CA GLU A 94 1.26 0.26 -3.28
C GLU A 94 1.59 -1.20 -3.53
N LEU A 95 2.87 -1.52 -3.55
CA LEU A 95 3.32 -2.89 -3.80
C LEU A 95 2.68 -3.87 -2.82
N SER A 96 2.61 -3.47 -1.56
CA SER A 96 1.96 -4.29 -0.54
C SER A 96 0.47 -4.48 -0.83
N LEU A 97 -0.21 -3.38 -1.14
CA LEU A 97 -1.64 -3.42 -1.42
C LEU A 97 -1.95 -4.29 -2.63
N ARG A 98 -1.22 -4.05 -3.70
CA ARG A 98 -1.52 -4.66 -5.00
C ARG A 98 -1.29 -6.17 -4.96
N SER A 99 -0.25 -6.60 -4.26
CA SER A 99 0.08 -8.01 -4.16
C SER A 99 -0.88 -8.75 -3.23
N LEU A 100 -1.39 -8.04 -2.22
CA LEU A 100 -2.28 -8.64 -1.24
C LEU A 100 -3.71 -8.70 -1.80
N ALA A 101 -4.04 -7.74 -2.64
CA ALA A 101 -5.38 -7.67 -3.23
C ALA A 101 -5.50 -8.57 -4.45
N LEU A 102 -4.40 -9.24 -4.82
CA LEU A 102 -4.41 -10.14 -5.97
C LEU A 102 -5.45 -11.24 -5.79
N GLU A 103 -5.33 -12.00 -4.70
CA GLU A 103 -6.25 -13.09 -4.44
C GLU A 103 -7.46 -12.64 -3.64
N HIS A 104 -7.22 -12.12 -2.45
CA HIS A 104 -8.32 -11.83 -1.55
C HIS A 104 -8.60 -10.34 -1.42
N HIS A 105 -9.30 -9.80 -2.41
CA HIS A 105 -9.88 -8.47 -2.30
C HIS A 105 -11.40 -8.61 -2.32
N HIS A 106 -11.84 -9.86 -2.32
CA HIS A 106 -13.25 -10.20 -2.39
C HIS A 106 -13.81 -10.40 -0.99
N HIS A 107 -14.74 -9.55 -0.60
CA HIS A 107 -15.34 -9.62 0.72
C HIS A 107 -16.52 -10.57 0.72
N HIS A 108 -17.71 -10.04 0.43
CA HIS A 108 -18.88 -10.88 0.26
C HIS A 108 -19.41 -10.74 -1.16
N HIS A 109 -19.45 -9.51 -1.65
CA HIS A 109 -19.89 -9.25 -3.01
C HIS A 109 -18.70 -9.30 -3.97
N MET A 1 22.46 10.20 -28.01
CA MET A 1 22.75 11.64 -27.77
C MET A 1 22.30 12.04 -26.37
N ALA A 2 21.02 11.88 -26.09
CA ALA A 2 20.46 12.27 -24.80
C ALA A 2 20.32 11.06 -23.88
N MET A 3 20.77 11.22 -22.64
CA MET A 3 20.75 10.15 -21.63
C MET A 3 21.58 8.95 -22.09
N LYS A 4 22.83 8.92 -21.65
CA LYS A 4 23.74 7.88 -22.06
C LYS A 4 23.98 6.88 -20.94
N ASP A 5 24.42 7.37 -19.79
CA ASP A 5 24.77 6.50 -18.69
C ASP A 5 24.34 7.09 -17.35
N VAL A 6 23.62 6.29 -16.58
CA VAL A 6 23.18 6.69 -15.25
C VAL A 6 23.50 5.59 -14.23
N VAL A 7 23.71 5.98 -12.99
CA VAL A 7 24.01 5.03 -11.93
C VAL A 7 23.05 5.22 -10.75
N ASP A 8 22.08 4.33 -10.65
CA ASP A 8 21.09 4.40 -9.58
C ASP A 8 21.58 3.67 -8.35
N LYS A 9 21.79 4.44 -7.30
CA LYS A 9 22.32 3.92 -6.07
C LYS A 9 21.20 3.50 -5.14
N CYS A 10 21.02 2.20 -4.99
CA CYS A 10 19.93 1.66 -4.18
C CYS A 10 20.44 1.22 -2.81
N SER A 11 19.97 1.90 -1.78
CA SER A 11 20.20 1.44 -0.42
C SER A 11 19.11 0.44 -0.06
N THR A 12 19.41 -0.84 -0.27
CA THR A 12 18.42 -1.89 -0.13
C THR A 12 18.01 -2.09 1.32
N LYS A 13 16.99 -1.35 1.74
CA LYS A 13 16.40 -1.49 3.05
C LYS A 13 14.97 -2.00 2.94
N GLY A 14 14.48 -2.08 1.71
CA GLY A 14 13.10 -2.47 1.48
C GLY A 14 12.93 -3.97 1.38
N CYS A 15 13.17 -4.67 2.47
CA CYS A 15 13.02 -6.12 2.51
C CYS A 15 11.73 -6.49 3.22
N ALA A 16 10.81 -5.53 3.28
CA ALA A 16 9.54 -5.74 3.97
C ALA A 16 8.53 -6.47 3.09
N ILE A 17 8.52 -6.14 1.81
CA ILE A 17 7.56 -6.72 0.87
C ILE A 17 8.26 -7.29 -0.36
N ASP A 18 7.66 -8.31 -0.95
CA ASP A 18 8.17 -8.90 -2.17
C ASP A 18 7.30 -8.49 -3.35
N ILE A 19 7.63 -7.38 -3.96
CA ILE A 19 6.86 -6.86 -5.09
C ILE A 19 7.81 -6.45 -6.22
N GLY A 20 8.68 -5.49 -5.91
CA GLY A 20 9.61 -4.98 -6.89
C GLY A 20 9.83 -3.49 -6.70
N THR A 21 8.72 -2.78 -6.50
CA THR A 21 8.74 -1.34 -6.22
C THR A 21 9.16 -0.54 -7.45
N VAL A 22 8.23 0.22 -7.99
CA VAL A 22 8.50 1.07 -9.14
C VAL A 22 8.97 2.44 -8.67
N ILE A 23 9.92 3.01 -9.40
CA ILE A 23 10.42 4.33 -9.07
C ILE A 23 9.57 5.39 -9.75
N ASP A 24 8.70 6.01 -8.97
CA ASP A 24 7.81 7.03 -9.47
C ASP A 24 7.66 8.14 -8.46
N ASN A 25 7.71 9.38 -8.93
CA ASN A 25 7.55 10.54 -8.07
C ASN A 25 6.32 11.32 -8.47
N ASP A 26 5.49 11.63 -7.48
CA ASP A 26 4.24 12.35 -7.72
C ASP A 26 3.90 13.20 -6.50
N ASN A 27 3.42 12.52 -5.48
CA ASN A 27 3.11 13.17 -4.21
C ASN A 27 3.41 12.18 -3.08
N CYS A 28 3.15 12.59 -1.85
CA CYS A 28 3.32 11.69 -0.71
C CYS A 28 1.96 11.13 -0.30
N THR A 29 0.96 11.38 -1.13
CA THR A 29 -0.39 10.94 -0.84
C THR A 29 -0.71 9.66 -1.58
N SER A 30 -1.06 8.64 -0.84
CA SER A 30 -1.38 7.34 -1.40
C SER A 30 -2.89 7.19 -1.52
N LYS A 31 -3.36 7.11 -2.75
CA LYS A 31 -4.79 7.03 -3.04
C LYS A 31 -5.21 5.61 -3.42
N PHE A 32 -6.26 5.13 -2.77
CA PHE A 32 -6.89 3.87 -3.16
C PHE A 32 -8.40 4.06 -3.22
N SER A 33 -8.97 3.83 -4.38
CA SER A 33 -10.41 4.03 -4.58
C SER A 33 -11.05 2.76 -5.15
N ARG A 34 -12.00 2.18 -4.42
CA ARG A 34 -12.73 1.01 -4.89
C ARG A 34 -14.17 1.03 -4.39
N PHE A 35 -15.08 0.53 -5.20
CA PHE A 35 -16.49 0.42 -4.79
C PHE A 35 -16.71 -0.88 -4.03
N PHE A 36 -17.54 -0.82 -3.00
CA PHE A 36 -17.86 -1.99 -2.21
C PHE A 36 -19.36 -2.16 -2.09
N ALA A 37 -19.79 -3.37 -1.76
CA ALA A 37 -21.21 -3.70 -1.68
C ALA A 37 -21.90 -2.92 -0.57
N THR A 38 -21.24 -2.80 0.57
CA THR A 38 -21.80 -2.07 1.70
C THR A 38 -20.73 -1.17 2.33
N ARG A 39 -21.16 -0.17 3.09
CA ARG A 39 -20.22 0.67 3.83
C ARG A 39 -19.41 -0.19 4.80
N GLU A 40 -20.03 -1.24 5.29
CA GLU A 40 -19.36 -2.20 6.16
C GLU A 40 -18.11 -2.74 5.49
N GLU A 41 -18.27 -3.13 4.23
CA GLU A 41 -17.15 -3.63 3.43
C GLU A 41 -16.04 -2.60 3.35
N ALA A 42 -16.41 -1.33 3.40
CA ALA A 42 -15.44 -0.24 3.34
C ALA A 42 -14.72 -0.11 4.68
N GLU A 43 -15.51 -0.16 5.76
CA GLU A 43 -14.96 -0.10 7.11
C GLU A 43 -13.98 -1.26 7.34
N SER A 44 -14.40 -2.45 6.92
CA SER A 44 -13.60 -3.66 7.05
C SER A 44 -12.34 -3.59 6.18
N PHE A 45 -12.41 -2.86 5.08
CA PHE A 45 -11.26 -2.73 4.20
C PHE A 45 -10.22 -1.81 4.85
N MET A 46 -10.70 -0.81 5.56
CA MET A 46 -9.85 0.18 6.20
C MET A 46 -9.05 -0.46 7.35
N THR A 47 -9.57 -1.53 7.90
CA THR A 47 -8.95 -2.20 9.03
C THR A 47 -7.51 -2.62 8.72
N LYS A 48 -7.31 -3.27 7.58
CA LYS A 48 -5.96 -3.70 7.20
C LYS A 48 -5.10 -2.50 6.81
N LEU A 49 -5.74 -1.47 6.27
CA LEU A 49 -5.04 -0.25 5.87
C LEU A 49 -4.36 0.39 7.07
N LYS A 50 -5.06 0.39 8.20
CA LYS A 50 -4.55 0.95 9.44
C LYS A 50 -3.18 0.37 9.81
N GLU A 51 -3.10 -0.95 9.81
CA GLU A 51 -1.85 -1.64 10.18
C GLU A 51 -0.78 -1.44 9.12
N LEU A 52 -1.18 -1.54 7.86
CA LEU A 52 -0.25 -1.42 6.74
C LEU A 52 0.41 -0.05 6.69
N ALA A 53 -0.37 1.00 6.93
CA ALA A 53 0.14 2.37 6.90
C ALA A 53 1.25 2.56 7.93
N ALA A 54 1.02 2.05 9.14
CA ALA A 54 1.99 2.17 10.21
C ALA A 54 3.28 1.44 9.87
N ALA A 55 3.14 0.22 9.35
CA ALA A 55 4.29 -0.62 9.03
C ALA A 55 5.07 -0.07 7.83
N ALA A 56 4.34 0.44 6.85
CA ALA A 56 4.95 0.97 5.62
C ALA A 56 5.92 2.10 5.94
N SER A 57 5.50 3.03 6.79
CA SER A 57 6.32 4.17 7.12
C SER A 57 7.27 3.87 8.28
N SER A 58 6.79 3.07 9.23
CA SER A 58 7.56 2.68 10.41
C SER A 58 7.88 3.87 11.32
N ALA A 59 7.31 5.03 10.98
CA ALA A 59 7.57 6.25 11.73
C ALA A 59 6.57 6.42 12.86
N ASP A 60 6.22 5.31 13.50
CA ASP A 60 5.24 5.27 14.60
C ASP A 60 3.85 5.63 14.12
N GLU A 61 3.62 6.91 13.85
CA GLU A 61 2.33 7.38 13.37
C GLU A 61 2.03 6.80 11.99
N GLY A 62 3.06 6.72 11.16
CA GLY A 62 2.91 6.16 9.84
C GLY A 62 2.49 7.20 8.83
N ALA A 63 1.18 7.31 8.62
CA ALA A 63 0.65 8.22 7.63
C ALA A 63 -0.68 8.79 8.08
N SER A 64 -0.94 10.03 7.72
CA SER A 64 -2.23 10.64 7.98
C SER A 64 -3.27 10.06 7.01
N VAL A 65 -4.33 9.50 7.55
CA VAL A 65 -5.31 8.82 6.72
C VAL A 65 -6.55 9.69 6.52
N ALA A 66 -6.79 10.05 5.27
CA ALA A 66 -8.01 10.74 4.90
C ALA A 66 -8.84 9.83 4.02
N TYR A 67 -9.80 9.15 4.61
CA TYR A 67 -10.60 8.18 3.89
C TYR A 67 -12.02 8.68 3.71
N LYS A 68 -12.51 8.57 2.48
CA LYS A 68 -13.87 8.93 2.17
C LYS A 68 -14.69 7.69 1.89
N ILE A 69 -15.86 7.66 2.46
CA ILE A 69 -16.79 6.56 2.25
C ILE A 69 -18.16 7.13 1.92
N LYS A 70 -18.54 7.07 0.65
CA LYS A 70 -19.80 7.65 0.23
C LYS A 70 -20.86 6.58 0.13
N ASP A 71 -21.88 6.73 0.93
CA ASP A 71 -23.01 5.83 0.92
C ASP A 71 -23.83 6.07 -0.33
N LEU A 72 -23.67 5.19 -1.31
CA LEU A 72 -24.36 5.31 -2.58
C LEU A 72 -25.62 4.47 -2.55
N GLU A 73 -26.29 4.36 -3.69
CA GLU A 73 -27.51 3.58 -3.77
C GLU A 73 -27.20 2.16 -4.23
N GLY A 74 -27.12 1.24 -3.27
CA GLY A 74 -26.86 -0.15 -3.59
C GLY A 74 -25.41 -0.52 -3.44
N GLN A 75 -24.57 0.46 -3.13
CA GLN A 75 -23.14 0.24 -2.96
C GLN A 75 -22.49 1.46 -2.34
N VAL A 76 -21.19 1.41 -2.11
CA VAL A 76 -20.45 2.55 -1.58
C VAL A 76 -19.10 2.67 -2.28
N GLU A 77 -18.47 3.83 -2.17
CA GLU A 77 -17.13 4.02 -2.68
C GLU A 77 -16.16 4.28 -1.54
N LEU A 78 -15.13 3.44 -1.45
CA LEU A 78 -14.09 3.58 -0.46
C LEU A 78 -12.87 4.23 -1.11
N ASP A 79 -12.54 5.42 -0.64
CA ASP A 79 -11.39 6.15 -1.17
C ASP A 79 -10.49 6.59 -0.03
N ALA A 80 -9.32 5.99 0.05
CA ALA A 80 -8.38 6.27 1.13
C ALA A 80 -7.16 7.01 0.61
N ALA A 81 -6.88 8.16 1.19
CA ALA A 81 -5.71 8.94 0.86
C ALA A 81 -4.79 9.09 2.07
N PHE A 82 -3.67 8.39 2.04
CA PHE A 82 -2.70 8.44 3.14
C PHE A 82 -1.57 9.40 2.83
N THR A 83 -1.26 10.28 3.76
CA THR A 83 -0.13 11.19 3.60
C THR A 83 1.11 10.61 4.30
N PHE A 84 2.05 10.10 3.51
CA PHE A 84 3.27 9.53 4.04
C PHE A 84 4.37 10.60 4.10
N SER A 85 5.57 10.19 4.54
CA SER A 85 6.67 11.13 4.70
C SER A 85 7.66 11.00 3.53
N CYS A 86 7.78 9.80 3.00
CA CYS A 86 8.71 9.54 1.92
C CYS A 86 7.95 9.05 0.69
N GLN A 87 8.49 9.32 -0.49
CA GLN A 87 7.84 8.89 -1.73
C GLN A 87 7.77 7.38 -1.78
N ALA A 88 8.86 6.74 -1.36
CA ALA A 88 8.96 5.30 -1.38
C ALA A 88 7.81 4.64 -0.63
N GLU A 89 7.39 5.28 0.47
CA GLU A 89 6.33 4.74 1.32
C GLU A 89 5.00 4.71 0.57
N MET A 90 4.80 5.67 -0.33
CA MET A 90 3.59 5.72 -1.15
C MET A 90 3.57 4.57 -2.15
N ILE A 91 4.63 4.48 -2.93
CA ILE A 91 4.71 3.50 -4.01
C ILE A 91 4.78 2.06 -3.50
N ILE A 92 5.40 1.83 -2.34
CA ILE A 92 5.40 0.49 -1.76
C ILE A 92 4.03 0.16 -1.18
N PHE A 93 3.33 1.19 -0.71
CA PHE A 93 2.05 1.02 -0.05
C PHE A 93 0.98 0.60 -1.05
N GLU A 94 0.86 1.34 -2.14
CA GLU A 94 -0.14 1.06 -3.17
C GLU A 94 0.05 -0.34 -3.75
N LEU A 95 1.31 -0.70 -4.00
CA LEU A 95 1.63 -2.02 -4.53
C LEU A 95 1.24 -3.10 -3.52
N SER A 96 1.63 -2.91 -2.27
CA SER A 96 1.33 -3.85 -1.20
C SER A 96 -0.18 -4.04 -1.03
N LEU A 97 -0.93 -2.95 -1.12
CA LEU A 97 -2.39 -3.01 -0.98
C LEU A 97 -3.00 -3.96 -1.99
N ARG A 98 -2.60 -3.80 -3.24
CA ARG A 98 -3.17 -4.57 -4.33
C ARG A 98 -2.61 -5.99 -4.36
N SER A 99 -1.33 -6.12 -4.03
CA SER A 99 -0.65 -7.42 -4.09
C SER A 99 -0.85 -8.20 -2.79
N LEU A 100 -1.63 -7.65 -1.86
CA LEU A 100 -1.93 -8.35 -0.63
C LEU A 100 -2.92 -9.47 -0.90
N ALA A 101 -3.88 -9.19 -1.76
CA ALA A 101 -4.84 -10.20 -2.21
C ALA A 101 -4.27 -10.94 -3.42
N LEU A 102 -3.46 -10.23 -4.19
CA LEU A 102 -2.80 -10.81 -5.35
C LEU A 102 -1.34 -11.11 -5.04
N GLU A 103 -1.13 -12.14 -4.23
CA GLU A 103 0.21 -12.47 -3.76
C GLU A 103 1.03 -13.08 -4.87
N HIS A 104 0.37 -13.81 -5.76
CA HIS A 104 1.03 -14.37 -6.93
C HIS A 104 1.29 -13.28 -7.97
N HIS A 105 2.53 -12.86 -8.09
CA HIS A 105 2.90 -11.81 -9.02
C HIS A 105 4.01 -12.31 -9.96
N HIS A 106 4.05 -13.62 -10.16
CA HIS A 106 4.99 -14.23 -11.08
C HIS A 106 4.28 -15.25 -11.97
N HIS A 107 3.94 -14.82 -13.17
CA HIS A 107 3.31 -15.71 -14.14
C HIS A 107 4.36 -16.57 -14.82
N HIS A 108 4.41 -17.84 -14.45
CA HIS A 108 5.34 -18.77 -15.05
C HIS A 108 4.71 -19.42 -16.28
N HIS A 109 5.47 -20.27 -16.96
CA HIS A 109 4.95 -21.03 -18.08
C HIS A 109 3.89 -22.00 -17.60
N MET A 1 34.16 17.44 26.85
CA MET A 1 32.79 17.04 26.45
C MET A 1 32.84 16.07 25.27
N ALA A 2 32.63 14.79 25.56
CA ALA A 2 32.73 13.75 24.55
C ALA A 2 31.39 13.08 24.27
N MET A 3 30.30 13.68 24.73
CA MET A 3 28.98 13.15 24.46
C MET A 3 28.52 13.60 23.08
N LYS A 4 29.07 12.98 22.06
CA LYS A 4 28.76 13.31 20.67
C LYS A 4 28.82 12.05 19.80
N ASP A 5 27.98 11.08 20.12
CA ASP A 5 27.91 9.85 19.34
C ASP A 5 26.47 9.37 19.25
N VAL A 6 26.13 8.81 18.11
CA VAL A 6 24.78 8.30 17.87
C VAL A 6 24.83 6.94 17.17
N VAL A 7 25.69 6.08 17.67
CA VAL A 7 25.92 4.79 17.05
C VAL A 7 24.94 3.73 17.58
N ASP A 8 23.92 3.43 16.78
CA ASP A 8 22.99 2.36 17.08
C ASP A 8 22.30 1.90 15.81
N LYS A 9 22.66 0.70 15.35
CA LYS A 9 22.09 0.15 14.13
C LYS A 9 22.44 -1.34 14.01
N CYS A 10 21.64 -2.16 14.65
CA CYS A 10 21.85 -3.61 14.62
C CYS A 10 20.86 -4.25 13.66
N SER A 11 19.61 -3.82 13.75
CA SER A 11 18.57 -4.31 12.87
C SER A 11 18.57 -3.52 11.57
N THR A 12 19.16 -4.11 10.54
CA THR A 12 19.25 -3.45 9.24
C THR A 12 18.55 -4.28 8.16
N LYS A 13 17.89 -5.34 8.58
CA LYS A 13 17.20 -6.23 7.65
C LYS A 13 15.85 -6.65 8.22
N GLY A 14 14.80 -6.46 7.44
CA GLY A 14 13.47 -6.83 7.86
C GLY A 14 12.51 -6.93 6.69
N CYS A 15 12.65 -6.02 5.74
CA CYS A 15 11.78 -6.02 4.58
C CYS A 15 12.30 -6.99 3.53
N ALA A 16 11.94 -8.26 3.69
CA ALA A 16 12.38 -9.29 2.76
C ALA A 16 11.45 -9.36 1.55
N ILE A 17 10.28 -8.75 1.67
CA ILE A 17 9.29 -8.77 0.60
C ILE A 17 9.66 -7.76 -0.48
N ASP A 18 9.71 -8.24 -1.72
CA ASP A 18 9.96 -7.39 -2.88
C ASP A 18 9.19 -7.95 -4.07
N ILE A 19 8.38 -7.11 -4.69
CA ILE A 19 7.46 -7.57 -5.73
C ILE A 19 8.06 -7.39 -7.12
N GLY A 20 8.70 -6.26 -7.35
CA GLY A 20 9.23 -5.96 -8.67
C GLY A 20 8.16 -5.42 -9.59
N THR A 21 8.04 -4.10 -9.63
CA THR A 21 7.04 -3.43 -10.45
C THR A 21 7.50 -2.03 -10.81
N VAL A 22 7.41 -1.69 -12.08
CA VAL A 22 7.82 -0.38 -12.55
C VAL A 22 6.70 0.63 -12.36
N ILE A 23 6.93 1.61 -11.50
CA ILE A 23 5.94 2.62 -11.20
C ILE A 23 5.84 3.66 -12.30
N ASP A 24 4.70 4.32 -12.37
CA ASP A 24 4.49 5.42 -13.31
C ASP A 24 5.09 6.71 -12.73
N ASN A 25 5.51 6.62 -11.47
CA ASN A 25 6.08 7.74 -10.73
C ASN A 25 5.01 8.78 -10.44
N ASP A 26 4.30 8.55 -9.35
CA ASP A 26 3.19 9.39 -8.95
C ASP A 26 3.64 10.41 -7.91
N ASN A 27 2.73 10.80 -7.04
CA ASN A 27 3.02 11.78 -5.99
C ASN A 27 3.37 11.06 -4.69
N CYS A 28 3.39 11.79 -3.58
CA CYS A 28 3.61 11.17 -2.27
C CYS A 28 2.28 10.98 -1.55
N THR A 29 1.25 11.64 -2.06
CA THR A 29 -0.10 11.44 -1.56
C THR A 29 -0.84 10.49 -2.51
N SER A 30 -1.39 9.41 -1.97
CA SER A 30 -2.06 8.42 -2.78
C SER A 30 -3.47 8.16 -2.26
N LYS A 31 -4.46 8.36 -3.11
CA LYS A 31 -5.82 8.00 -2.79
C LYS A 31 -6.18 6.69 -3.44
N PHE A 32 -7.10 5.98 -2.82
CA PHE A 32 -7.59 4.74 -3.37
C PHE A 32 -9.10 4.71 -3.27
N SER A 33 -9.75 4.67 -4.42
CA SER A 33 -11.20 4.67 -4.49
C SER A 33 -11.69 3.31 -4.97
N ARG A 34 -12.35 2.58 -4.10
CA ARG A 34 -12.88 1.27 -4.45
C ARG A 34 -14.33 1.17 -4.00
N PHE A 35 -15.16 0.57 -4.83
CA PHE A 35 -16.58 0.49 -4.55
C PHE A 35 -16.92 -0.81 -3.81
N PHE A 36 -17.81 -0.69 -2.82
CA PHE A 36 -18.23 -1.84 -2.03
C PHE A 36 -19.75 -1.87 -1.94
N ALA A 37 -20.28 -2.85 -1.24
CA ALA A 37 -21.72 -2.98 -1.08
C ALA A 37 -22.25 -1.92 -0.12
N THR A 38 -21.73 -1.92 1.10
CA THR A 38 -22.17 -0.96 2.11
C THR A 38 -20.97 -0.33 2.79
N ARG A 39 -21.22 0.71 3.58
CA ARG A 39 -20.16 1.41 4.29
C ARG A 39 -19.48 0.46 5.29
N GLU A 40 -20.22 -0.55 5.72
CA GLU A 40 -19.69 -1.57 6.61
C GLU A 40 -18.57 -2.33 5.93
N GLU A 41 -18.84 -2.72 4.69
CA GLU A 41 -17.86 -3.42 3.86
C GLU A 41 -16.63 -2.55 3.65
N ALA A 42 -16.84 -1.24 3.68
CA ALA A 42 -15.77 -0.28 3.48
C ALA A 42 -14.87 -0.18 4.71
N GLU A 43 -15.48 -0.23 5.89
CA GLU A 43 -14.74 -0.19 7.15
C GLU A 43 -13.78 -1.38 7.23
N SER A 44 -14.27 -2.54 6.83
CA SER A 44 -13.46 -3.76 6.87
C SER A 44 -12.22 -3.64 5.98
N PHE A 45 -12.32 -2.83 4.93
CA PHE A 45 -11.19 -2.64 4.03
C PHE A 45 -10.14 -1.77 4.70
N MET A 46 -10.60 -0.79 5.47
CA MET A 46 -9.71 0.11 6.20
C MET A 46 -8.91 -0.64 7.26
N THR A 47 -9.50 -1.70 7.80
CA THR A 47 -8.88 -2.50 8.85
C THR A 47 -7.52 -3.04 8.41
N LYS A 48 -7.49 -3.74 7.27
CA LYS A 48 -6.26 -4.31 6.77
C LYS A 48 -5.33 -3.25 6.20
N LEU A 49 -5.92 -2.16 5.72
CA LEU A 49 -5.14 -1.04 5.18
C LEU A 49 -4.40 -0.30 6.28
N LYS A 50 -4.95 -0.35 7.50
CA LYS A 50 -4.30 0.26 8.65
C LYS A 50 -2.96 -0.43 8.90
N GLU A 51 -2.95 -1.75 8.79
CA GLU A 51 -1.73 -2.54 8.95
C GLU A 51 -0.69 -2.13 7.93
N LEU A 52 -1.14 -1.90 6.70
CA LEU A 52 -0.26 -1.51 5.61
C LEU A 52 0.38 -0.15 5.88
N ALA A 53 -0.46 0.83 6.21
CA ALA A 53 0.01 2.19 6.45
C ALA A 53 0.95 2.24 7.66
N ALA A 54 0.59 1.48 8.70
CA ALA A 54 1.38 1.46 9.92
C ALA A 54 2.75 0.84 9.69
N ALA A 55 2.80 -0.20 8.88
CA ALA A 55 4.05 -0.92 8.64
C ALA A 55 4.91 -0.19 7.61
N ALA A 56 4.27 0.39 6.60
CA ALA A 56 5.00 1.08 5.54
C ALA A 56 5.73 2.30 6.05
N SER A 57 5.01 3.21 6.67
CA SER A 57 5.58 4.47 7.11
C SER A 57 5.97 4.43 8.58
N SER A 58 4.98 4.10 9.42
CA SER A 58 5.11 4.12 10.87
C SER A 58 5.21 5.56 11.37
N ALA A 59 6.29 6.23 10.97
CA ALA A 59 6.62 7.58 11.43
C ALA A 59 6.75 7.64 12.96
N ASP A 60 5.62 7.75 13.64
CA ASP A 60 5.58 7.77 15.08
C ASP A 60 4.19 7.42 15.56
N GLU A 61 3.22 8.21 15.12
CA GLU A 61 1.83 8.00 15.48
C GLU A 61 1.00 7.64 14.26
N GLY A 62 1.67 7.28 13.18
CA GLY A 62 0.97 6.86 11.97
C GLY A 62 1.07 7.88 10.85
N ALA A 63 0.57 7.50 9.69
CA ALA A 63 0.56 8.37 8.52
C ALA A 63 -0.77 9.11 8.42
N SER A 64 -0.81 10.16 7.63
CA SER A 64 -2.03 10.92 7.44
C SER A 64 -3.01 10.13 6.57
N VAL A 65 -3.91 9.41 7.22
CA VAL A 65 -4.92 8.64 6.52
C VAL A 65 -6.29 9.24 6.76
N ALA A 66 -6.94 9.61 5.68
CA ALA A 66 -8.29 10.15 5.73
C ALA A 66 -9.17 9.46 4.71
N TYR A 67 -9.94 8.49 5.13
CA TYR A 67 -10.80 7.75 4.23
C TYR A 67 -12.21 8.29 4.31
N LYS A 68 -12.86 8.42 3.16
CA LYS A 68 -14.24 8.82 3.12
C LYS A 68 -15.09 7.68 2.58
N ILE A 69 -16.35 7.69 2.94
CA ILE A 69 -17.29 6.69 2.48
C ILE A 69 -18.47 7.38 1.82
N LYS A 70 -18.62 7.15 0.54
CA LYS A 70 -19.71 7.74 -0.21
C LYS A 70 -20.84 6.74 -0.36
N ASP A 71 -21.78 6.86 0.52
CA ASP A 71 -22.94 5.98 0.56
C ASP A 71 -23.86 6.28 -0.60
N LEU A 72 -23.85 5.42 -1.61
CA LEU A 72 -24.61 5.66 -2.83
C LEU A 72 -25.83 4.76 -2.91
N GLU A 73 -26.49 4.80 -4.04
CA GLU A 73 -27.66 3.96 -4.28
C GLU A 73 -27.24 2.53 -4.63
N GLY A 74 -27.33 1.64 -3.66
CA GLY A 74 -27.08 0.24 -3.90
C GLY A 74 -25.63 -0.16 -3.66
N GLN A 75 -24.78 0.83 -3.38
CA GLN A 75 -23.36 0.58 -3.15
C GLN A 75 -22.70 1.78 -2.50
N VAL A 76 -21.42 1.68 -2.18
CA VAL A 76 -20.70 2.78 -1.58
C VAL A 76 -19.34 2.97 -2.24
N GLU A 77 -18.83 4.19 -2.16
CA GLU A 77 -17.49 4.50 -2.65
C GLU A 77 -16.55 4.68 -1.45
N LEU A 78 -15.59 3.79 -1.33
CA LEU A 78 -14.58 3.90 -0.28
C LEU A 78 -13.34 4.55 -0.87
N ASP A 79 -13.01 5.74 -0.40
CA ASP A 79 -11.84 6.45 -0.90
C ASP A 79 -10.95 6.87 0.26
N ALA A 80 -9.79 6.25 0.34
CA ALA A 80 -8.86 6.54 1.42
C ALA A 80 -7.72 7.40 0.93
N ALA A 81 -7.52 8.54 1.58
CA ALA A 81 -6.45 9.44 1.24
C ALA A 81 -5.24 9.22 2.14
N PHE A 82 -4.18 8.67 1.56
CA PHE A 82 -2.96 8.43 2.30
C PHE A 82 -1.91 9.48 1.98
N THR A 83 -1.41 10.14 3.01
CA THR A 83 -0.42 11.18 2.83
C THR A 83 0.89 10.75 3.48
N PHE A 84 1.86 10.41 2.64
CA PHE A 84 3.14 9.94 3.13
C PHE A 84 4.17 11.07 3.09
N SER A 85 5.09 11.06 4.05
CA SER A 85 6.12 12.08 4.13
C SER A 85 7.04 12.03 2.92
N CYS A 86 7.30 10.82 2.42
CA CYS A 86 8.17 10.62 1.28
C CYS A 86 7.51 9.72 0.25
N GLN A 87 8.02 9.75 -0.97
CA GLN A 87 7.50 8.91 -2.04
C GLN A 87 7.85 7.45 -1.79
N ALA A 88 8.93 7.23 -1.06
CA ALA A 88 9.35 5.88 -0.69
C ALA A 88 8.23 5.14 0.02
N GLU A 89 7.57 5.82 0.95
CA GLU A 89 6.49 5.22 1.73
C GLU A 89 5.29 4.95 0.83
N MET A 90 5.15 5.75 -0.22
CA MET A 90 4.00 5.66 -1.11
C MET A 90 4.14 4.44 -2.02
N ILE A 91 5.30 4.31 -2.66
CA ILE A 91 5.51 3.24 -3.61
C ILE A 91 5.51 1.86 -2.94
N ILE A 92 6.04 1.77 -1.73
CA ILE A 92 6.04 0.51 -1.00
C ILE A 92 4.61 0.17 -0.56
N PHE A 93 3.82 1.20 -0.33
CA PHE A 93 2.42 1.04 0.04
C PHE A 93 1.64 0.44 -1.14
N GLU A 94 1.85 1.02 -2.32
CA GLU A 94 1.19 0.56 -3.54
C GLU A 94 1.47 -0.92 -3.79
N LEU A 95 2.75 -1.30 -3.71
CA LEU A 95 3.17 -2.67 -3.96
C LEU A 95 2.49 -3.63 -2.99
N SER A 96 2.46 -3.26 -1.73
CA SER A 96 1.90 -4.11 -0.69
C SER A 96 0.37 -4.19 -0.79
N LEU A 97 -0.24 -3.18 -1.41
CA LEU A 97 -1.70 -3.16 -1.59
C LEU A 97 -2.19 -4.43 -2.26
N ARG A 98 -1.65 -4.73 -3.43
CA ARG A 98 -2.08 -5.92 -4.15
C ARG A 98 -1.45 -7.18 -3.57
N SER A 99 -0.26 -7.04 -3.01
CA SER A 99 0.48 -8.19 -2.50
C SER A 99 -0.07 -8.66 -1.15
N LEU A 100 -0.99 -7.91 -0.57
CA LEU A 100 -1.61 -8.32 0.68
C LEU A 100 -2.77 -9.28 0.40
N ALA A 101 -3.38 -9.11 -0.76
CA ALA A 101 -4.43 -10.02 -1.20
C ALA A 101 -3.82 -11.15 -2.00
N LEU A 102 -2.66 -10.88 -2.57
CA LEU A 102 -1.94 -11.87 -3.37
C LEU A 102 -0.49 -11.93 -2.96
N GLU A 103 -0.20 -12.80 -2.00
CA GLU A 103 1.17 -12.99 -1.54
C GLU A 103 2.04 -13.51 -2.68
N HIS A 104 2.98 -12.69 -3.12
CA HIS A 104 3.90 -13.08 -4.17
C HIS A 104 5.23 -13.54 -3.57
N HIS A 105 5.39 -14.86 -3.48
CA HIS A 105 6.62 -15.43 -2.97
C HIS A 105 7.38 -16.12 -4.10
N HIS A 106 8.66 -16.31 -3.91
CA HIS A 106 9.51 -16.95 -4.92
C HIS A 106 10.66 -17.67 -4.22
N HIS A 107 11.63 -18.12 -5.01
CA HIS A 107 12.84 -18.73 -4.47
C HIS A 107 13.44 -17.84 -3.41
N HIS A 108 13.33 -18.28 -2.16
CA HIS A 108 13.87 -17.54 -1.02
C HIS A 108 14.86 -18.41 -0.27
N HIS A 109 14.84 -19.69 -0.61
CA HIS A 109 15.78 -20.65 -0.04
C HIS A 109 15.95 -21.81 -0.99
N MET A 1 55.72 0.57 -21.21
CA MET A 1 54.43 1.03 -20.67
C MET A 1 53.70 -0.12 -20.00
N ALA A 2 53.02 0.17 -18.90
CA ALA A 2 52.31 -0.84 -18.15
C ALA A 2 50.82 -0.57 -18.13
N MET A 3 50.07 -1.38 -18.87
CA MET A 3 48.63 -1.25 -18.92
C MET A 3 47.99 -2.52 -18.40
N LYS A 4 47.95 -2.64 -17.09
CA LYS A 4 47.44 -3.85 -16.45
C LYS A 4 46.29 -3.52 -15.51
N ASP A 5 45.09 -3.75 -15.97
CA ASP A 5 43.89 -3.53 -15.16
C ASP A 5 43.19 -4.85 -14.91
N VAL A 6 43.39 -5.39 -13.72
CA VAL A 6 42.80 -6.66 -13.35
C VAL A 6 41.82 -6.48 -12.20
N VAL A 7 40.60 -6.94 -12.37
CA VAL A 7 39.56 -6.80 -11.36
C VAL A 7 38.64 -8.02 -11.37
N ASP A 8 38.15 -8.41 -10.22
CA ASP A 8 37.31 -9.59 -10.12
C ASP A 8 36.16 -9.36 -9.13
N LYS A 9 34.94 -9.39 -9.64
CA LYS A 9 33.77 -9.20 -8.81
C LYS A 9 32.62 -10.06 -9.30
N CYS A 10 32.15 -10.97 -8.46
CA CYS A 10 31.02 -11.82 -8.81
C CYS A 10 30.22 -12.19 -7.56
N SER A 11 29.19 -11.40 -7.29
CA SER A 11 28.30 -11.65 -6.15
C SER A 11 27.08 -10.72 -6.20
N THR A 12 25.95 -11.24 -6.66
CA THR A 12 24.72 -10.47 -6.74
C THR A 12 23.50 -11.39 -6.76
N LYS A 13 22.68 -11.31 -5.73
CA LYS A 13 21.47 -12.13 -5.63
C LYS A 13 20.57 -11.60 -4.52
N GLY A 14 19.27 -11.78 -4.68
CA GLY A 14 18.33 -11.34 -3.66
C GLY A 14 17.44 -10.22 -4.13
N CYS A 15 16.88 -10.37 -5.32
CA CYS A 15 15.97 -9.36 -5.87
C CYS A 15 14.65 -10.02 -6.27
N ALA A 16 13.68 -9.91 -5.37
CA ALA A 16 12.36 -10.49 -5.60
C ALA A 16 11.26 -9.60 -5.03
N ILE A 17 11.56 -8.31 -4.92
CA ILE A 17 10.59 -7.36 -4.39
C ILE A 17 9.98 -6.51 -5.50
N ASP A 18 10.26 -6.90 -6.73
CA ASP A 18 9.76 -6.15 -7.88
C ASP A 18 8.39 -6.66 -8.30
N ILE A 19 7.41 -5.79 -8.20
CA ILE A 19 6.05 -6.10 -8.63
C ILE A 19 5.89 -5.73 -10.10
N GLY A 20 6.68 -4.76 -10.55
CA GLY A 20 6.61 -4.29 -11.91
C GLY A 20 5.51 -3.28 -12.10
N THR A 21 5.43 -2.34 -11.18
CA THR A 21 4.41 -1.30 -11.22
C THR A 21 5.00 0.04 -10.85
N VAL A 22 4.88 1.01 -11.76
CA VAL A 22 5.36 2.36 -11.51
C VAL A 22 4.57 3.35 -12.36
N ILE A 23 4.19 4.48 -11.76
CA ILE A 23 3.40 5.47 -12.47
C ILE A 23 4.32 6.54 -13.07
N ASP A 24 4.46 7.66 -12.37
CA ASP A 24 5.33 8.75 -12.81
C ASP A 24 5.85 9.50 -11.59
N ASN A 25 5.18 10.61 -11.26
CA ASN A 25 5.55 11.40 -10.11
C ASN A 25 4.31 11.92 -9.41
N ASP A 26 4.25 11.71 -8.11
CA ASP A 26 3.20 12.25 -7.26
C ASP A 26 3.86 13.22 -6.29
N ASN A 27 3.16 13.58 -5.23
CA ASN A 27 3.75 14.40 -4.19
C ASN A 27 4.25 13.50 -3.07
N CYS A 28 3.38 12.59 -2.64
CA CYS A 28 3.67 11.61 -1.59
C CYS A 28 2.37 11.01 -1.06
N THR A 29 1.29 11.20 -1.80
CA THR A 29 -0.03 10.80 -1.34
C THR A 29 -0.61 9.69 -2.23
N SER A 30 -0.95 8.58 -1.62
CA SER A 30 -1.56 7.47 -2.34
C SER A 30 -3.07 7.53 -2.16
N LYS A 31 -3.79 7.62 -3.27
CA LYS A 31 -5.23 7.72 -3.23
C LYS A 31 -5.86 6.43 -3.73
N PHE A 32 -7.04 6.14 -3.24
CA PHE A 32 -7.75 4.92 -3.57
C PHE A 32 -9.23 5.06 -3.23
N SER A 33 -10.09 4.87 -4.23
CA SER A 33 -11.52 4.87 -3.99
C SER A 33 -12.15 3.67 -4.70
N ARG A 34 -12.56 2.68 -3.91
CA ARG A 34 -13.18 1.49 -4.48
C ARG A 34 -14.64 1.41 -4.05
N PHE A 35 -15.49 0.95 -4.97
CA PHE A 35 -16.90 0.81 -4.67
C PHE A 35 -17.18 -0.58 -4.11
N PHE A 36 -17.94 -0.63 -3.03
CA PHE A 36 -18.28 -1.89 -2.38
C PHE A 36 -19.79 -2.09 -2.37
N ALA A 37 -20.21 -3.35 -2.25
CA ALA A 37 -21.63 -3.68 -2.23
C ALA A 37 -22.34 -3.02 -1.06
N THR A 38 -21.71 -3.04 0.11
CA THR A 38 -22.28 -2.41 1.29
C THR A 38 -21.23 -1.58 2.00
N ARG A 39 -21.67 -0.65 2.85
CA ARG A 39 -20.73 0.17 3.62
C ARG A 39 -19.90 -0.71 4.55
N GLU A 40 -20.49 -1.81 4.97
CA GLU A 40 -19.80 -2.80 5.78
C GLU A 40 -18.53 -3.27 5.07
N GLU A 41 -18.71 -3.64 3.81
CA GLU A 41 -17.61 -4.09 2.95
C GLU A 41 -16.51 -3.03 2.88
N ALA A 42 -16.93 -1.77 2.95
CA ALA A 42 -16.01 -0.65 2.86
C ALA A 42 -15.25 -0.47 4.16
N GLU A 43 -15.97 -0.39 5.27
CA GLU A 43 -15.38 -0.16 6.58
C GLU A 43 -14.47 -1.32 6.96
N SER A 44 -14.86 -2.53 6.55
CA SER A 44 -14.09 -3.73 6.84
C SER A 44 -12.74 -3.70 6.15
N PHE A 45 -12.67 -3.02 5.01
CA PHE A 45 -11.44 -2.93 4.24
C PHE A 45 -10.48 -1.94 4.91
N MET A 46 -11.01 -0.81 5.35
CA MET A 46 -10.20 0.23 5.99
C MET A 46 -9.57 -0.28 7.29
N THR A 47 -10.19 -1.29 7.89
CA THR A 47 -9.68 -1.89 9.12
C THR A 47 -8.22 -2.33 8.97
N LYS A 48 -7.94 -3.07 7.91
CA LYS A 48 -6.60 -3.59 7.68
C LYS A 48 -5.65 -2.49 7.23
N LEU A 49 -6.19 -1.47 6.56
CA LEU A 49 -5.38 -0.33 6.14
C LEU A 49 -4.82 0.41 7.35
N LYS A 50 -5.56 0.37 8.46
CA LYS A 50 -5.10 0.93 9.73
C LYS A 50 -3.76 0.32 10.13
N GLU A 51 -3.63 -0.98 9.92
CA GLU A 51 -2.38 -1.68 10.23
C GLU A 51 -1.32 -1.38 9.19
N LEU A 52 -1.70 -1.56 7.93
CA LEU A 52 -0.77 -1.43 6.80
C LEU A 52 -0.11 -0.06 6.75
N ALA A 53 -0.89 1.00 6.99
CA ALA A 53 -0.38 2.36 6.93
C ALA A 53 0.75 2.59 7.93
N ALA A 54 0.60 2.02 9.12
CA ALA A 54 1.58 2.20 10.19
C ALA A 54 2.83 1.35 9.95
N ALA A 55 2.65 0.21 9.29
CA ALA A 55 3.75 -0.70 9.02
C ALA A 55 4.57 -0.24 7.82
N ALA A 56 3.90 0.37 6.85
CA ALA A 56 4.56 0.83 5.63
C ALA A 56 5.26 2.16 5.85
N SER A 57 4.59 3.06 6.55
CA SER A 57 5.11 4.41 6.74
C SER A 57 6.05 4.46 7.96
N SER A 58 7.24 4.99 7.73
CA SER A 58 8.24 5.13 8.78
C SER A 58 7.95 6.32 9.71
N ALA A 59 6.74 6.86 9.60
CA ALA A 59 6.34 8.01 10.40
C ALA A 59 5.72 7.57 11.72
N ASP A 60 5.99 6.32 12.11
CA ASP A 60 5.52 5.75 13.38
C ASP A 60 4.02 5.49 13.38
N GLU A 61 3.25 6.56 13.39
CA GLU A 61 1.80 6.48 13.57
C GLU A 61 1.08 6.41 12.24
N GLY A 62 1.73 5.81 11.26
CA GLY A 62 1.16 5.70 9.94
C GLY A 62 1.44 6.92 9.10
N ALA A 63 0.40 7.42 8.44
CA ALA A 63 0.54 8.57 7.57
C ALA A 63 -0.70 9.44 7.64
N SER A 64 -0.65 10.61 7.03
CA SER A 64 -1.78 11.51 7.01
C SER A 64 -2.82 11.02 6.02
N VAL A 65 -3.86 10.36 6.51
CA VAL A 65 -4.88 9.82 5.66
C VAL A 65 -6.20 10.56 5.83
N ALA A 66 -6.63 11.22 4.78
CA ALA A 66 -7.94 11.82 4.74
C ALA A 66 -8.88 10.86 4.04
N TYR A 67 -9.62 10.08 4.82
CA TYR A 67 -10.44 9.02 4.26
C TYR A 67 -11.90 9.23 4.63
N LYS A 68 -12.78 8.68 3.81
CA LYS A 68 -14.20 8.77 4.06
C LYS A 68 -14.91 7.53 3.55
N ILE A 69 -16.07 7.27 4.11
CA ILE A 69 -16.88 6.15 3.71
C ILE A 69 -18.23 6.68 3.25
N LYS A 70 -18.46 6.70 1.95
CA LYS A 70 -19.60 7.40 1.41
C LYS A 70 -20.66 6.42 0.92
N ASP A 71 -21.84 6.56 1.49
CA ASP A 71 -22.97 5.72 1.15
C ASP A 71 -23.60 6.14 -0.17
N LEU A 72 -23.74 5.20 -1.09
CA LEU A 72 -24.37 5.49 -2.37
C LEU A 72 -25.57 4.58 -2.57
N GLU A 73 -26.21 4.69 -3.72
CA GLU A 73 -27.38 3.88 -4.02
C GLU A 73 -26.95 2.55 -4.64
N GLY A 74 -26.98 1.50 -3.84
CA GLY A 74 -26.65 0.17 -4.33
C GLY A 74 -25.19 -0.16 -4.12
N GLN A 75 -24.44 0.80 -3.61
CA GLN A 75 -23.02 0.62 -3.36
C GLN A 75 -22.51 1.72 -2.45
N VAL A 76 -21.24 1.66 -2.09
CA VAL A 76 -20.60 2.71 -1.33
C VAL A 76 -19.19 2.92 -1.85
N GLU A 77 -18.66 4.12 -1.68
CA GLU A 77 -17.29 4.38 -2.08
C GLU A 77 -16.40 4.54 -0.87
N LEU A 78 -15.34 3.77 -0.85
CA LEU A 78 -14.35 3.88 0.19
C LEU A 78 -13.20 4.73 -0.32
N ASP A 79 -13.09 5.93 0.23
CA ASP A 79 -12.10 6.89 -0.22
C ASP A 79 -10.99 7.01 0.79
N ALA A 80 -9.76 6.85 0.34
CA ALA A 80 -8.60 6.98 1.21
C ALA A 80 -7.48 7.73 0.50
N ALA A 81 -6.86 8.65 1.21
CA ALA A 81 -5.71 9.37 0.68
C ALA A 81 -4.61 9.43 1.73
N PHE A 82 -3.62 8.56 1.59
CA PHE A 82 -2.53 8.48 2.54
C PHE A 82 -1.36 9.35 2.10
N THR A 83 -1.10 10.40 2.84
CA THR A 83 0.04 11.25 2.58
C THR A 83 1.22 10.82 3.44
N PHE A 84 2.22 10.22 2.80
CA PHE A 84 3.38 9.71 3.50
C PHE A 84 4.45 10.78 3.61
N SER A 85 5.46 10.51 4.43
CA SER A 85 6.56 11.44 4.61
C SER A 85 7.52 11.40 3.42
N CYS A 86 7.50 10.27 2.71
CA CYS A 86 8.34 10.10 1.54
C CYS A 86 7.57 9.36 0.45
N GLN A 87 7.96 9.58 -0.80
CA GLN A 87 7.29 8.92 -1.93
C GLN A 87 7.58 7.42 -1.93
N ALA A 88 8.77 7.06 -1.48
CA ALA A 88 9.14 5.65 -1.38
C ALA A 88 8.14 4.88 -0.53
N GLU A 89 7.70 5.49 0.55
CA GLU A 89 6.72 4.89 1.45
C GLU A 89 5.40 4.65 0.72
N MET A 90 5.10 5.54 -0.23
CA MET A 90 3.87 5.44 -1.01
C MET A 90 3.91 4.24 -1.94
N ILE A 91 4.99 4.15 -2.73
CA ILE A 91 5.10 3.10 -3.72
C ILE A 91 5.27 1.72 -3.08
N ILE A 92 6.04 1.62 -2.00
CA ILE A 92 6.20 0.33 -1.33
C ILE A 92 4.87 -0.14 -0.74
N PHE A 93 4.04 0.83 -0.36
CA PHE A 93 2.72 0.56 0.19
C PHE A 93 1.83 -0.09 -0.87
N GLU A 94 1.75 0.54 -2.04
CA GLU A 94 0.88 0.06 -3.11
C GLU A 94 1.44 -1.21 -3.75
N LEU A 95 2.76 -1.38 -3.72
CA LEU A 95 3.38 -2.60 -4.22
C LEU A 95 2.94 -3.79 -3.37
N SER A 96 3.07 -3.67 -2.06
CA SER A 96 2.62 -4.71 -1.14
C SER A 96 1.12 -4.99 -1.31
N LEU A 97 0.34 -3.93 -1.49
CA LEU A 97 -1.11 -4.09 -1.70
C LEU A 97 -1.38 -4.98 -2.89
N ARG A 98 -0.72 -4.67 -4.01
CA ARG A 98 -0.92 -5.42 -5.24
C ARG A 98 -0.32 -6.82 -5.13
N SER A 99 0.75 -6.94 -4.36
CA SER A 99 1.39 -8.24 -4.15
C SER A 99 0.46 -9.19 -3.39
N LEU A 100 -0.38 -8.62 -2.54
CA LEU A 100 -1.34 -9.40 -1.77
C LEU A 100 -2.61 -9.62 -2.57
N ALA A 101 -3.15 -8.53 -3.11
CA ALA A 101 -4.40 -8.57 -3.85
C ALA A 101 -4.18 -8.98 -5.31
N LEU A 102 -3.14 -9.77 -5.56
CA LEU A 102 -2.86 -10.29 -6.89
C LEU A 102 -4.06 -11.05 -7.46
N GLU A 103 -4.29 -12.24 -6.88
CA GLU A 103 -5.32 -13.17 -7.36
C GLU A 103 -5.00 -13.67 -8.77
N HIS A 104 -5.01 -12.76 -9.73
CA HIS A 104 -4.67 -13.08 -11.11
C HIS A 104 -3.34 -12.43 -11.48
N HIS A 105 -2.28 -13.23 -11.43
CA HIS A 105 -0.95 -12.74 -11.80
C HIS A 105 -0.84 -12.60 -13.32
N HIS A 106 -1.24 -11.44 -13.81
CA HIS A 106 -1.35 -11.23 -15.24
C HIS A 106 -0.71 -9.90 -15.63
N HIS A 107 0.46 -9.96 -16.24
CA HIS A 107 1.11 -8.77 -16.77
C HIS A 107 1.07 -8.82 -18.29
N HIS A 108 -0.15 -8.70 -18.83
CA HIS A 108 -0.41 -8.84 -20.27
C HIS A 108 -0.15 -10.27 -20.74
N HIS A 109 -0.54 -10.56 -21.96
CA HIS A 109 -0.41 -11.91 -22.49
C HIS A 109 -0.32 -11.87 -24.01
N MET A 1 50.31 -38.02 -19.88
CA MET A 1 49.04 -37.31 -20.12
C MET A 1 48.43 -36.86 -18.80
N ALA A 2 47.86 -35.66 -18.79
CA ALA A 2 47.29 -35.13 -17.56
C ALA A 2 45.80 -35.38 -17.48
N MET A 3 45.27 -35.23 -16.28
CA MET A 3 43.84 -35.34 -16.03
C MET A 3 43.46 -34.38 -14.90
N LYS A 4 42.32 -33.72 -15.05
CA LYS A 4 41.91 -32.71 -14.08
C LYS A 4 40.49 -32.95 -13.60
N ASP A 5 40.37 -33.31 -12.34
CA ASP A 5 39.06 -33.53 -11.73
C ASP A 5 38.74 -32.37 -10.79
N VAL A 6 38.49 -31.21 -11.38
CA VAL A 6 38.19 -30.01 -10.63
C VAL A 6 36.88 -29.41 -11.11
N VAL A 7 35.80 -29.72 -10.41
CA VAL A 7 34.48 -29.28 -10.81
C VAL A 7 33.62 -28.94 -9.59
N ASP A 8 33.41 -27.65 -9.35
CA ASP A 8 32.43 -27.20 -8.37
C ASP A 8 31.66 -26.01 -8.92
N LYS A 9 30.35 -26.02 -8.71
CA LYS A 9 29.50 -24.95 -9.18
C LYS A 9 28.40 -24.67 -8.16
N CYS A 10 28.48 -23.50 -7.56
CA CYS A 10 27.50 -23.09 -6.56
C CYS A 10 26.79 -21.82 -7.01
N SER A 11 26.41 -21.78 -8.28
CA SER A 11 25.76 -20.60 -8.86
C SER A 11 24.40 -20.35 -8.23
N THR A 12 24.41 -19.60 -7.14
CA THR A 12 23.21 -19.29 -6.38
C THR A 12 23.51 -18.19 -5.36
N LYS A 13 22.97 -17.00 -5.58
CA LYS A 13 23.13 -15.90 -4.65
C LYS A 13 21.77 -15.37 -4.23
N GLY A 14 21.78 -14.40 -3.34
CA GLY A 14 20.54 -13.90 -2.77
C GLY A 14 19.75 -13.04 -3.73
N CYS A 15 18.61 -13.54 -4.15
CA CYS A 15 17.69 -12.77 -4.98
C CYS A 15 16.74 -12.00 -4.07
N ALA A 16 16.07 -10.98 -4.60
CA ALA A 16 15.25 -10.11 -3.77
C ALA A 16 13.96 -9.72 -4.47
N ILE A 17 13.31 -8.67 -3.93
CA ILE A 17 12.08 -8.07 -4.46
C ILE A 17 10.87 -9.02 -4.39
N ASP A 18 9.72 -8.43 -4.05
CA ASP A 18 8.45 -9.14 -4.05
C ASP A 18 7.72 -8.84 -5.35
N ILE A 19 7.53 -7.54 -5.60
CA ILE A 19 7.08 -7.07 -6.89
C ILE A 19 8.26 -6.46 -7.63
N GLY A 20 8.98 -5.59 -6.93
CA GLY A 20 10.21 -5.03 -7.45
C GLY A 20 10.00 -3.90 -8.44
N THR A 21 9.60 -4.25 -9.65
CA THR A 21 9.51 -3.29 -10.73
C THR A 21 8.25 -2.43 -10.61
N VAL A 22 8.45 -1.12 -10.68
CA VAL A 22 7.35 -0.15 -10.64
C VAL A 22 7.90 1.25 -10.89
N ILE A 23 7.21 2.03 -11.70
CA ILE A 23 7.61 3.40 -11.95
C ILE A 23 6.43 4.34 -11.74
N ASP A 24 6.30 4.86 -10.53
CA ASP A 24 5.23 5.78 -10.18
C ASP A 24 5.75 6.83 -9.22
N ASN A 25 5.58 8.10 -9.58
CA ASN A 25 6.04 9.18 -8.73
C ASN A 25 5.44 10.51 -9.17
N ASP A 26 4.82 11.19 -8.23
CA ASP A 26 4.26 12.51 -8.46
C ASP A 26 4.17 13.26 -7.14
N ASN A 27 3.46 12.66 -6.20
CA ASN A 27 3.30 13.22 -4.86
C ASN A 27 3.11 12.10 -3.86
N CYS A 28 3.05 12.43 -2.58
CA CYS A 28 2.99 11.43 -1.54
C CYS A 28 1.58 11.31 -0.96
N THR A 29 0.59 11.69 -1.75
CA THR A 29 -0.80 11.58 -1.33
C THR A 29 -1.56 10.61 -2.24
N SER A 30 -1.93 9.46 -1.70
CA SER A 30 -2.63 8.45 -2.47
C SER A 30 -4.13 8.53 -2.22
N LYS A 31 -4.88 8.83 -3.27
CA LYS A 31 -6.34 8.86 -3.20
C LYS A 31 -6.90 7.62 -3.86
N PHE A 32 -7.51 6.77 -3.05
CA PHE A 32 -8.06 5.52 -3.56
C PHE A 32 -9.54 5.41 -3.18
N SER A 33 -10.39 5.32 -4.19
CA SER A 33 -11.81 5.22 -3.97
C SER A 33 -12.40 4.03 -4.74
N ARG A 34 -12.82 3.01 -4.01
CA ARG A 34 -13.39 1.82 -4.64
C ARG A 34 -14.82 1.62 -4.18
N PHE A 35 -15.62 1.00 -5.02
CA PHE A 35 -17.00 0.68 -4.67
C PHE A 35 -17.07 -0.63 -3.92
N PHE A 36 -17.88 -0.65 -2.87
CA PHE A 36 -18.10 -1.85 -2.09
C PHE A 36 -19.59 -2.11 -1.97
N ALA A 37 -19.96 -3.32 -1.59
CA ALA A 37 -21.36 -3.68 -1.41
C ALA A 37 -22.01 -2.83 -0.34
N THR A 38 -21.45 -2.84 0.85
CA THR A 38 -21.99 -2.06 1.95
C THR A 38 -20.93 -1.13 2.52
N ARG A 39 -21.38 -0.10 3.24
CA ARG A 39 -20.48 0.82 3.92
C ARG A 39 -19.63 0.06 4.93
N GLU A 40 -20.20 -0.99 5.49
CA GLU A 40 -19.49 -1.87 6.41
C GLU A 40 -18.27 -2.48 5.74
N GLU A 41 -18.49 -3.05 4.57
CA GLU A 41 -17.41 -3.60 3.75
C GLU A 41 -16.33 -2.55 3.50
N ALA A 42 -16.76 -1.31 3.37
CA ALA A 42 -15.85 -0.21 3.07
C ALA A 42 -14.93 0.09 4.25
N GLU A 43 -15.54 0.29 5.42
CA GLU A 43 -14.78 0.60 6.63
C GLU A 43 -13.93 -0.59 7.07
N SER A 44 -14.42 -1.80 6.80
CA SER A 44 -13.70 -3.01 7.16
C SER A 44 -12.43 -3.16 6.33
N PHE A 45 -12.46 -2.61 5.12
CA PHE A 45 -11.30 -2.69 4.24
C PHE A 45 -10.21 -1.75 4.74
N MET A 46 -10.64 -0.63 5.30
CA MET A 46 -9.71 0.37 5.82
C MET A 46 -8.88 -0.18 6.97
N THR A 47 -9.52 -0.95 7.84
CA THR A 47 -8.88 -1.44 9.06
C THR A 47 -7.55 -2.13 8.79
N LYS A 48 -7.53 -3.07 7.86
CA LYS A 48 -6.31 -3.81 7.56
C LYS A 48 -5.29 -2.94 6.84
N LEU A 49 -5.78 -1.95 6.10
CA LEU A 49 -4.90 -1.04 5.36
C LEU A 49 -4.17 -0.10 6.31
N LYS A 50 -4.84 0.31 7.38
CA LYS A 50 -4.24 1.16 8.41
C LYS A 50 -2.99 0.50 8.97
N GLU A 51 -3.11 -0.77 9.33
CA GLU A 51 -1.99 -1.55 9.85
C GLU A 51 -0.84 -1.57 8.85
N LEU A 52 -1.18 -1.73 7.58
CA LEU A 52 -0.19 -1.80 6.52
C LEU A 52 0.49 -0.45 6.32
N ALA A 53 -0.30 0.62 6.34
CA ALA A 53 0.22 1.97 6.16
C ALA A 53 1.17 2.35 7.30
N ALA A 54 0.79 1.98 8.52
CA ALA A 54 1.59 2.27 9.70
C ALA A 54 2.97 1.59 9.62
N ALA A 55 3.00 0.40 9.05
CA ALA A 55 4.24 -0.36 8.93
C ALA A 55 5.02 0.05 7.69
N ALA A 56 4.31 0.47 6.66
CA ALA A 56 4.94 0.88 5.41
C ALA A 56 5.66 2.21 5.58
N SER A 57 5.08 3.10 6.36
CA SER A 57 5.66 4.41 6.60
C SER A 57 6.65 4.33 7.75
N SER A 58 7.92 4.59 7.45
CA SER A 58 8.99 4.56 8.45
C SER A 58 9.01 5.86 9.26
N ALA A 59 7.90 6.58 9.24
CA ALA A 59 7.80 7.85 9.94
C ALA A 59 7.42 7.66 11.40
N ASP A 60 7.48 6.41 11.88
CA ASP A 60 7.19 6.05 13.27
C ASP A 60 5.70 6.12 13.56
N GLU A 61 5.10 7.26 13.28
CA GLU A 61 3.70 7.50 13.61
C GLU A 61 2.80 7.11 12.44
N GLY A 62 3.24 6.13 11.67
CA GLY A 62 2.48 5.67 10.53
C GLY A 62 2.37 6.72 9.45
N ALA A 63 1.16 6.92 8.95
CA ALA A 63 0.92 7.90 7.90
C ALA A 63 -0.37 8.66 8.14
N SER A 64 -0.68 9.60 7.27
CA SER A 64 -1.92 10.34 7.34
C SER A 64 -2.99 9.60 6.54
N VAL A 65 -4.08 9.25 7.20
CA VAL A 65 -5.14 8.51 6.55
C VAL A 65 -6.51 9.11 6.86
N ALA A 66 -7.16 9.60 5.82
CA ALA A 66 -8.50 10.13 5.94
C ALA A 66 -9.43 9.41 4.98
N TYR A 67 -10.49 8.81 5.50
CA TYR A 67 -11.40 8.05 4.66
C TYR A 67 -12.81 8.62 4.74
N LYS A 68 -13.44 8.74 3.58
CA LYS A 68 -14.82 9.14 3.50
C LYS A 68 -15.67 8.01 2.99
N ILE A 69 -16.97 8.14 3.16
CA ILE A 69 -17.88 7.08 2.77
C ILE A 69 -19.09 7.68 2.07
N LYS A 70 -19.22 7.42 0.78
CA LYS A 70 -20.38 7.85 0.05
C LYS A 70 -21.28 6.66 -0.22
N ASP A 71 -22.28 6.55 0.61
CA ASP A 71 -23.26 5.49 0.51
C ASP A 71 -24.21 5.79 -0.64
N LEU A 72 -24.09 5.04 -1.72
CA LEU A 72 -24.87 5.28 -2.92
C LEU A 72 -26.08 4.37 -2.97
N GLU A 73 -26.75 4.37 -4.12
CA GLU A 73 -27.88 3.48 -4.32
C GLU A 73 -27.37 2.06 -4.57
N GLY A 74 -27.46 1.23 -3.55
CA GLY A 74 -26.99 -0.14 -3.66
C GLY A 74 -25.56 -0.29 -3.16
N GLN A 75 -24.64 0.39 -3.82
CA GLN A 75 -23.22 0.27 -3.51
C GLN A 75 -22.72 1.50 -2.76
N VAL A 76 -21.49 1.44 -2.27
CA VAL A 76 -20.88 2.58 -1.59
C VAL A 76 -19.50 2.85 -2.14
N GLU A 77 -19.05 4.08 -2.02
CA GLU A 77 -17.70 4.44 -2.44
C GLU A 77 -16.83 4.74 -1.22
N LEU A 78 -15.81 3.92 -1.01
CA LEU A 78 -14.85 4.14 0.05
C LEU A 78 -13.69 4.98 -0.49
N ASP A 79 -13.56 6.18 0.03
CA ASP A 79 -12.54 7.11 -0.46
C ASP A 79 -11.45 7.29 0.59
N ALA A 80 -10.25 6.85 0.26
CA ALA A 80 -9.14 6.89 1.20
C ALA A 80 -8.03 7.81 0.69
N ALA A 81 -7.55 8.66 1.58
CA ALA A 81 -6.40 9.51 1.30
C ALA A 81 -5.23 9.15 2.21
N PHE A 82 -4.23 8.53 1.63
CA PHE A 82 -3.03 8.15 2.37
C PHE A 82 -1.89 9.12 2.07
N THR A 83 -1.49 9.86 3.08
CA THR A 83 -0.38 10.78 2.93
C THR A 83 0.84 10.28 3.68
N PHE A 84 1.82 9.79 2.94
CA PHE A 84 3.05 9.27 3.53
C PHE A 84 4.09 10.37 3.61
N SER A 85 5.01 10.23 4.56
CA SER A 85 6.02 11.25 4.78
C SER A 85 7.10 11.20 3.70
N CYS A 86 7.36 10.01 3.20
CA CYS A 86 8.35 9.83 2.15
C CYS A 86 7.72 9.14 0.95
N GLN A 87 8.16 9.51 -0.25
CA GLN A 87 7.63 8.93 -1.47
C GLN A 87 7.99 7.46 -1.59
N ALA A 88 9.15 7.10 -1.07
CA ALA A 88 9.59 5.71 -1.07
C ALA A 88 8.57 4.82 -0.36
N GLU A 89 8.01 5.35 0.71
CA GLU A 89 7.05 4.62 1.53
C GLU A 89 5.76 4.38 0.74
N MET A 90 5.43 5.31 -0.15
CA MET A 90 4.22 5.21 -0.95
C MET A 90 4.28 4.01 -1.90
N ILE A 91 5.35 3.95 -2.70
CA ILE A 91 5.49 2.90 -3.69
C ILE A 91 5.66 1.52 -3.06
N ILE A 92 6.42 1.43 -1.97
CA ILE A 92 6.62 0.15 -1.30
C ILE A 92 5.33 -0.32 -0.65
N PHE A 93 4.51 0.64 -0.23
CA PHE A 93 3.21 0.35 0.35
C PHE A 93 2.31 -0.36 -0.67
N GLU A 94 2.17 0.24 -1.85
CA GLU A 94 1.30 -0.31 -2.87
C GLU A 94 1.86 -1.62 -3.44
N LEU A 95 3.19 -1.73 -3.48
CA LEU A 95 3.82 -2.97 -3.93
C LEU A 95 3.42 -4.13 -3.01
N SER A 96 3.46 -3.88 -1.72
CA SER A 96 3.09 -4.90 -0.73
C SER A 96 1.60 -5.23 -0.83
N LEU A 97 0.83 -4.30 -1.38
CA LEU A 97 -0.60 -4.52 -1.59
C LEU A 97 -0.85 -5.40 -2.80
N ARG A 98 0.05 -5.31 -3.79
CA ARG A 98 -0.12 -6.01 -5.05
C ARG A 98 -0.13 -7.53 -4.85
N SER A 99 0.87 -8.04 -4.15
CA SER A 99 0.97 -9.47 -3.91
C SER A 99 -0.13 -9.95 -2.97
N LEU A 100 -0.57 -9.05 -2.10
CA LEU A 100 -1.68 -9.33 -1.19
C LEU A 100 -2.98 -9.45 -1.98
N ALA A 101 -3.19 -8.53 -2.90
CA ALA A 101 -4.41 -8.49 -3.70
C ALA A 101 -4.36 -9.47 -4.87
N LEU A 102 -3.39 -10.38 -4.85
CA LEU A 102 -3.30 -11.41 -5.88
C LEU A 102 -4.21 -12.58 -5.55
N GLU A 103 -4.63 -12.67 -4.30
CA GLU A 103 -5.42 -13.81 -3.83
C GLU A 103 -6.91 -13.64 -4.12
N HIS A 104 -7.25 -13.63 -5.40
CA HIS A 104 -8.66 -13.62 -5.85
C HIS A 104 -8.71 -13.51 -7.36
N HIS A 105 -9.54 -14.33 -7.99
CA HIS A 105 -9.69 -14.30 -9.45
C HIS A 105 -10.35 -12.99 -9.89
N HIS A 106 -9.96 -12.49 -11.04
CA HIS A 106 -10.47 -11.22 -11.54
C HIS A 106 -10.60 -11.25 -13.06
N HIS A 107 -11.69 -10.68 -13.57
CA HIS A 107 -11.93 -10.57 -15.00
C HIS A 107 -13.23 -9.79 -15.24
N HIS A 108 -13.11 -8.65 -15.91
CA HIS A 108 -14.26 -7.78 -16.17
C HIS A 108 -13.94 -6.82 -17.30
N HIS A 109 -14.65 -6.97 -18.41
CA HIS A 109 -14.38 -6.16 -19.59
C HIS A 109 -15.68 -5.92 -20.36
N MET A 1 30.38 6.72 -30.11
CA MET A 1 30.16 7.50 -28.88
C MET A 1 29.57 6.60 -27.80
N ALA A 2 30.38 6.27 -26.81
CA ALA A 2 29.96 5.41 -25.72
C ALA A 2 30.23 6.08 -24.39
N MET A 3 29.19 6.60 -23.78
CA MET A 3 29.31 7.26 -22.49
C MET A 3 28.36 6.66 -21.47
N LYS A 4 27.39 5.88 -21.93
CA LYS A 4 26.42 5.27 -21.04
C LYS A 4 26.46 3.75 -21.10
N ASP A 5 27.20 3.15 -20.18
CA ASP A 5 27.15 1.72 -19.95
C ASP A 5 26.97 1.47 -18.46
N VAL A 6 25.73 1.36 -18.04
CA VAL A 6 25.42 1.16 -16.64
C VAL A 6 24.76 -0.19 -16.40
N VAL A 7 25.28 -0.92 -15.44
CA VAL A 7 24.72 -2.20 -15.06
C VAL A 7 24.86 -2.41 -13.55
N ASP A 8 23.75 -2.71 -12.90
CA ASP A 8 23.74 -3.00 -11.47
C ASP A 8 22.86 -4.22 -11.21
N LYS A 9 23.33 -5.10 -10.36
CA LYS A 9 22.60 -6.32 -10.06
C LYS A 9 21.80 -6.17 -8.79
N CYS A 10 20.57 -5.72 -8.95
CA CYS A 10 19.62 -5.63 -7.87
C CYS A 10 18.36 -6.38 -8.28
N SER A 11 18.41 -7.69 -8.15
CA SER A 11 17.33 -8.53 -8.64
C SER A 11 16.85 -9.49 -7.56
N THR A 12 15.65 -10.03 -7.76
CA THR A 12 15.07 -11.02 -6.87
C THR A 12 14.87 -10.47 -5.45
N LYS A 13 13.81 -9.70 -5.27
CA LYS A 13 13.41 -9.28 -3.94
C LYS A 13 12.18 -10.08 -3.54
N GLY A 14 12.41 -11.22 -2.91
CA GLY A 14 11.34 -12.15 -2.65
C GLY A 14 10.76 -12.69 -3.95
N CYS A 15 9.51 -12.35 -4.20
CA CYS A 15 8.85 -12.69 -5.46
C CYS A 15 7.89 -11.58 -5.87
N ALA A 16 7.26 -10.95 -4.88
CA ALA A 16 6.34 -9.85 -5.15
C ALA A 16 7.08 -8.51 -5.17
N ILE A 17 7.60 -8.16 -6.33
CA ILE A 17 8.25 -6.88 -6.52
C ILE A 17 7.68 -6.19 -7.75
N ASP A 18 7.21 -4.95 -7.55
CA ASP A 18 6.56 -4.16 -8.59
C ASP A 18 5.20 -4.72 -8.98
N ILE A 19 4.22 -3.84 -9.08
CA ILE A 19 2.87 -4.22 -9.45
C ILE A 19 2.67 -4.07 -10.96
N GLY A 20 3.46 -3.18 -11.57
CA GLY A 20 3.29 -2.87 -12.97
C GLY A 20 2.34 -1.71 -13.17
N THR A 21 2.08 -0.98 -12.10
CA THR A 21 1.22 0.18 -12.16
C THR A 21 2.06 1.44 -12.35
N VAL A 22 1.85 2.11 -13.47
CA VAL A 22 2.64 3.29 -13.80
C VAL A 22 2.10 4.54 -13.11
N ILE A 23 2.57 4.76 -11.89
CA ILE A 23 2.27 5.99 -11.17
C ILE A 23 3.56 6.79 -10.99
N ASP A 24 3.53 8.04 -11.41
CA ASP A 24 4.72 8.87 -11.41
C ASP A 24 4.66 9.88 -10.26
N ASN A 25 5.42 10.94 -10.37
CA ASN A 25 5.49 11.94 -9.30
C ASN A 25 4.28 12.86 -9.35
N ASP A 26 3.39 12.68 -8.40
CA ASP A 26 2.23 13.55 -8.22
C ASP A 26 2.38 14.26 -6.88
N ASN A 27 2.20 13.50 -5.81
CA ASN A 27 2.45 13.95 -4.46
C ASN A 27 2.56 12.72 -3.56
N CYS A 28 3.07 12.90 -2.36
CA CYS A 28 3.35 11.79 -1.47
C CYS A 28 2.09 11.26 -0.78
N THR A 29 1.02 11.09 -1.56
CA THR A 29 -0.23 10.55 -1.05
C THR A 29 -0.75 9.47 -1.98
N SER A 30 -0.98 8.28 -1.44
CA SER A 30 -1.47 7.18 -2.23
C SER A 30 -2.99 7.07 -2.07
N LYS A 31 -3.68 6.87 -3.18
CA LYS A 31 -5.13 6.90 -3.19
C LYS A 31 -5.70 5.52 -3.49
N PHE A 32 -6.81 5.20 -2.84
CA PHE A 32 -7.59 4.03 -3.18
C PHE A 32 -9.06 4.41 -3.19
N SER A 33 -9.69 4.27 -4.33
CA SER A 33 -11.10 4.59 -4.48
C SER A 33 -11.82 3.48 -5.22
N ARG A 34 -12.78 2.85 -4.55
CA ARG A 34 -13.53 1.76 -5.17
C ARG A 34 -14.96 1.70 -4.63
N PHE A 35 -15.87 1.24 -5.47
CA PHE A 35 -17.24 1.04 -5.07
C PHE A 35 -17.38 -0.34 -4.43
N PHE A 36 -17.78 -0.38 -3.18
CA PHE A 36 -17.98 -1.64 -2.48
C PHE A 36 -19.46 -1.95 -2.35
N ALA A 37 -19.78 -3.22 -2.20
CA ALA A 37 -21.17 -3.66 -2.09
C ALA A 37 -21.88 -3.01 -0.90
N THR A 38 -21.21 -3.02 0.24
CA THR A 38 -21.78 -2.43 1.44
C THR A 38 -20.73 -1.59 2.16
N ARG A 39 -21.19 -0.70 3.04
CA ARG A 39 -20.30 0.13 3.83
C ARG A 39 -19.35 -0.72 4.67
N GLU A 40 -19.83 -1.88 5.10
CA GLU A 40 -19.01 -2.82 5.84
C GLU A 40 -17.80 -3.24 5.02
N GLU A 41 -18.06 -3.63 3.78
CA GLU A 41 -17.01 -4.00 2.84
C GLU A 41 -15.94 -2.91 2.76
N ALA A 42 -16.40 -1.67 2.89
CA ALA A 42 -15.53 -0.52 2.80
C ALA A 42 -14.72 -0.34 4.08
N GLU A 43 -15.40 -0.31 5.21
CA GLU A 43 -14.76 -0.07 6.50
C GLU A 43 -13.82 -1.22 6.87
N SER A 44 -14.16 -2.43 6.46
CA SER A 44 -13.30 -3.58 6.70
C SER A 44 -11.97 -3.41 5.96
N PHE A 45 -12.03 -2.80 4.79
CA PHE A 45 -10.84 -2.58 4.00
C PHE A 45 -10.05 -1.41 4.58
N MET A 46 -10.79 -0.41 5.06
CA MET A 46 -10.18 0.75 5.70
C MET A 46 -9.40 0.34 6.95
N THR A 47 -9.93 -0.63 7.68
CA THR A 47 -9.33 -1.09 8.93
C THR A 47 -7.94 -1.68 8.69
N LYS A 48 -7.86 -2.63 7.75
CA LYS A 48 -6.59 -3.29 7.47
C LYS A 48 -5.59 -2.30 6.85
N LEU A 49 -6.11 -1.30 6.15
CA LEU A 49 -5.26 -0.27 5.55
C LEU A 49 -4.55 0.53 6.65
N LYS A 50 -5.23 0.73 7.77
CA LYS A 50 -4.64 1.41 8.91
C LYS A 50 -3.42 0.65 9.41
N GLU A 51 -3.56 -0.67 9.51
CA GLU A 51 -2.48 -1.53 9.99
C GLU A 51 -1.32 -1.52 9.01
N LEU A 52 -1.65 -1.59 7.72
CA LEU A 52 -0.63 -1.62 6.67
C LEU A 52 0.15 -0.30 6.61
N ALA A 53 -0.52 0.81 6.95
CA ALA A 53 0.13 2.11 7.00
C ALA A 53 1.21 2.12 8.08
N ALA A 54 0.96 1.40 9.17
CA ALA A 54 1.91 1.29 10.25
C ALA A 54 3.10 0.44 9.84
N ALA A 55 2.87 -0.51 8.96
CA ALA A 55 3.94 -1.36 8.47
C ALA A 55 4.78 -0.64 7.41
N ALA A 56 4.16 0.25 6.67
CA ALA A 56 4.83 0.98 5.61
C ALA A 56 5.67 2.14 6.15
N SER A 57 5.03 3.00 6.94
CA SER A 57 5.71 4.19 7.44
C SER A 57 5.85 4.17 8.95
N SER A 58 4.90 3.53 9.61
CA SER A 58 4.82 3.47 11.07
C SER A 58 4.46 4.84 11.63
N ALA A 59 5.41 5.75 11.55
CA ALA A 59 5.28 7.14 12.03
C ALA A 59 4.72 7.25 13.46
N ASP A 60 4.78 6.14 14.20
CA ASP A 60 4.24 6.05 15.57
C ASP A 60 2.72 6.15 15.58
N GLU A 61 2.21 7.29 15.14
CA GLU A 61 0.77 7.53 15.11
C GLU A 61 0.16 6.98 13.83
N GLY A 62 0.98 6.87 12.80
CA GLY A 62 0.51 6.36 11.53
C GLY A 62 0.62 7.41 10.44
N ALA A 63 0.35 7.00 9.21
CA ALA A 63 0.35 7.93 8.08
C ALA A 63 -0.92 8.77 8.09
N SER A 64 -0.83 9.96 7.53
CA SER A 64 -1.96 10.88 7.47
C SER A 64 -3.02 10.37 6.50
N VAL A 65 -4.09 9.80 7.05
CA VAL A 65 -5.14 9.22 6.24
C VAL A 65 -6.32 10.17 6.11
N ALA A 66 -6.63 10.53 4.88
CA ALA A 66 -7.82 11.28 4.56
C ALA A 66 -8.83 10.35 3.91
N TYR A 67 -9.79 9.89 4.69
CA TYR A 67 -10.71 8.86 4.23
C TYR A 67 -12.12 9.40 4.05
N LYS A 68 -12.84 8.80 3.11
CA LYS A 68 -14.26 9.03 2.96
C LYS A 68 -14.98 7.71 2.79
N ILE A 69 -16.11 7.62 3.45
CA ILE A 69 -16.97 6.45 3.37
C ILE A 69 -18.38 6.92 3.06
N LYS A 70 -18.78 6.75 1.81
CA LYS A 70 -20.03 7.31 1.34
C LYS A 70 -21.04 6.22 1.05
N ASP A 71 -22.15 6.29 1.77
CA ASP A 71 -23.21 5.31 1.66
C ASP A 71 -24.10 5.64 0.48
N LEU A 72 -24.02 4.84 -0.57
CA LEU A 72 -24.83 5.05 -1.76
C LEU A 72 -25.96 4.04 -1.80
N GLU A 73 -26.77 4.11 -2.83
CA GLU A 73 -27.88 3.19 -2.99
C GLU A 73 -27.44 1.94 -3.74
N GLY A 74 -27.25 0.86 -3.01
CA GLY A 74 -26.86 -0.40 -3.62
C GLY A 74 -25.37 -0.64 -3.59
N GLN A 75 -24.63 0.36 -3.14
CA GLN A 75 -23.18 0.27 -3.04
C GLN A 75 -22.64 1.42 -2.20
N VAL A 76 -21.34 1.46 -2.01
CA VAL A 76 -20.72 2.57 -1.27
C VAL A 76 -19.43 3.00 -1.95
N GLU A 77 -19.03 4.23 -1.69
CA GLU A 77 -17.77 4.75 -2.21
C GLU A 77 -16.73 4.75 -1.09
N LEU A 78 -15.69 3.94 -1.25
CA LEU A 78 -14.60 3.92 -0.29
C LEU A 78 -13.44 4.70 -0.87
N ASP A 79 -13.10 5.80 -0.23
CA ASP A 79 -12.05 6.67 -0.72
C ASP A 79 -10.96 6.85 0.33
N ALA A 80 -9.80 6.30 0.06
CA ALA A 80 -8.68 6.38 0.98
C ALA A 80 -7.56 7.24 0.41
N ALA A 81 -6.94 8.04 1.26
CA ALA A 81 -5.82 8.88 0.88
C ALA A 81 -4.78 8.88 1.99
N PHE A 82 -3.67 8.21 1.75
CA PHE A 82 -2.62 8.13 2.75
C PHE A 82 -1.44 9.04 2.37
N THR A 83 -1.26 10.08 3.16
CA THR A 83 -0.14 10.99 2.96
C THR A 83 1.05 10.53 3.80
N PHE A 84 2.16 10.28 3.12
CA PHE A 84 3.36 9.79 3.78
C PHE A 84 4.40 10.90 3.85
N SER A 85 5.59 10.56 4.32
CA SER A 85 6.69 11.49 4.35
C SER A 85 7.18 11.81 2.94
N CYS A 86 7.32 10.76 2.14
CA CYS A 86 7.77 10.92 0.77
C CYS A 86 7.15 9.83 -0.10
N GLN A 87 7.46 9.85 -1.40
CA GLN A 87 6.90 8.86 -2.32
C GLN A 87 7.56 7.49 -2.14
N ALA A 88 8.73 7.48 -1.49
CA ALA A 88 9.45 6.23 -1.25
C ALA A 88 8.59 5.26 -0.44
N GLU A 89 8.03 5.75 0.66
CA GLU A 89 7.11 4.95 1.47
C GLU A 89 5.75 4.82 0.78
N MET A 90 5.42 5.79 -0.05
CA MET A 90 4.16 5.77 -0.79
C MET A 90 4.09 4.56 -1.71
N ILE A 91 5.07 4.42 -2.60
CA ILE A 91 5.06 3.37 -3.61
C ILE A 91 5.10 1.98 -2.98
N ILE A 92 5.97 1.78 -1.99
CA ILE A 92 6.12 0.47 -1.38
C ILE A 92 4.83 0.06 -0.65
N PHE A 93 4.10 1.05 -0.16
CA PHE A 93 2.85 0.81 0.54
C PHE A 93 1.81 0.20 -0.40
N GLU A 94 1.60 0.83 -1.54
CA GLU A 94 0.60 0.38 -2.49
C GLU A 94 1.03 -0.90 -3.20
N LEU A 95 2.33 -1.11 -3.34
CA LEU A 95 2.85 -2.37 -3.88
C LEU A 95 2.32 -3.53 -3.03
N SER A 96 2.50 -3.40 -1.72
CA SER A 96 2.04 -4.42 -0.79
C SER A 96 0.53 -4.58 -0.83
N LEU A 97 -0.19 -3.46 -0.93
CA LEU A 97 -1.66 -3.49 -0.95
C LEU A 97 -2.18 -4.43 -2.02
N ARG A 98 -1.63 -4.30 -3.22
CA ARG A 98 -2.15 -5.00 -4.38
C ARG A 98 -1.72 -6.48 -4.39
N SER A 99 -0.49 -6.75 -3.97
CA SER A 99 0.01 -8.13 -3.93
C SER A 99 -0.60 -8.92 -2.77
N LEU A 100 -1.07 -8.21 -1.76
CA LEU A 100 -1.60 -8.85 -0.56
C LEU A 100 -3.05 -9.26 -0.76
N ALA A 101 -3.84 -8.34 -1.28
CA ALA A 101 -5.25 -8.60 -1.52
C ALA A 101 -5.44 -9.46 -2.76
N LEU A 102 -4.70 -9.12 -3.81
CA LEU A 102 -4.84 -9.78 -5.12
C LEU A 102 -6.30 -9.93 -5.55
N GLU A 103 -7.12 -8.94 -5.19
CA GLU A 103 -8.53 -8.97 -5.53
C GLU A 103 -8.75 -8.25 -6.86
N HIS A 104 -9.99 -8.23 -7.33
CA HIS A 104 -10.31 -7.64 -8.62
C HIS A 104 -10.27 -6.12 -8.56
N HIS A 105 -9.44 -5.52 -9.41
CA HIS A 105 -9.28 -4.09 -9.47
C HIS A 105 -10.39 -3.48 -10.32
N HIS A 106 -11.56 -3.30 -9.71
CA HIS A 106 -12.70 -2.75 -10.41
C HIS A 106 -12.77 -1.25 -10.21
N HIS A 107 -12.45 -0.50 -11.27
CA HIS A 107 -12.45 0.96 -11.22
C HIS A 107 -12.11 1.54 -12.59
N HIS A 108 -11.34 0.75 -13.35
CA HIS A 108 -10.92 1.12 -14.71
C HIS A 108 -9.99 2.33 -14.70
N HIS A 109 -9.48 2.65 -13.52
CA HIS A 109 -8.56 3.76 -13.36
C HIS A 109 -7.73 3.55 -12.11
N MET A 1 7.18 -18.18 44.73
CA MET A 1 8.10 -19.01 45.53
C MET A 1 9.15 -19.66 44.64
N ALA A 2 10.38 -19.18 44.78
CA ALA A 2 11.53 -19.70 44.02
C ALA A 2 11.23 -19.84 42.54
N MET A 3 10.92 -18.74 41.89
CA MET A 3 10.72 -18.74 40.45
C MET A 3 11.25 -17.45 39.84
N LYS A 4 12.52 -17.48 39.46
CA LYS A 4 13.16 -16.37 38.79
C LYS A 4 13.64 -16.78 37.42
N ASP A 5 12.75 -16.75 36.44
CA ASP A 5 13.08 -17.19 35.10
C ASP A 5 12.83 -16.06 34.10
N VAL A 6 13.90 -15.38 33.72
CA VAL A 6 13.81 -14.25 32.81
C VAL A 6 13.79 -14.74 31.36
N VAL A 7 12.73 -14.39 30.64
CA VAL A 7 12.59 -14.77 29.25
C VAL A 7 12.26 -13.55 28.38
N ASP A 8 12.92 -13.44 27.24
CA ASP A 8 12.70 -12.33 26.32
C ASP A 8 13.21 -12.67 24.94
N LYS A 9 12.40 -12.39 23.94
CA LYS A 9 12.72 -12.77 22.59
C LYS A 9 12.80 -11.57 21.67
N CYS A 10 13.43 -11.75 20.52
CA CYS A 10 13.53 -10.71 19.51
C CYS A 10 12.98 -11.22 18.18
N SER A 11 11.72 -10.94 17.93
CA SER A 11 11.07 -11.39 16.70
C SER A 11 9.86 -10.53 16.40
N THR A 12 10.06 -9.49 15.62
CA THR A 12 8.97 -8.63 15.18
C THR A 12 9.33 -7.92 13.88
N LYS A 13 10.63 -7.92 13.56
CA LYS A 13 11.12 -7.31 12.34
C LYS A 13 11.72 -8.36 11.43
N GLY A 14 11.46 -8.27 10.15
CA GLY A 14 12.04 -9.23 9.21
C GLY A 14 11.34 -9.26 7.88
N CYS A 15 11.84 -8.44 6.95
CA CYS A 15 11.36 -8.41 5.57
C CYS A 15 9.85 -8.18 5.50
N ALA A 16 9.45 -6.91 5.49
CA ALA A 16 8.04 -6.56 5.43
C ALA A 16 7.75 -5.61 4.28
N ILE A 17 8.36 -4.44 4.32
CA ILE A 17 8.06 -3.40 3.35
C ILE A 17 9.14 -3.28 2.27
N ASP A 18 9.12 -4.22 1.33
CA ASP A 18 9.99 -4.20 0.16
C ASP A 18 9.68 -5.40 -0.74
N ILE A 19 8.99 -5.13 -1.83
CA ILE A 19 8.58 -6.18 -2.75
C ILE A 19 9.64 -6.43 -3.82
N GLY A 20 9.90 -5.40 -4.61
CA GLY A 20 10.85 -5.53 -5.69
C GLY A 20 10.22 -5.20 -7.02
N THR A 21 9.26 -4.28 -7.01
CA THR A 21 8.58 -3.87 -8.21
C THR A 21 8.69 -2.35 -8.38
N VAL A 22 9.25 -1.93 -9.50
CA VAL A 22 9.40 -0.52 -9.80
C VAL A 22 8.15 0.03 -10.49
N ILE A 23 7.86 1.30 -10.26
CA ILE A 23 6.70 1.94 -10.85
C ILE A 23 6.86 3.45 -10.86
N ASP A 24 7.29 4.00 -9.71
CA ASP A 24 7.59 5.42 -9.56
C ASP A 24 6.34 6.28 -9.68
N ASN A 25 5.89 6.81 -8.55
CA ASN A 25 4.68 7.61 -8.49
C ASN A 25 4.94 9.04 -8.97
N ASP A 26 3.86 9.72 -9.34
CA ASP A 26 3.93 11.10 -9.77
C ASP A 26 3.84 12.04 -8.56
N ASN A 27 3.36 11.50 -7.45
CA ASN A 27 3.21 12.28 -6.22
C ASN A 27 3.22 11.33 -5.02
N CYS A 28 3.34 11.89 -3.82
CA CYS A 28 3.46 11.08 -2.60
C CYS A 28 2.11 10.95 -1.88
N THR A 29 1.04 11.33 -2.56
CA THR A 29 -0.30 11.22 -2.00
C THR A 29 -0.99 9.97 -2.55
N SER A 30 -1.43 9.10 -1.67
CA SER A 30 -2.04 7.85 -2.07
C SER A 30 -3.56 7.97 -2.02
N LYS A 31 -4.17 8.07 -3.19
CA LYS A 31 -5.61 8.06 -3.29
C LYS A 31 -6.10 6.70 -3.76
N PHE A 32 -6.94 6.09 -2.95
CA PHE A 32 -7.56 4.83 -3.33
C PHE A 32 -9.08 4.98 -3.25
N SER A 33 -9.74 4.84 -4.38
CA SER A 33 -11.18 4.99 -4.44
C SER A 33 -11.81 3.75 -5.06
N ARG A 34 -12.46 2.95 -4.22
CA ARG A 34 -13.01 1.68 -4.65
C ARG A 34 -14.44 1.54 -4.17
N PHE A 35 -15.27 0.92 -4.97
CA PHE A 35 -16.66 0.69 -4.61
C PHE A 35 -16.82 -0.70 -3.99
N PHE A 36 -17.46 -0.75 -2.84
CA PHE A 36 -17.63 -2.02 -2.14
C PHE A 36 -19.11 -2.34 -1.95
N ALA A 37 -19.41 -3.62 -1.77
CA ALA A 37 -20.79 -4.10 -1.64
C ALA A 37 -21.58 -3.32 -0.60
N THR A 38 -21.00 -3.15 0.58
CA THR A 38 -21.65 -2.41 1.65
C THR A 38 -20.66 -1.47 2.31
N ARG A 39 -21.16 -0.55 3.14
CA ARG A 39 -20.30 0.36 3.87
C ARG A 39 -19.46 -0.43 4.87
N GLU A 40 -19.93 -1.64 5.19
CA GLU A 40 -19.19 -2.56 6.02
C GLU A 40 -17.88 -2.95 5.36
N GLU A 41 -18.00 -3.33 4.08
CA GLU A 41 -16.85 -3.74 3.28
C GLU A 41 -15.80 -2.63 3.21
N ALA A 42 -16.28 -1.39 3.30
CA ALA A 42 -15.39 -0.24 3.25
C ALA A 42 -14.53 -0.18 4.50
N GLU A 43 -15.18 -0.31 5.65
CA GLU A 43 -14.49 -0.38 6.93
C GLU A 43 -13.59 -1.60 7.00
N SER A 44 -14.05 -2.71 6.45
CA SER A 44 -13.28 -3.94 6.43
C SER A 44 -11.97 -3.76 5.68
N PHE A 45 -12.01 -3.01 4.58
CA PHE A 45 -10.82 -2.77 3.79
C PHE A 45 -9.90 -1.82 4.55
N MET A 46 -10.49 -0.84 5.20
CA MET A 46 -9.72 0.14 5.97
C MET A 46 -9.07 -0.50 7.18
N THR A 47 -9.70 -1.54 7.73
CA THR A 47 -9.18 -2.23 8.90
C THR A 47 -7.79 -2.82 8.63
N LYS A 48 -7.64 -3.52 7.52
CA LYS A 48 -6.36 -4.10 7.15
C LYS A 48 -5.38 -3.04 6.70
N LEU A 49 -5.93 -1.94 6.16
CA LEU A 49 -5.13 -0.78 5.77
C LEU A 49 -4.43 -0.15 6.98
N LYS A 50 -5.10 -0.18 8.13
CA LYS A 50 -4.52 0.32 9.38
C LYS A 50 -3.17 -0.33 9.65
N GLU A 51 -3.13 -1.66 9.55
CA GLU A 51 -1.93 -2.43 9.79
C GLU A 51 -0.84 -2.03 8.79
N LEU A 52 -1.23 -1.98 7.52
CA LEU A 52 -0.31 -1.68 6.42
C LEU A 52 0.29 -0.29 6.57
N ALA A 53 -0.57 0.70 6.76
CA ALA A 53 -0.13 2.09 6.86
C ALA A 53 0.87 2.28 8.00
N ALA A 54 0.64 1.56 9.10
CA ALA A 54 1.51 1.67 10.27
C ALA A 54 2.89 1.08 10.00
N ALA A 55 2.94 0.02 9.21
CA ALA A 55 4.20 -0.66 8.93
C ALA A 55 4.94 0.00 7.76
N ALA A 56 4.19 0.57 6.84
CA ALA A 56 4.77 1.14 5.63
C ALA A 56 5.43 2.49 5.87
N SER A 57 4.69 3.40 6.50
CA SER A 57 5.15 4.76 6.67
C SER A 57 6.15 4.86 7.81
N SER A 58 7.18 5.69 7.61
CA SER A 58 8.17 5.96 8.63
C SER A 58 7.58 6.84 9.72
N ALA A 59 6.40 7.40 9.46
CA ALA A 59 5.68 8.16 10.46
C ALA A 59 5.04 7.20 11.47
N ASP A 60 5.02 5.92 11.12
CA ASP A 60 4.57 4.83 11.99
C ASP A 60 3.06 4.81 12.18
N GLU A 61 2.46 5.99 12.27
CA GLU A 61 1.02 6.11 12.47
C GLU A 61 0.26 6.07 11.14
N GLY A 62 0.99 5.83 10.06
CA GLY A 62 0.35 5.73 8.75
C GLY A 62 0.35 7.04 7.99
N ALA A 63 1.06 8.02 8.53
CA ALA A 63 1.15 9.35 7.93
C ALA A 63 -0.21 10.04 7.92
N SER A 64 -0.36 11.07 7.09
CA SER A 64 -1.62 11.77 6.98
C SER A 64 -2.68 10.86 6.36
N VAL A 65 -3.63 10.45 7.18
CA VAL A 65 -4.66 9.53 6.72
C VAL A 65 -6.04 10.17 6.81
N ALA A 66 -6.74 10.17 5.68
CA ALA A 66 -8.11 10.64 5.62
C ALA A 66 -8.90 9.73 4.70
N TYR A 67 -10.15 9.47 5.02
CA TYR A 67 -10.98 8.61 4.19
C TYR A 67 -12.46 8.94 4.36
N LYS A 68 -13.22 8.67 3.32
CA LYS A 68 -14.67 8.84 3.37
C LYS A 68 -15.37 7.60 2.84
N ILE A 69 -16.62 7.47 3.20
CA ILE A 69 -17.46 6.39 2.72
C ILE A 69 -18.79 6.96 2.25
N LYS A 70 -18.98 7.05 0.95
CA LYS A 70 -20.22 7.59 0.41
C LYS A 70 -21.15 6.45 0.01
N ASP A 71 -22.34 6.45 0.56
CA ASP A 71 -23.31 5.41 0.31
C ASP A 71 -23.95 5.57 -1.07
N LEU A 72 -24.00 4.49 -1.81
CA LEU A 72 -24.64 4.47 -3.12
C LEU A 72 -25.67 3.36 -3.17
N GLU A 73 -26.24 3.12 -4.34
CA GLU A 73 -27.25 2.09 -4.48
C GLU A 73 -26.58 0.74 -4.70
N GLY A 74 -26.61 -0.10 -3.67
CA GLY A 74 -26.10 -1.44 -3.77
C GLY A 74 -24.61 -1.52 -3.53
N GLN A 75 -23.98 -0.39 -3.31
CA GLN A 75 -22.55 -0.33 -3.06
C GLN A 75 -22.18 1.00 -2.43
N VAL A 76 -20.95 1.12 -1.96
CA VAL A 76 -20.48 2.36 -1.39
C VAL A 76 -19.14 2.74 -1.98
N GLU A 77 -18.77 4.00 -1.85
CA GLU A 77 -17.49 4.48 -2.31
C GLU A 77 -16.53 4.65 -1.14
N LEU A 78 -15.49 3.83 -1.13
CA LEU A 78 -14.44 3.97 -0.14
C LEU A 78 -13.31 4.80 -0.75
N ASP A 79 -13.14 5.99 -0.22
CA ASP A 79 -12.17 6.93 -0.77
C ASP A 79 -11.11 7.25 0.27
N ALA A 80 -9.92 6.70 0.09
CA ALA A 80 -8.84 6.88 1.04
C ALA A 80 -7.76 7.79 0.49
N ALA A 81 -7.31 8.72 1.32
CA ALA A 81 -6.26 9.65 0.95
C ALA A 81 -5.13 9.61 1.98
N PHE A 82 -3.99 9.08 1.57
CA PHE A 82 -2.82 9.04 2.43
C PHE A 82 -1.76 10.00 1.91
N THR A 83 -0.92 10.52 2.79
CA THR A 83 0.20 11.35 2.37
C THR A 83 1.43 10.97 3.15
N PHE A 84 2.33 10.25 2.50
CA PHE A 84 3.49 9.67 3.17
C PHE A 84 4.66 10.62 3.19
N SER A 85 5.61 10.35 4.08
CA SER A 85 6.77 11.20 4.24
C SER A 85 7.69 11.12 3.03
N CYS A 86 7.73 9.96 2.40
CA CYS A 86 8.59 9.74 1.25
C CYS A 86 7.90 8.82 0.25
N GLN A 87 8.30 8.93 -1.01
CA GLN A 87 7.77 8.06 -2.04
C GLN A 87 8.23 6.61 -1.83
N ALA A 88 9.32 6.45 -1.08
CA ALA A 88 9.83 5.12 -0.75
C ALA A 88 8.75 4.29 -0.04
N GLU A 89 8.07 4.91 0.91
CA GLU A 89 6.99 4.26 1.64
C GLU A 89 5.69 4.30 0.84
N MET A 90 5.57 5.32 -0.02
CA MET A 90 4.41 5.47 -0.89
C MET A 90 4.29 4.28 -1.86
N ILE A 91 5.34 4.05 -2.65
CA ILE A 91 5.32 3.01 -3.67
C ILE A 91 5.06 1.63 -3.09
N ILE A 92 5.75 1.30 -2.00
CA ILE A 92 5.64 -0.02 -1.40
C ILE A 92 4.27 -0.21 -0.77
N PHE A 93 3.66 0.88 -0.31
CA PHE A 93 2.35 0.81 0.32
C PHE A 93 1.29 0.38 -0.68
N GLU A 94 1.22 1.07 -1.81
CA GLU A 94 0.21 0.79 -2.81
C GLU A 94 0.51 -0.52 -3.55
N LEU A 95 1.79 -0.86 -3.64
CA LEU A 95 2.17 -2.15 -4.20
C LEU A 95 1.71 -3.28 -3.27
N SER A 96 1.95 -3.10 -1.98
CA SER A 96 1.57 -4.10 -0.99
C SER A 96 0.05 -4.20 -0.87
N LEU A 97 -0.67 -3.16 -1.27
CA LEU A 97 -2.13 -3.22 -1.29
C LEU A 97 -2.60 -4.30 -2.27
N ARG A 98 -2.05 -4.24 -3.47
CA ARG A 98 -2.37 -5.20 -4.51
C ARG A 98 -1.75 -6.56 -4.21
N SER A 99 -0.62 -6.54 -3.52
CA SER A 99 0.15 -7.75 -3.28
C SER A 99 -0.13 -8.35 -1.90
N LEU A 100 -1.12 -7.83 -1.19
CA LEU A 100 -1.49 -8.39 0.10
C LEU A 100 -2.48 -9.52 -0.09
N ALA A 101 -3.24 -9.45 -1.17
CA ALA A 101 -4.15 -10.53 -1.53
C ALA A 101 -3.40 -11.54 -2.39
N LEU A 102 -2.30 -11.09 -2.98
CA LEU A 102 -1.48 -11.91 -3.84
C LEU A 102 -0.02 -11.82 -3.41
N GLU A 103 0.35 -12.66 -2.45
CA GLU A 103 1.70 -12.62 -1.89
C GLU A 103 2.73 -13.28 -2.79
N HIS A 104 2.34 -13.60 -4.02
CA HIS A 104 3.32 -14.01 -5.02
C HIS A 104 4.11 -12.79 -5.49
N HIS A 105 3.62 -11.62 -5.12
CA HIS A 105 4.35 -10.37 -5.37
C HIS A 105 4.88 -9.82 -4.06
N HIS A 106 5.90 -10.48 -3.51
CA HIS A 106 6.53 -10.01 -2.29
C HIS A 106 7.98 -10.48 -2.26
N HIS A 107 8.23 -11.62 -2.87
CA HIS A 107 9.58 -12.11 -3.08
C HIS A 107 10.06 -11.69 -4.47
N HIS A 108 11.35 -11.38 -4.56
CA HIS A 108 11.95 -10.85 -5.78
C HIS A 108 13.43 -10.59 -5.54
N HIS A 109 13.75 -10.37 -4.27
CA HIS A 109 15.11 -10.14 -3.83
C HIS A 109 15.55 -11.26 -2.91
N MET A 1 29.52 -50.20 -3.58
CA MET A 1 28.34 -49.59 -2.90
C MET A 1 28.80 -48.57 -1.88
N ALA A 2 28.68 -47.30 -2.23
CA ALA A 2 29.07 -46.20 -1.36
C ALA A 2 28.59 -44.87 -1.94
N MET A 3 27.33 -44.56 -1.72
CA MET A 3 26.75 -43.33 -2.23
C MET A 3 25.78 -42.74 -1.22
N LYS A 4 26.22 -41.68 -0.57
CA LYS A 4 25.38 -40.93 0.38
C LYS A 4 25.45 -39.46 0.05
N ASP A 5 25.58 -39.16 -1.24
CA ASP A 5 25.77 -37.79 -1.71
C ASP A 5 24.44 -37.06 -1.85
N VAL A 6 24.16 -36.23 -0.85
CA VAL A 6 22.99 -35.35 -0.84
C VAL A 6 23.37 -34.02 -0.22
N VAL A 7 24.59 -33.62 -0.47
CA VAL A 7 25.18 -32.46 0.19
C VAL A 7 24.83 -31.16 -0.53
N ASP A 8 23.78 -30.51 -0.07
CA ASP A 8 23.43 -29.17 -0.55
C ASP A 8 22.81 -28.40 0.58
N LYS A 9 23.04 -27.10 0.58
CA LYS A 9 22.57 -26.24 1.65
C LYS A 9 21.85 -25.04 1.07
N CYS A 10 20.54 -25.20 0.90
CA CYS A 10 19.71 -24.18 0.30
C CYS A 10 18.92 -23.43 1.38
N SER A 11 19.25 -22.17 1.55
CA SER A 11 18.52 -21.32 2.48
C SER A 11 18.43 -19.90 1.93
N THR A 12 17.36 -19.64 1.20
CA THR A 12 17.12 -18.34 0.63
C THR A 12 16.04 -17.61 1.41
N LYS A 13 16.31 -16.36 1.71
CA LYS A 13 15.35 -15.53 2.44
C LYS A 13 14.50 -14.74 1.46
N GLY A 14 15.14 -14.15 0.48
CA GLY A 14 14.45 -13.38 -0.52
C GLY A 14 14.48 -11.89 -0.25
N CYS A 15 13.32 -11.30 0.01
CA CYS A 15 13.19 -9.87 0.31
C CYS A 15 13.52 -9.00 -0.90
N ALA A 16 13.72 -9.64 -2.05
CA ALA A 16 14.10 -8.92 -3.26
C ALA A 16 12.88 -8.47 -4.04
N ILE A 17 12.50 -7.20 -3.85
CA ILE A 17 11.39 -6.58 -4.59
C ILE A 17 10.04 -7.15 -4.15
N ASP A 18 9.06 -6.28 -3.94
CA ASP A 18 7.73 -6.71 -3.51
C ASP A 18 7.03 -7.46 -4.64
N ILE A 19 6.95 -6.83 -5.80
CA ILE A 19 6.30 -7.43 -6.95
C ILE A 19 7.32 -7.76 -8.03
N GLY A 20 7.76 -6.70 -8.70
CA GLY A 20 8.65 -6.81 -9.83
C GLY A 20 8.45 -5.64 -10.76
N THR A 21 7.24 -5.12 -10.75
CA THR A 21 6.91 -3.91 -11.48
C THR A 21 7.23 -2.70 -10.61
N VAL A 22 7.95 -1.73 -11.16
CA VAL A 22 8.28 -0.53 -10.43
C VAL A 22 7.74 0.73 -11.11
N ILE A 23 7.94 1.87 -10.46
CA ILE A 23 7.46 3.15 -10.95
C ILE A 23 5.93 3.22 -10.95
N ASP A 24 5.37 3.42 -9.77
CA ASP A 24 3.94 3.63 -9.59
C ASP A 24 3.73 4.87 -8.75
N ASN A 25 4.75 5.73 -8.74
CA ASN A 25 4.75 6.91 -7.89
C ASN A 25 4.02 8.06 -8.55
N ASP A 26 3.63 9.04 -7.73
CA ASP A 26 2.88 10.20 -8.19
C ASP A 26 3.09 11.36 -7.23
N ASN A 27 2.66 11.17 -6.00
CA ASN A 27 2.87 12.14 -4.93
C ASN A 27 3.16 11.42 -3.63
N CYS A 28 3.21 12.15 -2.53
CA CYS A 28 3.37 11.53 -1.21
C CYS A 28 2.01 11.09 -0.69
N THR A 29 0.96 11.64 -1.30
CA THR A 29 -0.40 11.26 -0.98
C THR A 29 -0.96 10.37 -2.08
N SER A 30 -1.38 9.17 -1.71
CA SER A 30 -1.96 8.24 -2.65
C SER A 30 -3.46 8.17 -2.45
N LYS A 31 -4.22 8.24 -3.54
CA LYS A 31 -5.66 8.14 -3.47
C LYS A 31 -6.09 6.73 -3.84
N PHE A 32 -6.61 6.01 -2.86
CA PHE A 32 -6.97 4.63 -3.04
C PHE A 32 -8.48 4.45 -2.90
N SER A 33 -9.13 3.96 -3.95
CA SER A 33 -10.56 3.75 -3.92
C SER A 33 -10.91 2.27 -4.03
N ARG A 34 -11.91 1.87 -3.27
CA ARG A 34 -12.44 0.52 -3.31
C ARG A 34 -13.96 0.57 -3.22
N PHE A 35 -14.63 -0.32 -3.92
CA PHE A 35 -16.08 -0.32 -3.96
C PHE A 35 -16.64 -1.57 -3.31
N PHE A 36 -17.58 -1.37 -2.40
CA PHE A 36 -18.14 -2.47 -1.63
C PHE A 36 -19.66 -2.40 -1.63
N ALA A 37 -20.29 -3.42 -1.07
CA ALA A 37 -21.73 -3.47 -0.98
C ALA A 37 -22.26 -2.42 -0.02
N THR A 38 -21.81 -2.45 1.22
CA THR A 38 -22.26 -1.50 2.23
C THR A 38 -21.08 -0.76 2.82
N ARG A 39 -21.36 0.40 3.42
CA ARG A 39 -20.33 1.18 4.11
C ARG A 39 -19.63 0.31 5.16
N GLU A 40 -20.39 -0.62 5.73
CA GLU A 40 -19.85 -1.59 6.66
C GLU A 40 -18.68 -2.35 6.04
N GLU A 41 -18.93 -2.88 4.85
CA GLU A 41 -17.94 -3.63 4.10
C GLU A 41 -16.74 -2.75 3.75
N ALA A 42 -17.01 -1.45 3.61
CA ALA A 42 -15.97 -0.50 3.24
C ALA A 42 -15.06 -0.20 4.43
N GLU A 43 -15.67 0.09 5.58
CA GLU A 43 -14.91 0.39 6.78
C GLU A 43 -14.15 -0.84 7.27
N SER A 44 -14.65 -2.01 6.91
CA SER A 44 -13.99 -3.27 7.25
C SER A 44 -12.64 -3.38 6.54
N PHE A 45 -12.52 -2.75 5.38
CA PHE A 45 -11.29 -2.79 4.63
C PHE A 45 -10.30 -1.80 5.22
N MET A 46 -10.82 -0.69 5.71
CA MET A 46 -10.00 0.37 6.29
C MET A 46 -9.30 -0.12 7.57
N THR A 47 -9.98 -0.94 8.34
CA THR A 47 -9.44 -1.44 9.61
C THR A 47 -8.10 -2.15 9.41
N LYS A 48 -8.05 -3.09 8.49
CA LYS A 48 -6.83 -3.86 8.24
C LYS A 48 -5.78 -3.01 7.53
N LEU A 49 -6.24 -2.03 6.74
CA LEU A 49 -5.34 -1.14 6.02
C LEU A 49 -4.61 -0.19 6.97
N LYS A 50 -5.21 0.07 8.13
CA LYS A 50 -4.59 0.89 9.16
C LYS A 50 -3.23 0.32 9.56
N GLU A 51 -3.18 -0.99 9.73
CA GLU A 51 -1.95 -1.68 10.08
C GLU A 51 -0.93 -1.54 8.97
N LEU A 52 -1.39 -1.72 7.75
CA LEU A 52 -0.53 -1.67 6.58
C LEU A 52 0.05 -0.28 6.39
N ALA A 53 -0.78 0.75 6.56
CA ALA A 53 -0.34 2.13 6.38
C ALA A 53 0.77 2.49 7.35
N ALA A 54 0.63 2.08 8.61
CA ALA A 54 1.62 2.38 9.64
C ALA A 54 2.93 1.69 9.33
N ALA A 55 2.86 0.42 8.96
CA ALA A 55 4.04 -0.35 8.62
C ALA A 55 4.70 0.19 7.36
N ALA A 56 3.88 0.65 6.43
CA ALA A 56 4.36 1.22 5.19
C ALA A 56 5.16 2.49 5.44
N SER A 57 4.60 3.39 6.24
CA SER A 57 5.28 4.64 6.56
C SER A 57 6.56 4.35 7.34
N SER A 58 6.59 3.20 8.00
CA SER A 58 7.76 2.71 8.71
C SER A 58 8.11 3.61 9.90
N ALA A 59 7.22 4.53 10.21
CA ALA A 59 7.46 5.50 11.26
C ALA A 59 6.73 5.13 12.54
N ASP A 60 6.34 3.87 12.66
CA ASP A 60 5.68 3.33 13.85
C ASP A 60 4.28 3.93 14.04
N GLU A 61 4.26 5.19 14.44
CA GLU A 61 3.03 5.91 14.70
C GLU A 61 2.67 6.80 13.51
N GLY A 62 3.67 7.11 12.71
CA GLY A 62 3.49 7.98 11.57
C GLY A 62 2.55 7.38 10.53
N ALA A 63 1.41 8.04 10.33
CA ALA A 63 0.43 7.61 9.35
C ALA A 63 -0.67 8.66 9.23
N SER A 64 -0.91 9.14 8.03
CA SER A 64 -1.99 10.08 7.77
C SER A 64 -2.95 9.49 6.76
N VAL A 65 -4.20 9.32 7.17
CA VAL A 65 -5.20 8.77 6.28
C VAL A 65 -6.50 9.58 6.32
N ALA A 66 -6.83 10.19 5.20
CA ALA A 66 -8.09 10.90 5.07
C ALA A 66 -9.01 10.12 4.17
N TYR A 67 -9.89 9.33 4.75
CA TYR A 67 -10.75 8.46 3.98
C TYR A 67 -12.18 8.99 3.96
N LYS A 68 -12.77 8.96 2.79
CA LYS A 68 -14.16 9.32 2.60
C LYS A 68 -14.95 8.10 2.23
N ILE A 69 -16.13 7.99 2.79
CA ILE A 69 -17.00 6.86 2.52
C ILE A 69 -18.32 7.36 1.98
N LYS A 70 -18.54 7.18 0.70
CA LYS A 70 -19.75 7.70 0.09
C LYS A 70 -20.77 6.58 -0.09
N ASP A 71 -21.87 6.72 0.60
CA ASP A 71 -22.96 5.78 0.50
C ASP A 71 -23.70 6.01 -0.82
N LEU A 72 -23.44 5.13 -1.78
CA LEU A 72 -23.97 5.31 -3.12
C LEU A 72 -25.24 4.48 -3.32
N GLU A 73 -25.67 4.41 -4.55
CA GLU A 73 -26.85 3.65 -4.92
C GLU A 73 -26.48 2.21 -5.26
N GLY A 74 -26.72 1.32 -4.29
CA GLY A 74 -26.46 -0.10 -4.51
C GLY A 74 -25.06 -0.51 -4.10
N GLN A 75 -24.22 0.48 -3.83
CA GLN A 75 -22.83 0.23 -3.47
C GLN A 75 -22.28 1.41 -2.68
N VAL A 76 -21.03 1.31 -2.26
CA VAL A 76 -20.36 2.43 -1.61
C VAL A 76 -18.95 2.56 -2.14
N GLU A 77 -18.39 3.76 -2.05
CA GLU A 77 -17.01 3.95 -2.43
C GLU A 77 -16.17 4.33 -1.22
N LEU A 78 -15.12 3.57 -1.02
CA LEU A 78 -14.15 3.85 0.02
C LEU A 78 -12.99 4.58 -0.61
N ASP A 79 -12.90 5.86 -0.31
CA ASP A 79 -11.93 6.75 -0.95
C ASP A 79 -10.91 7.20 0.08
N ALA A 80 -9.75 6.58 0.10
CA ALA A 80 -8.76 6.85 1.12
C ALA A 80 -7.57 7.63 0.56
N ALA A 81 -7.29 8.75 1.17
CA ALA A 81 -6.10 9.52 0.87
C ALA A 81 -5.00 9.21 1.88
N PHE A 82 -4.06 8.37 1.48
CA PHE A 82 -2.96 7.99 2.34
C PHE A 82 -1.80 8.96 2.14
N THR A 83 -1.46 9.66 3.20
CA THR A 83 -0.42 10.67 3.13
C THR A 83 0.81 10.21 3.90
N PHE A 84 1.83 9.83 3.16
CA PHE A 84 3.07 9.38 3.76
C PHE A 84 4.07 10.52 3.79
N SER A 85 5.03 10.44 4.69
CA SER A 85 6.01 11.50 4.85
C SER A 85 7.13 11.35 3.83
N CYS A 86 7.21 10.18 3.23
CA CYS A 86 8.15 9.92 2.16
C CYS A 86 7.43 9.18 1.04
N GLN A 87 7.74 9.51 -0.20
CA GLN A 87 7.11 8.84 -1.34
C GLN A 87 7.53 7.38 -1.38
N ALA A 88 8.71 7.09 -0.83
CA ALA A 88 9.19 5.72 -0.72
C ALA A 88 8.18 4.87 0.06
N GLU A 89 7.65 5.44 1.14
CA GLU A 89 6.67 4.77 1.97
C GLU A 89 5.37 4.55 1.19
N MET A 90 5.08 5.47 0.28
CA MET A 90 3.87 5.41 -0.52
C MET A 90 3.96 4.30 -1.56
N ILE A 91 5.05 4.27 -2.31
CA ILE A 91 5.20 3.30 -3.38
C ILE A 91 5.34 1.88 -2.85
N ILE A 92 6.04 1.70 -1.73
CA ILE A 92 6.20 0.37 -1.15
C ILE A 92 4.85 -0.15 -0.66
N PHE A 93 4.00 0.79 -0.25
CA PHE A 93 2.64 0.46 0.17
C PHE A 93 1.82 0.02 -1.03
N GLU A 94 1.87 0.82 -2.09
CA GLU A 94 1.17 0.52 -3.33
C GLU A 94 1.58 -0.83 -3.91
N LEU A 95 2.87 -1.16 -3.79
CA LEU A 95 3.37 -2.43 -4.29
C LEU A 95 2.68 -3.61 -3.61
N SER A 96 2.70 -3.60 -2.28
CA SER A 96 2.08 -4.69 -1.51
C SER A 96 0.59 -4.79 -1.81
N LEU A 97 -0.05 -3.64 -2.05
CA LEU A 97 -1.47 -3.61 -2.39
C LEU A 97 -1.71 -4.33 -3.72
N ARG A 98 -0.81 -4.10 -4.67
CA ARG A 98 -0.92 -4.71 -5.99
C ARG A 98 -0.72 -6.22 -5.92
N SER A 99 0.24 -6.65 -5.11
CA SER A 99 0.49 -8.08 -4.92
C SER A 99 -0.71 -8.76 -4.26
N LEU A 100 -1.37 -8.03 -3.37
CA LEU A 100 -2.54 -8.56 -2.67
C LEU A 100 -3.76 -8.60 -3.59
N ALA A 101 -3.70 -7.82 -4.67
CA ALA A 101 -4.78 -7.76 -5.63
C ALA A 101 -4.61 -8.86 -6.69
N LEU A 102 -3.62 -9.71 -6.50
CA LEU A 102 -3.36 -10.80 -7.43
C LEU A 102 -4.08 -12.08 -7.02
N GLU A 103 -4.37 -12.22 -5.73
CA GLU A 103 -5.04 -13.40 -5.24
C GLU A 103 -6.55 -13.28 -5.37
N HIS A 104 -7.07 -12.06 -5.24
CA HIS A 104 -8.47 -11.79 -5.56
C HIS A 104 -8.55 -10.76 -6.68
N HIS A 105 -8.57 -11.27 -7.90
CA HIS A 105 -8.59 -10.43 -9.07
C HIS A 105 -9.56 -10.97 -10.11
N HIS A 106 -10.77 -10.42 -10.15
CA HIS A 106 -11.67 -10.70 -11.25
C HIS A 106 -11.09 -10.13 -12.53
N HIS A 107 -11.29 -10.83 -13.64
CA HIS A 107 -10.61 -10.51 -14.90
C HIS A 107 -10.76 -9.03 -15.26
N HIS A 108 -11.97 -8.51 -15.18
CA HIS A 108 -12.22 -7.10 -15.42
C HIS A 108 -13.50 -6.67 -14.70
N HIS A 109 -14.59 -7.32 -15.05
CA HIS A 109 -15.85 -7.14 -14.33
C HIS A 109 -16.34 -8.50 -13.88
N MET A 1 27.53 -5.32 -36.63
CA MET A 1 27.28 -6.32 -35.56
C MET A 1 28.44 -7.30 -35.47
N ALA A 2 29.35 -7.04 -34.54
CA ALA A 2 30.50 -7.89 -34.35
C ALA A 2 30.90 -7.93 -32.88
N MET A 3 30.45 -8.97 -32.18
CA MET A 3 30.77 -9.13 -30.77
C MET A 3 30.68 -10.61 -30.39
N LYS A 4 31.82 -11.19 -30.11
CA LYS A 4 31.90 -12.62 -29.81
C LYS A 4 31.61 -12.88 -28.33
N ASP A 5 31.95 -11.91 -27.50
CA ASP A 5 31.82 -12.07 -26.06
C ASP A 5 30.94 -10.97 -25.48
N VAL A 6 29.81 -11.38 -24.91
CA VAL A 6 28.90 -10.44 -24.27
C VAL A 6 29.20 -10.31 -22.78
N VAL A 7 29.29 -9.07 -22.31
CA VAL A 7 29.66 -8.81 -20.93
C VAL A 7 28.42 -8.45 -20.11
N ASP A 8 28.19 -9.22 -19.06
CA ASP A 8 27.08 -8.97 -18.14
C ASP A 8 27.37 -9.65 -16.81
N LYS A 9 27.46 -8.85 -15.78
CA LYS A 9 27.82 -9.36 -14.47
C LYS A 9 26.57 -9.64 -13.66
N CYS A 10 26.31 -10.90 -13.40
CA CYS A 10 25.12 -11.32 -12.68
C CYS A 10 25.48 -11.87 -11.30
N SER A 11 25.53 -11.00 -10.31
CA SER A 11 25.67 -11.43 -8.94
C SER A 11 24.30 -11.84 -8.42
N THR A 12 24.23 -12.93 -7.68
CA THR A 12 22.95 -13.49 -7.30
C THR A 12 22.31 -12.69 -6.15
N LYS A 13 21.60 -11.64 -6.50
CA LYS A 13 20.81 -10.89 -5.54
C LYS A 13 19.72 -10.10 -6.27
N GLY A 14 18.53 -10.66 -6.30
CA GLY A 14 17.40 -9.98 -6.88
C GLY A 14 16.41 -9.55 -5.83
N CYS A 15 16.92 -8.82 -4.84
CA CYS A 15 16.09 -8.38 -3.71
C CYS A 15 15.35 -7.10 -4.07
N ALA A 16 14.27 -7.25 -4.81
CA ALA A 16 13.45 -6.11 -5.22
C ALA A 16 11.98 -6.49 -5.21
N ILE A 17 11.27 -6.01 -4.20
CA ILE A 17 9.83 -6.23 -4.12
C ILE A 17 9.11 -5.21 -5.00
N ASP A 18 8.44 -5.71 -6.02
CA ASP A 18 7.78 -4.87 -6.99
C ASP A 18 6.73 -5.65 -7.77
N ILE A 19 5.57 -5.03 -7.93
CA ILE A 19 4.47 -5.63 -8.67
C ILE A 19 4.41 -5.07 -10.08
N GLY A 20 5.18 -4.01 -10.32
CA GLY A 20 5.17 -3.37 -11.62
C GLY A 20 4.43 -2.06 -11.62
N THR A 21 4.08 -1.59 -10.44
CA THR A 21 3.41 -0.31 -10.30
C THR A 21 4.45 0.80 -10.34
N VAL A 22 4.58 1.43 -11.49
CA VAL A 22 5.63 2.42 -11.68
C VAL A 22 5.05 3.84 -11.70
N ILE A 23 5.59 4.67 -10.82
CA ILE A 23 5.25 6.08 -10.78
C ILE A 23 6.54 6.89 -10.70
N ASP A 24 6.66 7.89 -11.59
CA ASP A 24 7.90 8.66 -11.69
C ASP A 24 8.13 9.49 -10.45
N ASN A 25 7.43 10.60 -10.35
CA ASN A 25 7.52 11.46 -9.18
C ASN A 25 6.30 12.38 -9.15
N ASP A 26 5.78 12.56 -7.97
CA ASP A 26 4.51 13.24 -7.76
C ASP A 26 4.45 13.73 -6.32
N ASN A 27 3.25 13.76 -5.76
CA ASN A 27 3.08 14.03 -4.34
C ASN A 27 3.21 12.73 -3.56
N CYS A 28 3.15 12.82 -2.25
CA CYS A 28 3.31 11.66 -1.38
C CYS A 28 1.96 11.21 -0.83
N THR A 29 0.90 11.76 -1.41
CA THR A 29 -0.45 11.39 -1.02
C THR A 29 -1.09 10.49 -2.06
N SER A 30 -1.48 9.30 -1.66
CA SER A 30 -2.09 8.35 -2.58
C SER A 30 -3.61 8.40 -2.44
N LYS A 31 -4.28 8.61 -3.55
CA LYS A 31 -5.74 8.57 -3.59
C LYS A 31 -6.19 7.24 -4.17
N PHE A 32 -6.80 6.43 -3.33
CA PHE A 32 -7.29 5.13 -3.75
C PHE A 32 -8.79 5.03 -3.54
N SER A 33 -9.53 4.86 -4.62
CA SER A 33 -10.98 4.78 -4.56
C SER A 33 -11.43 3.38 -4.98
N ARG A 34 -11.99 2.63 -4.06
CA ARG A 34 -12.46 1.28 -4.35
C ARG A 34 -13.93 1.16 -4.00
N PHE A 35 -14.68 0.56 -4.90
CA PHE A 35 -16.12 0.41 -4.70
C PHE A 35 -16.43 -0.91 -4.04
N PHE A 36 -17.20 -0.86 -2.97
CA PHE A 36 -17.56 -2.06 -2.22
C PHE A 36 -19.06 -2.23 -2.20
N ALA A 37 -19.51 -3.39 -1.74
CA ALA A 37 -20.94 -3.68 -1.66
C ALA A 37 -21.60 -2.84 -0.56
N THR A 38 -21.12 -2.98 0.66
CA THR A 38 -21.70 -2.27 1.78
C THR A 38 -20.68 -1.38 2.46
N ARG A 39 -21.17 -0.46 3.29
CA ARG A 39 -20.31 0.42 4.06
C ARG A 39 -19.51 -0.39 5.07
N GLU A 40 -20.03 -1.57 5.39
CA GLU A 40 -19.36 -2.50 6.29
C GLU A 40 -18.10 -3.03 5.62
N GLU A 41 -18.24 -3.42 4.36
CA GLU A 41 -17.12 -3.86 3.55
C GLU A 41 -16.05 -2.78 3.46
N ALA A 42 -16.49 -1.53 3.56
CA ALA A 42 -15.59 -0.39 3.46
C ALA A 42 -14.76 -0.25 4.74
N GLU A 43 -15.44 -0.24 5.88
CA GLU A 43 -14.76 -0.17 7.17
C GLU A 43 -13.87 -1.37 7.41
N SER A 44 -14.32 -2.52 6.95
CA SER A 44 -13.54 -3.74 7.08
C SER A 44 -12.25 -3.67 6.26
N PHE A 45 -12.29 -2.91 5.17
CA PHE A 45 -11.13 -2.74 4.33
C PHE A 45 -10.17 -1.73 4.95
N MET A 46 -10.72 -0.63 5.43
CA MET A 46 -9.93 0.48 5.97
C MET A 46 -9.26 0.10 7.28
N THR A 47 -9.96 -0.64 8.14
CA THR A 47 -9.41 -1.03 9.43
C THR A 47 -8.12 -1.85 9.28
N LYS A 48 -8.14 -2.82 8.36
CA LYS A 48 -6.95 -3.62 8.11
C LYS A 48 -5.91 -2.81 7.32
N LEU A 49 -6.40 -1.84 6.55
CA LEU A 49 -5.52 -0.91 5.83
C LEU A 49 -4.65 -0.12 6.81
N LYS A 50 -5.18 0.11 8.01
CA LYS A 50 -4.43 0.78 9.07
C LYS A 50 -3.17 -0.03 9.42
N GLU A 51 -3.29 -1.35 9.36
CA GLU A 51 -2.15 -2.22 9.59
C GLU A 51 -1.10 -2.02 8.50
N LEU A 52 -1.58 -1.93 7.27
CA LEU A 52 -0.71 -1.74 6.12
C LEU A 52 0.04 -0.41 6.20
N ALA A 53 -0.70 0.66 6.46
CA ALA A 53 -0.12 2.00 6.54
C ALA A 53 0.90 2.10 7.68
N ALA A 54 0.58 1.47 8.79
CA ALA A 54 1.44 1.49 9.96
C ALA A 54 2.80 0.86 9.66
N ALA A 55 2.78 -0.25 8.94
CA ALA A 55 3.99 -0.98 8.62
C ALA A 55 4.72 -0.35 7.44
N ALA A 56 3.97 0.32 6.57
CA ALA A 56 4.55 0.96 5.39
C ALA A 56 5.34 2.21 5.77
N SER A 57 4.71 3.11 6.50
CA SER A 57 5.34 4.37 6.87
C SER A 57 6.12 4.22 8.17
N SER A 58 5.39 3.99 9.25
CA SER A 58 5.96 3.85 10.59
C SER A 58 6.55 5.16 11.11
N ALA A 59 6.18 6.27 10.50
CA ALA A 59 6.64 7.59 10.93
C ALA A 59 6.20 7.86 12.37
N ASP A 60 4.94 8.22 12.55
CA ASP A 60 4.37 8.37 13.88
C ASP A 60 3.56 7.14 14.23
N GLU A 61 2.52 6.91 13.44
CA GLU A 61 1.72 5.71 13.54
C GLU A 61 1.66 5.04 12.17
N GLY A 62 1.95 5.81 11.13
CA GLY A 62 1.91 5.28 9.78
C GLY A 62 1.25 6.23 8.82
N ALA A 63 1.95 7.32 8.50
CA ALA A 63 1.46 8.33 7.55
C ALA A 63 0.20 9.01 8.06
N SER A 64 -0.38 9.85 7.21
CA SER A 64 -1.64 10.51 7.52
C SER A 64 -2.75 9.94 6.65
N VAL A 65 -3.79 9.44 7.28
CA VAL A 65 -4.90 8.83 6.54
C VAL A 65 -6.14 9.72 6.57
N ALA A 66 -6.54 10.16 5.39
CA ALA A 66 -7.80 10.86 5.23
C ALA A 66 -8.69 10.08 4.28
N TYR A 67 -9.62 9.32 4.84
CA TYR A 67 -10.45 8.46 4.03
C TYR A 67 -11.91 8.81 4.22
N LYS A 68 -12.74 8.44 3.25
CA LYS A 68 -14.17 8.60 3.36
C LYS A 68 -14.90 7.36 2.88
N ILE A 69 -16.15 7.28 3.27
CA ILE A 69 -17.04 6.21 2.84
C ILE A 69 -18.30 6.83 2.26
N LYS A 70 -18.43 6.81 0.95
CA LYS A 70 -19.58 7.40 0.29
C LYS A 70 -20.64 6.35 0.08
N ASP A 71 -21.79 6.58 0.70
CA ASP A 71 -22.90 5.65 0.59
C ASP A 71 -23.59 5.82 -0.75
N LEU A 72 -23.40 4.86 -1.63
CA LEU A 72 -23.93 4.94 -2.99
C LEU A 72 -25.18 4.09 -3.11
N GLU A 73 -25.70 3.99 -4.33
CA GLU A 73 -26.91 3.22 -4.57
C GLU A 73 -26.55 1.80 -5.02
N GLY A 74 -26.61 0.86 -4.09
CA GLY A 74 -26.30 -0.52 -4.39
C GLY A 74 -24.84 -0.85 -4.19
N GLN A 75 -24.11 0.12 -3.65
CA GLN A 75 -22.68 -0.03 -3.38
C GLN A 75 -22.19 1.14 -2.56
N VAL A 76 -20.91 1.15 -2.22
CA VAL A 76 -20.31 2.27 -1.52
C VAL A 76 -18.94 2.59 -2.11
N GLU A 77 -18.53 3.84 -1.95
CA GLU A 77 -17.23 4.27 -2.41
C GLU A 77 -16.27 4.41 -1.23
N LEU A 78 -15.26 3.57 -1.18
CA LEU A 78 -14.22 3.68 -0.18
C LEU A 78 -13.10 4.51 -0.75
N ASP A 79 -12.96 5.72 -0.25
CA ASP A 79 -12.00 6.68 -0.81
C ASP A 79 -10.90 6.95 0.19
N ALA A 80 -9.70 6.52 -0.12
CA ALA A 80 -8.59 6.66 0.79
C ALA A 80 -7.55 7.64 0.26
N ALA A 81 -7.06 8.49 1.14
CA ALA A 81 -5.96 9.39 0.83
C ALA A 81 -4.89 9.27 1.91
N PHE A 82 -3.78 8.64 1.57
CA PHE A 82 -2.69 8.45 2.51
C PHE A 82 -1.53 9.38 2.17
N THR A 83 -1.23 10.29 3.07
CA THR A 83 -0.11 11.19 2.91
C THR A 83 1.11 10.66 3.67
N PHE A 84 2.09 10.17 2.93
CA PHE A 84 3.30 9.62 3.53
C PHE A 84 4.35 10.71 3.67
N SER A 85 5.44 10.39 4.35
CA SER A 85 6.52 11.34 4.57
C SER A 85 7.30 11.53 3.27
N CYS A 86 7.64 10.43 2.63
CA CYS A 86 8.29 10.44 1.34
C CYS A 86 7.62 9.44 0.41
N GLN A 87 7.81 9.63 -0.89
CA GLN A 87 7.17 8.78 -1.90
C GLN A 87 7.61 7.32 -1.76
N ALA A 88 8.76 7.10 -1.15
CA ALA A 88 9.27 5.74 -0.92
C ALA A 88 8.26 4.90 -0.14
N GLU A 89 7.62 5.52 0.84
CA GLU A 89 6.62 4.85 1.67
C GLU A 89 5.34 4.63 0.88
N MET A 90 5.08 5.51 -0.08
CA MET A 90 3.86 5.43 -0.87
C MET A 90 3.94 4.30 -1.90
N ILE A 91 5.06 4.23 -2.60
CA ILE A 91 5.23 3.22 -3.63
C ILE A 91 5.23 1.81 -3.05
N ILE A 92 5.86 1.60 -1.90
CA ILE A 92 5.87 0.30 -1.25
C ILE A 92 4.46 -0.04 -0.77
N PHE A 93 3.70 0.98 -0.40
CA PHE A 93 2.34 0.81 0.06
C PHE A 93 1.45 0.35 -1.10
N GLU A 94 1.58 1.02 -2.23
CA GLU A 94 0.84 0.64 -3.44
C GLU A 94 1.11 -0.81 -3.83
N LEU A 95 2.37 -1.20 -3.78
CA LEU A 95 2.77 -2.57 -4.09
C LEU A 95 2.12 -3.55 -3.12
N SER A 96 2.18 -3.21 -1.83
CA SER A 96 1.63 -4.06 -0.79
C SER A 96 0.11 -4.23 -0.96
N LEU A 97 -0.54 -3.18 -1.47
CA LEU A 97 -1.97 -3.23 -1.75
C LEU A 97 -2.28 -4.30 -2.79
N ARG A 98 -1.50 -4.31 -3.86
CA ARG A 98 -1.67 -5.30 -4.92
C ARG A 98 -1.37 -6.70 -4.41
N SER A 99 -0.33 -6.80 -3.59
CA SER A 99 0.10 -8.07 -3.04
C SER A 99 -0.89 -8.60 -1.99
N LEU A 100 -1.83 -7.76 -1.59
CA LEU A 100 -2.83 -8.17 -0.62
C LEU A 100 -4.05 -8.74 -1.33
N ALA A 101 -4.58 -7.97 -2.28
CA ALA A 101 -5.71 -8.41 -3.08
C ALA A 101 -5.31 -9.60 -3.94
N LEU A 102 -4.05 -9.60 -4.36
CA LEU A 102 -3.50 -10.70 -5.12
C LEU A 102 -2.11 -11.04 -4.60
N GLU A 103 -2.05 -11.97 -3.65
CA GLU A 103 -0.77 -12.41 -3.11
C GLU A 103 -0.08 -13.37 -4.07
N HIS A 104 1.25 -13.34 -4.06
CA HIS A 104 2.06 -14.17 -4.96
C HIS A 104 1.83 -13.75 -6.40
N HIS A 105 2.27 -14.60 -7.34
CA HIS A 105 2.15 -14.33 -8.78
C HIS A 105 3.12 -13.24 -9.22
N HIS A 106 3.38 -13.21 -10.53
CA HIS A 106 4.20 -12.18 -11.18
C HIS A 106 5.63 -12.13 -10.62
N HIS A 107 6.11 -13.25 -10.10
CA HIS A 107 7.49 -13.33 -9.62
C HIS A 107 8.45 -13.52 -10.78
N HIS A 108 8.50 -12.53 -11.66
CA HIS A 108 9.39 -12.57 -12.81
C HIS A 108 10.15 -11.25 -12.94
N HIS A 109 11.44 -11.31 -12.66
CA HIS A 109 12.33 -10.18 -12.85
C HIS A 109 13.69 -10.69 -13.32
N MET A 1 47.57 2.00 25.81
CA MET A 1 46.21 1.57 25.38
C MET A 1 46.11 1.54 23.87
N ALA A 2 45.94 0.36 23.31
CA ALA A 2 45.78 0.22 21.87
C ALA A 2 44.56 -0.62 21.55
N MET A 3 43.39 -0.06 21.78
CA MET A 3 42.14 -0.77 21.52
C MET A 3 41.01 0.22 21.24
N LYS A 4 40.40 0.08 20.07
CA LYS A 4 39.22 0.86 19.72
C LYS A 4 38.46 0.19 18.58
N ASP A 5 38.61 -1.13 18.49
CA ASP A 5 37.94 -1.90 17.45
C ASP A 5 36.43 -1.91 17.70
N VAL A 6 35.66 -1.89 16.62
CA VAL A 6 34.21 -1.82 16.74
C VAL A 6 33.56 -3.01 16.04
N VAL A 7 32.56 -3.57 16.69
CA VAL A 7 31.80 -4.66 16.11
C VAL A 7 30.31 -4.33 16.11
N ASP A 8 29.71 -4.39 14.93
CA ASP A 8 28.28 -4.16 14.80
C ASP A 8 27.69 -5.16 13.83
N LYS A 9 26.41 -5.41 13.98
CA LYS A 9 25.73 -6.43 13.22
C LYS A 9 24.80 -5.79 12.20
N CYS A 10 24.96 -6.14 10.94
CA CYS A 10 24.09 -5.65 9.89
C CYS A 10 24.04 -6.66 8.75
N SER A 11 23.06 -7.54 8.80
CA SER A 11 22.85 -8.53 7.76
C SER A 11 21.37 -8.88 7.68
N THR A 12 20.63 -8.12 6.90
CA THR A 12 19.19 -8.30 6.81
C THR A 12 18.67 -7.99 5.42
N LYS A 13 18.01 -8.96 4.83
CA LYS A 13 17.34 -8.79 3.54
C LYS A 13 15.95 -9.39 3.64
N GLY A 14 15.07 -9.06 2.70
CA GLY A 14 13.72 -9.58 2.77
C GLY A 14 12.80 -9.01 1.72
N CYS A 15 13.35 -8.33 0.72
CA CYS A 15 12.54 -7.82 -0.37
C CYS A 15 12.38 -8.91 -1.42
N ALA A 16 11.27 -9.63 -1.35
CA ALA A 16 11.08 -10.82 -2.16
C ALA A 16 10.48 -10.51 -3.53
N ILE A 17 9.60 -9.54 -3.59
CA ILE A 17 8.88 -9.25 -4.81
C ILE A 17 9.07 -7.82 -5.31
N ASP A 18 8.70 -7.61 -6.56
CA ASP A 18 8.65 -6.28 -7.15
C ASP A 18 7.53 -6.24 -8.19
N ILE A 19 6.61 -5.31 -8.02
CA ILE A 19 5.46 -5.21 -8.91
C ILE A 19 5.67 -4.10 -9.94
N GLY A 20 6.64 -3.23 -9.67
CA GLY A 20 6.88 -2.09 -10.54
C GLY A 20 5.69 -1.14 -10.57
N THR A 21 5.05 -0.97 -9.43
CA THR A 21 3.87 -0.13 -9.34
C THR A 21 4.26 1.35 -9.22
N VAL A 22 4.60 1.93 -10.35
CA VAL A 22 4.92 3.33 -10.43
C VAL A 22 4.07 4.00 -11.51
N ILE A 23 2.89 4.44 -11.11
CA ILE A 23 1.95 5.05 -12.05
C ILE A 23 1.03 6.03 -11.32
N ASP A 24 0.94 7.24 -11.86
CA ASP A 24 0.10 8.31 -11.31
C ASP A 24 0.54 8.69 -9.90
N ASN A 25 1.44 9.65 -9.82
CA ASN A 25 1.93 10.13 -8.53
C ASN A 25 2.55 11.51 -8.70
N ASP A 26 2.64 12.24 -7.60
CA ASP A 26 3.27 13.56 -7.58
C ASP A 26 3.72 13.87 -6.17
N ASN A 27 2.76 13.86 -5.26
CA ASN A 27 3.03 13.98 -3.85
C ASN A 27 3.17 12.60 -3.23
N CYS A 28 3.23 12.55 -1.92
CA CYS A 28 3.36 11.29 -1.22
C CYS A 28 2.03 10.91 -0.60
N THR A 29 1.06 10.63 -1.45
CA THR A 29 -0.28 10.24 -1.01
C THR A 29 -0.90 9.21 -1.95
N SER A 30 -1.33 8.11 -1.35
CA SER A 30 -2.01 7.06 -2.07
C SER A 30 -3.52 7.23 -1.90
N LYS A 31 -4.16 7.70 -2.95
CA LYS A 31 -5.61 7.88 -2.94
C LYS A 31 -6.28 6.69 -3.62
N PHE A 32 -7.01 5.95 -2.84
CA PHE A 32 -7.67 4.74 -3.29
C PHE A 32 -9.19 4.89 -3.20
N SER A 33 -9.85 4.81 -4.34
CA SER A 33 -11.29 4.87 -4.40
C SER A 33 -11.85 3.57 -4.97
N ARG A 34 -12.64 2.86 -4.18
CA ARG A 34 -13.24 1.62 -4.64
C ARG A 34 -14.64 1.49 -4.08
N PHE A 35 -15.55 0.96 -4.88
CA PHE A 35 -16.93 0.82 -4.47
C PHE A 35 -17.12 -0.51 -3.76
N PHE A 36 -17.85 -0.50 -2.66
CA PHE A 36 -18.10 -1.71 -1.89
C PHE A 36 -19.59 -1.94 -1.73
N ALA A 37 -19.96 -3.17 -1.35
CA ALA A 37 -21.35 -3.57 -1.21
C ALA A 37 -22.12 -2.65 -0.26
N THR A 38 -21.56 -2.43 0.92
CA THR A 38 -22.17 -1.55 1.91
C THR A 38 -21.12 -0.73 2.62
N ARG A 39 -21.57 0.24 3.41
CA ARG A 39 -20.67 1.10 4.18
C ARG A 39 -19.83 0.24 5.13
N GLU A 40 -20.39 -0.90 5.53
CA GLU A 40 -19.69 -1.85 6.39
C GLU A 40 -18.46 -2.40 5.70
N GLU A 41 -18.62 -2.76 4.44
CA GLU A 41 -17.54 -3.32 3.64
C GLU A 41 -16.39 -2.33 3.52
N ALA A 42 -16.72 -1.05 3.60
CA ALA A 42 -15.73 0.01 3.48
C ALA A 42 -14.84 0.04 4.73
N GLU A 43 -15.48 0.07 5.89
CA GLU A 43 -14.78 0.01 7.16
C GLU A 43 -13.98 -1.29 7.28
N SER A 44 -14.53 -2.35 6.73
CA SER A 44 -13.91 -3.66 6.77
C SER A 44 -12.59 -3.69 6.00
N PHE A 45 -12.47 -2.86 4.98
CA PHE A 45 -11.25 -2.82 4.19
C PHE A 45 -10.23 -1.90 4.83
N MET A 46 -10.73 -0.89 5.54
CA MET A 46 -9.87 0.15 6.10
C MET A 46 -9.07 -0.36 7.30
N THR A 47 -9.72 -1.14 8.16
CA THR A 47 -9.10 -1.60 9.40
C THR A 47 -7.73 -2.27 9.17
N LYS A 48 -7.71 -3.30 8.33
CA LYS A 48 -6.48 -4.02 8.06
C LYS A 48 -5.47 -3.16 7.28
N LEU A 49 -5.98 -2.20 6.53
CA LEU A 49 -5.12 -1.29 5.78
C LEU A 49 -4.41 -0.32 6.72
N LYS A 50 -5.04 -0.01 7.84
CA LYS A 50 -4.43 0.84 8.86
C LYS A 50 -3.12 0.22 9.36
N GLU A 51 -3.16 -1.10 9.57
CA GLU A 51 -1.99 -1.85 10.03
C GLU A 51 -0.86 -1.72 9.00
N LEU A 52 -1.24 -1.81 7.74
CA LEU A 52 -0.28 -1.73 6.64
C LEU A 52 0.28 -0.32 6.49
N ALA A 53 -0.61 0.68 6.55
CA ALA A 53 -0.24 2.08 6.34
C ALA A 53 0.75 2.56 7.39
N ALA A 54 0.53 2.16 8.64
CA ALA A 54 1.40 2.57 9.74
C ALA A 54 2.82 2.08 9.52
N ALA A 55 2.96 0.81 9.15
CA ALA A 55 4.27 0.21 8.95
C ALA A 55 4.90 0.66 7.64
N ALA A 56 4.07 1.21 6.74
CA ALA A 56 4.53 1.67 5.45
C ALA A 56 5.44 2.90 5.60
N SER A 57 5.11 3.77 6.55
CA SER A 57 5.90 4.97 6.80
C SER A 57 6.79 4.80 8.02
N SER A 58 6.38 3.94 8.94
CA SER A 58 7.14 3.59 10.14
C SER A 58 7.23 4.74 11.16
N ALA A 59 6.94 5.96 10.72
CA ALA A 59 7.04 7.12 11.59
C ALA A 59 5.84 7.22 12.53
N ASP A 60 5.80 6.32 13.51
CA ASP A 60 4.76 6.29 14.56
C ASP A 60 3.36 6.17 13.99
N GLU A 61 2.77 7.29 13.62
CA GLU A 61 1.43 7.35 13.10
C GLU A 61 1.42 7.03 11.62
N GLY A 62 2.57 7.19 10.99
CA GLY A 62 2.65 7.14 9.55
C GLY A 62 2.45 8.52 8.99
N ALA A 63 1.23 8.79 8.55
CA ALA A 63 0.85 10.13 8.10
C ALA A 63 -0.65 10.24 7.94
N SER A 64 -1.11 11.32 7.32
CA SER A 64 -2.54 11.61 7.21
C SER A 64 -3.31 10.48 6.54
N VAL A 65 -4.33 10.01 7.23
CA VAL A 65 -5.26 9.06 6.65
C VAL A 65 -6.68 9.61 6.73
N ALA A 66 -7.25 9.85 5.57
CA ALA A 66 -8.59 10.38 5.48
C ALA A 66 -9.39 9.56 4.48
N TYR A 67 -10.41 8.89 4.95
CA TYR A 67 -11.22 8.06 4.08
C TYR A 67 -12.69 8.46 4.17
N LYS A 68 -13.33 8.50 3.01
CA LYS A 68 -14.75 8.78 2.94
C LYS A 68 -15.50 7.52 2.64
N ILE A 69 -16.70 7.46 3.16
CA ILE A 69 -17.63 6.41 2.81
C ILE A 69 -18.89 7.07 2.28
N LYS A 70 -19.05 7.06 0.96
CA LYS A 70 -20.18 7.74 0.36
C LYS A 70 -21.35 6.79 0.25
N ASP A 71 -22.41 7.15 0.92
CA ASP A 71 -23.63 6.36 0.94
C ASP A 71 -24.29 6.39 -0.44
N LEU A 72 -24.30 5.25 -1.09
CA LEU A 72 -24.99 5.11 -2.37
C LEU A 72 -26.12 4.12 -2.25
N GLU A 73 -26.84 3.91 -3.33
CA GLU A 73 -27.94 2.97 -3.33
C GLU A 73 -27.43 1.58 -3.66
N GLY A 74 -27.37 0.72 -2.66
CA GLY A 74 -27.00 -0.66 -2.90
C GLY A 74 -25.50 -0.88 -2.82
N GLN A 75 -24.76 0.21 -2.61
CA GLN A 75 -23.31 0.15 -2.52
C GLN A 75 -22.78 1.45 -1.94
N VAL A 76 -21.47 1.55 -1.75
CA VAL A 76 -20.85 2.77 -1.26
C VAL A 76 -19.52 3.01 -1.96
N GLU A 77 -19.04 4.23 -1.88
CA GLU A 77 -17.72 4.57 -2.40
C GLU A 77 -16.75 4.76 -1.24
N LEU A 78 -15.74 3.92 -1.18
CA LEU A 78 -14.68 4.05 -0.19
C LEU A 78 -13.51 4.81 -0.81
N ASP A 79 -13.26 6.00 -0.30
CA ASP A 79 -12.21 6.87 -0.83
C ASP A 79 -11.20 7.19 0.25
N ALA A 80 -10.03 6.59 0.17
CA ALA A 80 -9.02 6.76 1.20
C ALA A 80 -7.76 7.41 0.63
N ALA A 81 -7.37 8.53 1.23
CA ALA A 81 -6.13 9.20 0.85
C ALA A 81 -5.09 9.02 1.95
N PHE A 82 -4.14 8.13 1.72
CA PHE A 82 -3.08 7.86 2.68
C PHE A 82 -1.86 8.71 2.38
N THR A 83 -1.36 9.43 3.36
CA THR A 83 -0.18 10.24 3.17
C THR A 83 1.04 9.49 3.68
N PHE A 84 2.18 9.69 3.04
CA PHE A 84 3.40 9.03 3.46
C PHE A 84 4.48 10.08 3.73
N SER A 85 5.35 9.78 4.69
CA SER A 85 6.44 10.70 5.04
C SER A 85 7.43 10.83 3.88
N CYS A 86 7.55 9.78 3.09
CA CYS A 86 8.48 9.76 1.97
C CYS A 86 7.79 9.15 0.76
N GLN A 87 8.35 9.38 -0.43
CA GLN A 87 7.81 8.80 -1.64
C GLN A 87 8.17 7.32 -1.72
N ALA A 88 9.27 6.96 -1.07
CA ALA A 88 9.65 5.56 -0.95
C ALA A 88 8.53 4.77 -0.26
N GLU A 89 7.99 5.36 0.81
CA GLU A 89 6.90 4.73 1.56
C GLU A 89 5.68 4.58 0.65
N MET A 90 5.47 5.59 -0.18
CA MET A 90 4.38 5.60 -1.16
C MET A 90 4.42 4.35 -2.04
N ILE A 91 5.53 4.16 -2.73
CA ILE A 91 5.65 3.09 -3.70
C ILE A 91 5.72 1.70 -3.07
N ILE A 92 6.39 1.58 -1.92
CA ILE A 92 6.50 0.28 -1.26
C ILE A 92 5.14 -0.19 -0.75
N PHE A 93 4.29 0.77 -0.40
CA PHE A 93 2.93 0.47 0.03
C PHE A 93 2.13 -0.06 -1.17
N GLU A 94 2.23 0.65 -2.28
CA GLU A 94 1.58 0.25 -3.52
C GLU A 94 2.01 -1.15 -3.94
N LEU A 95 3.32 -1.41 -3.90
CA LEU A 95 3.86 -2.72 -4.25
C LEU A 95 3.22 -3.82 -3.40
N SER A 96 3.12 -3.55 -2.11
CA SER A 96 2.57 -4.51 -1.17
C SER A 96 1.09 -4.79 -1.45
N LEU A 97 0.35 -3.75 -1.82
CA LEU A 97 -1.08 -3.89 -2.11
C LEU A 97 -1.31 -4.82 -3.28
N ARG A 98 -0.47 -4.71 -4.30
CA ARG A 98 -0.60 -5.53 -5.50
C ARG A 98 -0.12 -6.95 -5.21
N SER A 99 0.83 -7.07 -4.29
CA SER A 99 1.31 -8.39 -3.88
C SER A 99 0.30 -9.06 -2.95
N LEU A 100 -0.80 -8.36 -2.68
CA LEU A 100 -1.82 -8.85 -1.77
C LEU A 100 -3.08 -9.23 -2.54
N ALA A 101 -3.76 -8.22 -3.08
CA ALA A 101 -5.05 -8.43 -3.73
C ALA A 101 -4.95 -8.51 -5.25
N LEU A 102 -3.98 -7.80 -5.81
CA LEU A 102 -3.82 -7.74 -7.26
C LEU A 102 -2.63 -8.59 -7.71
N GLU A 103 -2.62 -9.84 -7.24
CA GLU A 103 -1.50 -10.75 -7.43
C GLU A 103 -1.13 -10.89 -8.89
N HIS A 104 -2.10 -11.25 -9.71
CA HIS A 104 -1.88 -11.33 -11.15
C HIS A 104 -1.97 -9.93 -11.75
N HIS A 105 -0.82 -9.35 -12.04
CA HIS A 105 -0.76 -7.98 -12.51
C HIS A 105 0.04 -7.88 -13.80
N HIS A 106 -0.63 -8.14 -14.91
CA HIS A 106 -0.03 -7.92 -16.21
C HIS A 106 -0.34 -6.51 -16.67
N HIS A 107 0.60 -5.60 -16.45
CA HIS A 107 0.41 -4.20 -16.83
C HIS A 107 1.77 -3.59 -17.16
N HIS A 108 2.10 -3.57 -18.45
CA HIS A 108 3.40 -3.09 -18.91
C HIS A 108 4.50 -4.04 -18.47
N HIS A 109 4.93 -4.90 -19.40
CA HIS A 109 5.96 -5.89 -19.10
C HIS A 109 7.20 -5.24 -18.51
N MET A 1 54.60 -11.47 14.01
CA MET A 1 53.81 -11.10 12.82
C MET A 1 52.74 -12.15 12.54
N ALA A 2 51.48 -11.73 12.51
CA ALA A 2 50.36 -12.62 12.28
C ALA A 2 49.07 -11.84 12.08
N MET A 3 48.11 -12.45 11.39
CA MET A 3 46.80 -11.87 11.21
C MET A 3 45.75 -12.84 11.71
N LYS A 4 44.71 -12.32 12.34
CA LYS A 4 43.70 -13.17 12.95
C LYS A 4 42.36 -12.44 13.08
N ASP A 5 41.44 -12.78 12.18
CA ASP A 5 40.08 -12.26 12.26
C ASP A 5 39.10 -13.35 11.85
N VAL A 6 37.84 -13.21 12.25
CA VAL A 6 36.82 -14.21 11.93
C VAL A 6 35.57 -13.53 11.43
N VAL A 7 34.72 -14.28 10.75
CA VAL A 7 33.47 -13.73 10.23
C VAL A 7 32.29 -14.63 10.60
N ASP A 8 31.25 -14.01 11.13
CA ASP A 8 30.01 -14.71 11.43
C ASP A 8 28.82 -13.77 11.23
N LYS A 9 28.14 -13.94 10.11
CA LYS A 9 27.03 -13.08 9.73
C LYS A 9 26.13 -13.78 8.73
N CYS A 10 24.92 -14.11 9.16
CA CYS A 10 23.97 -14.80 8.30
C CYS A 10 22.55 -14.29 8.58
N SER A 11 22.47 -13.04 9.01
CA SER A 11 21.19 -12.41 9.29
C SER A 11 20.55 -11.91 8.00
N THR A 12 19.66 -12.72 7.43
CA THR A 12 19.00 -12.35 6.19
C THR A 12 17.63 -13.05 6.06
N LYS A 13 16.58 -12.29 6.35
CA LYS A 13 15.22 -12.77 6.15
C LYS A 13 14.30 -11.58 5.90
N GLY A 14 13.31 -11.79 5.05
CA GLY A 14 12.37 -10.73 4.73
C GLY A 14 11.64 -10.99 3.42
N CYS A 15 11.60 -12.25 3.00
CA CYS A 15 10.92 -12.62 1.78
C CYS A 15 9.41 -12.71 2.03
N ALA A 16 8.67 -11.75 1.51
CA ALA A 16 7.23 -11.68 1.74
C ALA A 16 6.53 -10.97 0.59
N ILE A 17 7.01 -9.78 0.24
CA ILE A 17 6.37 -8.98 -0.78
C ILE A 17 6.64 -9.56 -2.18
N ASP A 18 5.56 -9.81 -2.91
CA ASP A 18 5.65 -10.44 -4.22
C ASP A 18 4.76 -9.72 -5.23
N ILE A 19 5.31 -8.69 -5.87
CA ILE A 19 4.59 -7.97 -6.90
C ILE A 19 5.48 -7.72 -8.11
N GLY A 20 5.05 -8.25 -9.24
CA GLY A 20 5.72 -8.00 -10.49
C GLY A 20 5.13 -6.81 -11.21
N THR A 21 4.93 -5.74 -10.47
CA THR A 21 4.32 -4.54 -11.00
C THR A 21 5.10 -3.30 -10.55
N VAL A 22 5.45 -2.44 -11.50
CA VAL A 22 6.23 -1.26 -11.19
C VAL A 22 5.41 0.02 -11.43
N ILE A 23 5.98 1.14 -11.00
CA ILE A 23 5.34 2.44 -11.17
C ILE A 23 6.42 3.51 -11.26
N ASP A 24 6.17 4.55 -12.05
CA ASP A 24 7.14 5.62 -12.23
C ASP A 24 7.17 6.54 -11.01
N ASN A 25 6.23 7.48 -10.98
CA ASN A 25 6.17 8.47 -9.90
C ASN A 25 4.87 9.24 -9.96
N ASP A 26 4.42 9.72 -8.81
CA ASP A 26 3.23 10.56 -8.74
C ASP A 26 3.45 11.69 -7.76
N ASN A 27 3.19 11.42 -6.48
CA ASN A 27 3.39 12.39 -5.41
C ASN A 27 3.83 11.65 -4.15
N CYS A 28 3.58 12.22 -2.99
CA CYS A 28 3.82 11.53 -1.74
C CYS A 28 2.48 11.21 -1.06
N THR A 29 1.40 11.54 -1.75
CA THR A 29 0.05 11.25 -1.27
C THR A 29 -0.64 10.28 -2.22
N SER A 30 -1.06 9.13 -1.69
CA SER A 30 -1.71 8.11 -2.50
C SER A 30 -3.21 8.11 -2.25
N LYS A 31 -3.98 8.19 -3.32
CA LYS A 31 -5.43 8.11 -3.24
C LYS A 31 -5.88 6.70 -3.60
N PHE A 32 -6.69 6.10 -2.74
CA PHE A 32 -7.26 4.79 -3.03
C PHE A 32 -8.78 4.90 -3.03
N SER A 33 -9.39 4.59 -4.18
CA SER A 33 -10.83 4.66 -4.30
C SER A 33 -11.38 3.35 -4.87
N ARG A 34 -12.18 2.65 -4.08
CA ARG A 34 -12.77 1.38 -4.52
C ARG A 34 -14.23 1.31 -4.10
N PHE A 35 -15.05 0.74 -4.96
CA PHE A 35 -16.47 0.61 -4.66
C PHE A 35 -16.76 -0.72 -3.97
N PHE A 36 -17.71 -0.70 -3.04
CA PHE A 36 -18.10 -1.91 -2.34
C PHE A 36 -19.61 -2.05 -2.30
N ALA A 37 -20.09 -3.27 -2.13
CA ALA A 37 -21.51 -3.55 -2.10
C ALA A 37 -22.19 -2.89 -0.91
N THR A 38 -21.58 -3.01 0.25
CA THR A 38 -22.13 -2.43 1.47
C THR A 38 -21.15 -1.43 2.05
N ARG A 39 -21.66 -0.47 2.80
CA ARG A 39 -20.81 0.50 3.49
C ARG A 39 -19.86 -0.22 4.45
N GLU A 40 -20.36 -1.29 5.05
CA GLU A 40 -19.59 -2.10 5.98
C GLU A 40 -18.38 -2.72 5.30
N GLU A 41 -18.57 -3.13 4.05
CA GLU A 41 -17.50 -3.67 3.23
C GLU A 41 -16.33 -2.71 3.16
N ALA A 42 -16.64 -1.43 3.19
CA ALA A 42 -15.62 -0.39 3.12
C ALA A 42 -14.91 -0.25 4.46
N GLU A 43 -15.71 -0.28 5.54
CA GLU A 43 -15.18 -0.20 6.90
C GLU A 43 -14.20 -1.34 7.16
N SER A 44 -14.63 -2.54 6.81
CA SER A 44 -13.84 -3.74 7.01
C SER A 44 -12.55 -3.70 6.19
N PHE A 45 -12.60 -3.05 5.04
CA PHE A 45 -11.44 -2.99 4.16
C PHE A 45 -10.40 -2.02 4.70
N MET A 46 -10.88 -0.93 5.28
CA MET A 46 -9.99 0.10 5.82
C MET A 46 -9.18 -0.44 7.00
N THR A 47 -9.72 -1.45 7.67
CA THR A 47 -9.07 -2.02 8.85
C THR A 47 -7.68 -2.56 8.54
N LYS A 48 -7.59 -3.34 7.47
CA LYS A 48 -6.32 -3.92 7.06
C LYS A 48 -5.40 -2.86 6.46
N LEU A 49 -6.01 -1.84 5.86
CA LEU A 49 -5.27 -0.71 5.31
C LEU A 49 -4.52 0.03 6.41
N LYS A 50 -5.15 0.17 7.58
CA LYS A 50 -4.54 0.80 8.72
C LYS A 50 -3.26 0.08 9.15
N GLU A 51 -3.35 -1.24 9.25
CA GLU A 51 -2.20 -2.06 9.60
C GLU A 51 -1.07 -1.89 8.60
N LEU A 52 -1.44 -1.94 7.33
CA LEU A 52 -0.48 -1.80 6.24
C LEU A 52 0.15 -0.42 6.25
N ALA A 53 -0.65 0.60 6.51
CA ALA A 53 -0.15 1.98 6.55
C ALA A 53 0.83 2.18 7.69
N ALA A 54 0.53 1.57 8.83
CA ALA A 54 1.39 1.69 10.01
C ALA A 54 2.74 1.01 9.79
N ALA A 55 2.75 -0.03 8.97
CA ALA A 55 3.98 -0.75 8.68
C ALA A 55 4.76 -0.09 7.55
N ALA A 56 4.05 0.58 6.65
CA ALA A 56 4.67 1.22 5.51
C ALA A 56 5.30 2.56 5.87
N SER A 57 4.59 3.35 6.66
CA SER A 57 5.06 4.68 7.03
C SER A 57 6.21 4.58 8.03
N SER A 58 7.29 5.30 7.74
CA SER A 58 8.45 5.32 8.61
C SER A 58 8.53 6.66 9.34
N ALA A 59 7.40 7.37 9.36
CA ALA A 59 7.32 8.68 9.97
C ALA A 59 7.09 8.59 11.48
N ASP A 60 7.18 7.37 12.01
CA ASP A 60 7.10 7.10 13.45
C ASP A 60 5.70 7.32 14.01
N GLU A 61 5.28 8.58 14.10
CA GLU A 61 4.00 8.93 14.68
C GLU A 61 2.85 8.41 13.82
N GLY A 62 3.05 8.40 12.51
CA GLY A 62 2.04 7.92 11.61
C GLY A 62 2.05 8.66 10.30
N ALA A 63 0.90 8.73 9.65
CA ALA A 63 0.78 9.42 8.37
C ALA A 63 -0.60 10.04 8.26
N SER A 64 -0.73 11.05 7.42
CA SER A 64 -2.01 11.70 7.21
C SER A 64 -2.92 10.82 6.36
N VAL A 65 -3.92 10.23 6.98
CA VAL A 65 -4.85 9.39 6.26
C VAL A 65 -6.26 9.98 6.29
N ALA A 66 -6.75 10.34 5.12
CA ALA A 66 -8.10 10.84 4.98
C ALA A 66 -9.01 9.73 4.48
N TYR A 67 -9.68 9.07 5.39
CA TYR A 67 -10.56 7.96 5.05
C TYR A 67 -12.01 8.41 4.99
N LYS A 68 -12.62 8.25 3.82
CA LYS A 68 -14.01 8.58 3.64
C LYS A 68 -14.76 7.41 3.02
N ILE A 69 -16.02 7.31 3.37
CA ILE A 69 -16.90 6.28 2.84
C ILE A 69 -18.20 6.92 2.39
N LYS A 70 -18.37 7.05 1.08
CA LYS A 70 -19.58 7.67 0.58
C LYS A 70 -20.68 6.63 0.43
N ASP A 71 -21.72 6.84 1.20
CA ASP A 71 -22.89 5.98 1.20
C ASP A 71 -23.80 6.32 0.04
N LEU A 72 -23.79 5.47 -0.98
CA LEU A 72 -24.58 5.68 -2.18
C LEU A 72 -25.76 4.70 -2.20
N GLU A 73 -26.49 4.71 -3.30
CA GLU A 73 -27.63 3.83 -3.45
C GLU A 73 -27.21 2.50 -4.05
N GLY A 74 -27.14 1.48 -3.20
CA GLY A 74 -26.86 0.14 -3.67
C GLY A 74 -25.39 -0.22 -3.50
N GLN A 75 -24.55 0.79 -3.33
CA GLN A 75 -23.12 0.56 -3.17
C GLN A 75 -22.47 1.75 -2.49
N VAL A 76 -21.21 1.62 -2.14
CA VAL A 76 -20.47 2.70 -1.50
C VAL A 76 -19.10 2.87 -2.12
N GLU A 77 -18.48 4.00 -1.85
CA GLU A 77 -17.13 4.27 -2.32
C GLU A 77 -16.20 4.44 -1.13
N LEU A 78 -15.23 3.55 -1.04
CA LEU A 78 -14.19 3.65 -0.04
C LEU A 78 -13.05 4.48 -0.61
N ASP A 79 -12.85 5.64 -0.05
CA ASP A 79 -11.88 6.59 -0.57
C ASP A 79 -10.91 7.02 0.53
N ALA A 80 -9.64 6.75 0.33
CA ALA A 80 -8.63 7.09 1.33
C ALA A 80 -7.46 7.84 0.70
N ALA A 81 -7.06 8.93 1.34
CA ALA A 81 -5.90 9.68 0.95
C ALA A 81 -4.78 9.49 1.96
N PHE A 82 -3.75 8.75 1.56
CA PHE A 82 -2.61 8.51 2.44
C PHE A 82 -1.48 9.46 2.11
N THR A 83 -1.19 10.36 3.03
CA THR A 83 -0.12 11.33 2.85
C THR A 83 1.10 10.92 3.65
N PHE A 84 2.12 10.43 2.95
CA PHE A 84 3.35 9.97 3.59
C PHE A 84 4.39 11.09 3.59
N SER A 85 5.62 10.74 3.93
CA SER A 85 6.70 11.69 3.94
C SER A 85 7.52 11.55 2.66
N CYS A 86 7.78 10.31 2.30
CA CYS A 86 8.55 10.00 1.11
C CYS A 86 7.68 9.24 0.11
N GLN A 87 7.95 9.44 -1.17
CA GLN A 87 7.25 8.71 -2.23
C GLN A 87 7.49 7.22 -2.09
N ALA A 88 8.66 6.86 -1.59
CA ALA A 88 9.00 5.48 -1.33
C ALA A 88 7.93 4.80 -0.48
N GLU A 89 7.50 5.48 0.58
CA GLU A 89 6.49 4.93 1.49
C GLU A 89 5.16 4.77 0.78
N MET A 90 4.86 5.69 -0.12
CA MET A 90 3.63 5.66 -0.89
C MET A 90 3.62 4.44 -1.81
N ILE A 91 4.62 4.33 -2.66
CA ILE A 91 4.66 3.28 -3.67
C ILE A 91 4.77 1.89 -3.05
N ILE A 92 5.58 1.74 -2.00
CA ILE A 92 5.72 0.44 -1.35
C ILE A 92 4.40 0.01 -0.71
N PHE A 93 3.62 0.99 -0.27
CA PHE A 93 2.34 0.73 0.37
C PHE A 93 1.34 0.15 -0.62
N GLU A 94 1.17 0.82 -1.75
CA GLU A 94 0.20 0.40 -2.74
C GLU A 94 0.64 -0.84 -3.49
N LEU A 95 1.95 -1.04 -3.60
CA LEU A 95 2.48 -2.29 -4.18
C LEU A 95 2.21 -3.45 -3.23
N SER A 96 2.41 -3.21 -1.94
CA SER A 96 2.12 -4.20 -0.92
C SER A 96 0.63 -4.56 -0.93
N LEU A 97 -0.22 -3.56 -1.18
CA LEU A 97 -1.66 -3.79 -1.29
C LEU A 97 -1.95 -4.88 -2.32
N ARG A 98 -1.33 -4.75 -3.49
CA ARG A 98 -1.51 -5.72 -4.55
C ARG A 98 -0.93 -7.07 -4.17
N SER A 99 0.21 -7.05 -3.49
CA SER A 99 0.89 -8.27 -3.09
C SER A 99 0.05 -9.05 -2.07
N LEU A 100 -0.54 -8.34 -1.13
CA LEU A 100 -1.36 -8.97 -0.09
C LEU A 100 -2.67 -9.48 -0.69
N ALA A 101 -3.20 -8.74 -1.66
CA ALA A 101 -4.44 -9.12 -2.32
C ALA A 101 -4.28 -10.44 -3.06
N LEU A 102 -3.05 -10.76 -3.46
CA LEU A 102 -2.81 -11.99 -4.21
C LEU A 102 -2.10 -13.02 -3.35
N GLU A 103 -1.66 -12.60 -2.16
CA GLU A 103 -0.94 -13.46 -1.20
C GLU A 103 0.47 -13.80 -1.71
N HIS A 104 0.52 -14.55 -2.80
CA HIS A 104 1.78 -14.94 -3.42
C HIS A 104 1.49 -15.46 -4.82
N HIS A 105 2.34 -15.07 -5.79
CA HIS A 105 2.11 -15.34 -7.20
C HIS A 105 1.07 -14.37 -7.77
N HIS A 106 1.51 -13.56 -8.72
CA HIS A 106 0.69 -12.47 -9.24
C HIS A 106 -0.58 -13.00 -9.88
N HIS A 107 -1.71 -12.74 -9.22
CA HIS A 107 -3.00 -13.15 -9.73
C HIS A 107 -3.67 -11.95 -10.41
N HIS A 108 -3.72 -11.98 -11.74
CA HIS A 108 -4.22 -10.84 -12.52
C HIS A 108 -5.72 -10.65 -12.33
N HIS A 109 -6.49 -11.71 -12.52
CA HIS A 109 -7.93 -11.62 -12.38
C HIS A 109 -8.46 -12.77 -11.54
N MET A 1 45.98 -11.82 39.82
CA MET A 1 44.80 -11.79 40.72
C MET A 1 43.56 -11.32 39.96
N ALA A 2 43.66 -10.16 39.33
CA ALA A 2 42.54 -9.60 38.58
C ALA A 2 42.40 -10.30 37.24
N MET A 3 41.21 -10.80 36.97
CA MET A 3 40.93 -11.51 35.72
C MET A 3 39.51 -11.20 35.26
N LYS A 4 39.27 -11.33 33.96
CA LYS A 4 37.96 -11.06 33.41
C LYS A 4 37.69 -11.94 32.20
N ASP A 5 36.69 -12.80 32.31
CA ASP A 5 36.27 -13.62 31.18
C ASP A 5 34.76 -13.55 31.03
N VAL A 6 34.32 -12.82 30.02
CA VAL A 6 32.89 -12.69 29.76
C VAL A 6 32.51 -13.47 28.51
N VAL A 7 31.38 -14.15 28.57
CA VAL A 7 30.90 -14.93 27.44
C VAL A 7 29.68 -14.24 26.83
N ASP A 8 29.92 -13.29 25.95
CA ASP A 8 28.85 -12.55 25.32
C ASP A 8 29.19 -12.16 23.90
N LYS A 9 28.54 -12.84 22.98
CA LYS A 9 28.61 -12.53 21.57
C LYS A 9 27.29 -12.90 20.92
N CYS A 10 26.36 -11.96 20.96
CA CYS A 10 25.00 -12.20 20.48
C CYS A 10 24.94 -12.21 18.96
N SER A 11 24.13 -13.11 18.41
CA SER A 11 23.95 -13.21 16.98
C SER A 11 22.69 -12.44 16.55
N THR A 12 22.89 -11.24 16.02
CA THR A 12 21.77 -10.41 15.59
C THR A 12 21.79 -10.24 14.07
N LYS A 13 21.01 -9.26 13.58
CA LYS A 13 20.90 -8.96 12.14
C LYS A 13 20.10 -10.03 11.41
N GLY A 14 19.33 -9.59 10.43
CA GLY A 14 18.52 -10.49 9.65
C GLY A 14 17.24 -9.85 9.17
N CYS A 15 17.23 -9.43 7.91
CA CYS A 15 16.08 -8.72 7.36
C CYS A 15 15.65 -9.31 6.02
N ALA A 16 14.38 -9.14 5.71
CA ALA A 16 13.84 -9.54 4.42
C ALA A 16 12.67 -8.63 4.05
N ILE A 17 12.98 -7.47 3.48
CA ILE A 17 11.97 -6.47 3.18
C ILE A 17 12.25 -5.79 1.84
N ASP A 18 11.45 -4.77 1.54
CA ASP A 18 11.58 -3.94 0.33
C ASP A 18 11.13 -4.70 -0.91
N ILE A 19 10.33 -4.04 -1.73
CA ILE A 19 9.73 -4.66 -2.91
C ILE A 19 10.46 -4.22 -4.18
N GLY A 20 11.59 -3.56 -4.01
CA GLY A 20 12.29 -2.96 -5.14
C GLY A 20 11.68 -1.64 -5.52
N THR A 21 10.47 -1.72 -6.08
CA THR A 21 9.66 -0.55 -6.39
C THR A 21 10.17 0.22 -7.61
N VAL A 22 9.31 0.27 -8.62
CA VAL A 22 9.57 1.06 -9.82
C VAL A 22 8.42 2.05 -10.02
N ILE A 23 8.45 2.76 -11.16
CA ILE A 23 7.42 3.75 -11.48
C ILE A 23 7.54 4.99 -10.57
N ASP A 24 7.81 6.13 -11.20
CA ASP A 24 7.99 7.37 -10.46
C ASP A 24 6.64 8.02 -10.18
N ASN A 25 6.19 7.92 -8.93
CA ASN A 25 4.97 8.57 -8.50
C ASN A 25 5.19 10.09 -8.41
N ASP A 26 4.23 10.85 -8.92
CA ASP A 26 4.37 12.31 -8.99
C ASP A 26 4.00 12.99 -7.68
N ASN A 27 3.45 12.24 -6.73
CA ASN A 27 3.07 12.82 -5.45
C ASN A 27 3.30 11.80 -4.33
N CYS A 28 3.24 12.27 -3.08
CA CYS A 28 3.50 11.41 -1.94
C CYS A 28 2.19 10.98 -1.26
N THR A 29 1.07 11.19 -1.93
CA THR A 29 -0.21 10.76 -1.42
C THR A 29 -0.70 9.53 -2.17
N SER A 30 -1.13 8.52 -1.44
CA SER A 30 -1.65 7.31 -2.03
C SER A 30 -3.17 7.36 -2.06
N LYS A 31 -3.74 7.36 -3.25
CA LYS A 31 -5.18 7.35 -3.41
C LYS A 31 -5.66 5.95 -3.70
N PHE A 32 -6.40 5.38 -2.77
CA PHE A 32 -6.94 4.04 -2.93
C PHE A 32 -8.46 4.06 -2.84
N SER A 33 -9.11 3.65 -3.92
CA SER A 33 -10.56 3.67 -4.00
C SER A 33 -11.10 2.28 -4.30
N ARG A 34 -12.09 1.85 -3.52
CA ARG A 34 -12.68 0.53 -3.70
C ARG A 34 -14.20 0.59 -3.58
N PHE A 35 -14.87 -0.37 -4.20
CA PHE A 35 -16.32 -0.49 -4.10
C PHE A 35 -16.68 -1.69 -3.23
N PHE A 36 -17.63 -1.49 -2.33
CA PHE A 36 -18.06 -2.55 -1.43
C PHE A 36 -19.58 -2.62 -1.40
N ALA A 37 -20.10 -3.69 -0.82
CA ALA A 37 -21.54 -3.89 -0.74
C ALA A 37 -22.19 -2.86 0.19
N THR A 38 -21.72 -2.83 1.43
CA THR A 38 -22.26 -1.91 2.42
C THR A 38 -21.14 -1.05 3.01
N ARG A 39 -21.53 0.01 3.71
CA ARG A 39 -20.57 0.88 4.37
C ARG A 39 -19.83 0.11 5.45
N GLU A 40 -20.50 -0.88 6.02
CA GLU A 40 -19.91 -1.79 6.99
C GLU A 40 -18.70 -2.51 6.40
N GLU A 41 -18.91 -3.03 5.18
CA GLU A 41 -17.85 -3.72 4.45
C GLU A 41 -16.67 -2.80 4.20
N ALA A 42 -16.95 -1.51 4.09
CA ALA A 42 -15.92 -0.52 3.80
C ALA A 42 -15.04 -0.28 5.01
N GLU A 43 -15.66 -0.20 6.18
CA GLU A 43 -14.93 0.00 7.43
C GLU A 43 -14.01 -1.20 7.71
N SER A 44 -14.48 -2.37 7.30
CA SER A 44 -13.71 -3.59 7.45
C SER A 44 -12.39 -3.49 6.69
N PHE A 45 -12.45 -2.87 5.50
CA PHE A 45 -11.27 -2.78 4.66
C PHE A 45 -10.37 -1.64 5.14
N MET A 46 -10.97 -0.63 5.76
CA MET A 46 -10.22 0.48 6.32
C MET A 46 -9.41 0.00 7.52
N THR A 47 -9.92 -1.00 8.23
CA THR A 47 -9.24 -1.56 9.38
C THR A 47 -7.90 -2.17 8.98
N LYS A 48 -7.91 -2.97 7.92
CA LYS A 48 -6.67 -3.57 7.42
C LYS A 48 -5.80 -2.54 6.72
N LEU A 49 -6.43 -1.51 6.15
CA LEU A 49 -5.70 -0.42 5.52
C LEU A 49 -4.82 0.28 6.53
N LYS A 50 -5.34 0.44 7.75
CA LYS A 50 -4.57 0.99 8.85
C LYS A 50 -3.35 0.13 9.16
N GLU A 51 -3.53 -1.18 9.11
CA GLU A 51 -2.43 -2.12 9.32
C GLU A 51 -1.40 -1.99 8.21
N LEU A 52 -1.88 -1.90 6.97
CA LEU A 52 -1.01 -1.75 5.82
C LEU A 52 -0.22 -0.44 5.91
N ALA A 53 -0.89 0.62 6.32
CA ALA A 53 -0.25 1.92 6.47
C ALA A 53 0.81 1.87 7.56
N ALA A 54 0.49 1.20 8.67
CA ALA A 54 1.43 1.05 9.79
C ALA A 54 2.67 0.29 9.36
N ALA A 55 2.48 -0.78 8.61
CA ALA A 55 3.58 -1.62 8.13
C ALA A 55 4.41 -0.88 7.10
N ALA A 56 3.74 -0.10 6.27
CA ALA A 56 4.40 0.64 5.21
C ALA A 56 5.23 1.81 5.77
N SER A 57 4.58 2.63 6.59
CA SER A 57 5.21 3.82 7.11
C SER A 57 6.40 3.49 7.99
N SER A 58 7.50 4.15 7.74
CA SER A 58 8.71 3.99 8.53
C SER A 58 9.11 5.33 9.11
N ALA A 59 8.44 6.38 8.63
CA ALA A 59 8.72 7.75 9.04
C ALA A 59 8.44 7.99 10.51
N ASP A 60 7.20 7.79 10.93
CA ASP A 60 6.82 8.09 12.31
C ASP A 60 5.93 7.01 12.91
N GLU A 61 4.63 7.13 12.71
CA GLU A 61 3.68 6.14 13.21
C GLU A 61 2.78 5.70 12.06
N GLY A 62 2.67 6.57 11.07
CA GLY A 62 1.77 6.31 9.98
C GLY A 62 1.78 7.42 8.96
N ALA A 63 0.60 7.76 8.45
CA ALA A 63 0.47 8.77 7.42
C ALA A 63 -0.81 9.55 7.60
N SER A 64 -0.87 10.73 7.01
CA SER A 64 -2.07 11.55 7.04
C SER A 64 -3.16 10.90 6.18
N VAL A 65 -4.18 10.37 6.84
CA VAL A 65 -5.24 9.67 6.14
C VAL A 65 -6.47 10.56 5.98
N ALA A 66 -6.79 10.86 4.74
CA ALA A 66 -8.02 11.58 4.42
C ALA A 66 -8.89 10.71 3.52
N TYR A 67 -9.94 10.17 4.09
CA TYR A 67 -10.78 9.22 3.36
C TYR A 67 -12.24 9.57 3.50
N LYS A 68 -13.06 9.08 2.57
CA LYS A 68 -14.49 9.18 2.71
C LYS A 68 -15.13 7.84 2.36
N ILE A 69 -16.23 7.56 3.01
CA ILE A 69 -17.04 6.40 2.69
C ILE A 69 -18.33 6.87 2.09
N LYS A 70 -18.47 6.74 0.79
CA LYS A 70 -19.64 7.25 0.11
C LYS A 70 -20.70 6.18 0.00
N ASP A 71 -21.85 6.48 0.57
CA ASP A 71 -23.00 5.59 0.54
C ASP A 71 -23.66 5.71 -0.83
N LEU A 72 -23.29 4.83 -1.75
CA LEU A 72 -23.77 4.91 -3.12
C LEU A 72 -25.08 4.16 -3.30
N GLU A 73 -25.46 3.95 -4.55
CA GLU A 73 -26.71 3.29 -4.86
C GLU A 73 -26.50 1.79 -5.06
N GLY A 74 -26.74 1.03 -4.01
CA GLY A 74 -26.60 -0.42 -4.10
C GLY A 74 -25.23 -0.90 -3.68
N GLN A 75 -24.35 0.06 -3.42
CA GLN A 75 -22.98 -0.23 -3.00
C GLN A 75 -22.39 1.00 -2.36
N VAL A 76 -21.14 0.93 -1.94
CA VAL A 76 -20.46 2.08 -1.37
C VAL A 76 -19.07 2.23 -1.98
N GLU A 77 -18.54 3.44 -1.93
CA GLU A 77 -17.19 3.70 -2.37
C GLU A 77 -16.30 4.06 -1.19
N LEU A 78 -15.28 3.27 -0.98
CA LEU A 78 -14.29 3.54 0.04
C LEU A 78 -13.09 4.19 -0.61
N ASP A 79 -12.87 5.45 -0.32
CA ASP A 79 -11.80 6.19 -0.95
C ASP A 79 -10.89 6.82 0.09
N ALA A 80 -9.65 6.36 0.14
CA ALA A 80 -8.70 6.81 1.14
C ALA A 80 -7.45 7.38 0.51
N ALA A 81 -7.11 8.61 0.90
CA ALA A 81 -5.87 9.23 0.47
C ALA A 81 -4.88 9.32 1.63
N PHE A 82 -3.82 8.54 1.53
CA PHE A 82 -2.79 8.51 2.57
C PHE A 82 -1.57 9.36 2.16
N THR A 83 -1.36 10.45 2.85
CA THR A 83 -0.16 11.26 2.63
C THR A 83 0.95 10.81 3.57
N PHE A 84 1.93 10.10 3.03
CA PHE A 84 3.03 9.59 3.83
C PHE A 84 4.05 10.68 4.09
N SER A 85 5.03 10.38 4.93
CA SER A 85 6.02 11.37 5.33
C SER A 85 7.32 11.12 4.57
N CYS A 86 7.47 9.91 4.05
CA CYS A 86 8.58 9.57 3.19
C CYS A 86 8.04 9.05 1.86
N GLN A 87 8.79 9.23 0.79
CA GLN A 87 8.36 8.75 -0.51
C GLN A 87 8.50 7.24 -0.59
N ALA A 88 9.51 6.70 0.09
CA ALA A 88 9.79 5.26 0.06
C ALA A 88 8.62 4.47 0.61
N GLU A 89 8.12 4.89 1.78
CA GLU A 89 6.99 4.21 2.42
C GLU A 89 5.72 4.33 1.59
N MET A 90 5.64 5.39 0.80
CA MET A 90 4.47 5.62 -0.04
C MET A 90 4.48 4.69 -1.26
N ILE A 91 5.62 4.62 -1.96
CA ILE A 91 5.71 3.83 -3.17
C ILE A 91 5.64 2.32 -2.90
N ILE A 92 6.18 1.88 -1.77
CA ILE A 92 6.09 0.48 -1.39
C ILE A 92 4.66 0.14 -0.98
N PHE A 93 3.95 1.13 -0.45
CA PHE A 93 2.55 0.97 -0.08
C PHE A 93 1.72 0.74 -1.35
N GLU A 94 2.03 1.51 -2.38
CA GLU A 94 1.37 1.37 -3.68
C GLU A 94 1.49 -0.05 -4.21
N LEU A 95 2.67 -0.63 -4.09
CA LEU A 95 2.91 -1.98 -4.55
C LEU A 95 2.20 -3.00 -3.66
N SER A 96 2.35 -2.85 -2.35
CA SER A 96 1.71 -3.73 -1.38
C SER A 96 0.20 -3.81 -1.59
N LEU A 97 -0.41 -2.67 -1.92
CA LEU A 97 -1.85 -2.61 -2.17
C LEU A 97 -2.27 -3.57 -3.28
N ARG A 98 -1.58 -3.46 -4.41
CA ARG A 98 -1.97 -4.20 -5.61
C ARG A 98 -1.56 -5.66 -5.52
N SER A 99 -0.46 -5.91 -4.83
CA SER A 99 0.07 -7.26 -4.72
C SER A 99 -0.64 -8.05 -3.62
N LEU A 100 -1.59 -7.42 -2.95
CA LEU A 100 -2.30 -8.07 -1.86
C LEU A 100 -3.78 -8.25 -2.20
N ALA A 101 -4.46 -7.13 -2.45
CA ALA A 101 -5.89 -7.14 -2.65
C ALA A 101 -6.26 -7.17 -4.12
N LEU A 102 -5.35 -7.71 -4.94
CA LEU A 102 -5.57 -7.79 -6.38
C LEU A 102 -6.88 -8.51 -6.73
N GLU A 103 -7.16 -9.60 -6.00
CA GLU A 103 -8.38 -10.38 -6.20
C GLU A 103 -8.44 -10.93 -7.64
N HIS A 104 -9.56 -11.56 -7.96
CA HIS A 104 -9.84 -12.05 -9.32
C HIS A 104 -8.96 -13.27 -9.65
N HIS A 105 -7.67 -13.01 -9.84
CA HIS A 105 -6.70 -14.05 -10.20
C HIS A 105 -5.33 -13.42 -10.37
N HIS A 106 -5.33 -12.11 -10.65
CA HIS A 106 -4.11 -11.35 -10.85
C HIS A 106 -4.44 -9.85 -10.90
N HIS A 107 -3.43 -9.01 -10.94
CA HIS A 107 -3.66 -7.58 -11.05
C HIS A 107 -3.13 -7.07 -12.38
N HIS A 108 -3.93 -6.24 -13.05
CA HIS A 108 -3.54 -5.65 -14.32
C HIS A 108 -2.66 -4.45 -14.06
N HIS A 109 -3.04 -3.69 -13.05
CA HIS A 109 -2.24 -2.60 -12.53
C HIS A 109 -2.20 -2.68 -11.01
N MET A 1 59.46 4.45 12.53
CA MET A 1 58.18 4.47 11.78
C MET A 1 57.79 3.07 11.37
N ALA A 2 56.77 2.52 12.02
CA ALA A 2 56.30 1.18 11.72
C ALA A 2 54.81 1.07 11.96
N MET A 3 54.04 0.99 10.88
CA MET A 3 52.59 0.87 10.99
C MET A 3 52.16 -0.58 10.75
N LYS A 4 51.34 -1.09 11.65
CA LYS A 4 50.83 -2.45 11.53
C LYS A 4 49.35 -2.41 11.17
N ASP A 5 49.09 -2.56 9.88
CA ASP A 5 47.72 -2.45 9.37
C ASP A 5 47.27 -3.78 8.77
N VAL A 6 45.97 -3.97 8.69
CA VAL A 6 45.39 -5.15 8.08
C VAL A 6 43.93 -4.91 7.72
N VAL A 7 43.64 -4.89 6.44
CA VAL A 7 42.30 -4.60 5.97
C VAL A 7 41.60 -5.86 5.47
N ASP A 8 40.83 -6.50 6.35
CA ASP A 8 40.03 -7.65 5.98
C ASP A 8 38.58 -7.41 6.36
N LYS A 9 37.77 -7.10 5.37
CA LYS A 9 36.36 -6.84 5.60
C LYS A 9 35.58 -6.95 4.30
N CYS A 10 34.40 -7.55 4.38
CA CYS A 10 33.56 -7.71 3.21
C CYS A 10 32.11 -7.92 3.65
N SER A 11 31.18 -7.66 2.75
CA SER A 11 29.77 -7.85 3.01
C SER A 11 29.05 -8.16 1.72
N THR A 12 28.05 -9.02 1.77
CA THR A 12 27.30 -9.38 0.58
C THR A 12 25.94 -9.96 0.92
N LYS A 13 24.96 -9.07 1.05
CA LYS A 13 23.57 -9.45 1.25
C LYS A 13 22.65 -8.37 0.70
N GLY A 14 21.71 -8.78 -0.14
CA GLY A 14 20.81 -7.83 -0.76
C GLY A 14 19.80 -8.51 -1.64
N CYS A 15 19.08 -9.48 -1.07
CA CYS A 15 18.03 -10.18 -1.80
C CYS A 15 16.70 -9.44 -1.64
N ALA A 16 16.77 -8.11 -1.64
CA ALA A 16 15.58 -7.28 -1.49
C ALA A 16 14.63 -7.48 -2.66
N ILE A 17 13.35 -7.59 -2.34
CA ILE A 17 12.34 -7.84 -3.36
C ILE A 17 11.52 -6.60 -3.66
N ASP A 18 10.88 -6.62 -4.82
CA ASP A 18 10.00 -5.53 -5.25
C ASP A 18 8.96 -6.07 -6.22
N ILE A 19 7.75 -5.53 -6.14
CA ILE A 19 6.67 -5.96 -7.02
C ILE A 19 6.88 -5.40 -8.43
N GLY A 20 7.55 -4.25 -8.49
CA GLY A 20 7.84 -3.64 -9.77
C GLY A 20 6.82 -2.60 -10.16
N THR A 21 6.76 -1.52 -9.39
CA THR A 21 5.88 -0.41 -9.71
C THR A 21 6.45 0.91 -9.19
N VAL A 22 7.29 1.50 -10.00
CA VAL A 22 7.85 2.82 -9.74
C VAL A 22 7.81 3.62 -11.03
N ILE A 23 6.78 4.42 -11.20
CA ILE A 23 6.54 5.11 -12.45
C ILE A 23 7.62 6.17 -12.71
N ASP A 24 7.61 7.22 -11.90
CA ASP A 24 8.59 8.29 -12.01
C ASP A 24 8.56 9.11 -10.73
N ASN A 25 7.66 10.09 -10.71
CA ASN A 25 7.35 10.81 -9.50
C ASN A 25 5.83 10.80 -9.34
N ASP A 26 5.36 10.22 -8.25
CA ASP A 26 3.95 9.95 -8.10
C ASP A 26 3.43 10.43 -6.75
N ASN A 27 4.04 11.51 -6.25
CA ASN A 27 3.67 12.13 -4.99
C ASN A 27 4.06 11.26 -3.81
N CYS A 28 3.86 11.78 -2.61
CA CYS A 28 4.10 11.02 -1.39
C CYS A 28 2.77 10.65 -0.75
N THR A 29 1.69 11.17 -1.31
CA THR A 29 0.34 10.88 -0.83
C THR A 29 -0.24 9.69 -1.59
N SER A 30 -0.52 8.62 -0.87
CA SER A 30 -1.08 7.43 -1.49
C SER A 30 -2.59 7.41 -1.30
N LYS A 31 -3.31 7.48 -2.40
CA LYS A 31 -4.76 7.50 -2.34
C LYS A 31 -5.33 6.16 -2.76
N PHE A 32 -6.56 5.91 -2.38
CA PHE A 32 -7.20 4.63 -2.64
C PHE A 32 -8.72 4.82 -2.70
N SER A 33 -9.30 4.51 -3.84
CA SER A 33 -10.75 4.56 -3.98
C SER A 33 -11.25 3.31 -4.71
N ARG A 34 -11.89 2.44 -3.95
CA ARG A 34 -12.43 1.21 -4.50
C ARG A 34 -13.89 1.07 -4.13
N PHE A 35 -14.68 0.53 -5.03
CA PHE A 35 -16.07 0.26 -4.77
C PHE A 35 -16.22 -1.11 -4.13
N PHE A 36 -17.01 -1.18 -3.08
CA PHE A 36 -17.23 -2.42 -2.36
C PHE A 36 -18.69 -2.81 -2.43
N ALA A 37 -18.98 -4.08 -2.16
CA ALA A 37 -20.34 -4.59 -2.22
C ALA A 37 -21.25 -3.86 -1.23
N THR A 38 -20.75 -3.64 -0.02
CA THR A 38 -21.52 -2.92 0.99
C THR A 38 -20.57 -2.03 1.79
N ARG A 39 -21.13 -1.10 2.57
CA ARG A 39 -20.31 -0.20 3.37
C ARG A 39 -19.47 -0.96 4.38
N GLU A 40 -19.99 -2.11 4.82
CA GLU A 40 -19.25 -3.01 5.69
C GLU A 40 -17.90 -3.35 5.08
N GLU A 41 -17.93 -3.75 3.82
CA GLU A 41 -16.74 -4.12 3.08
C GLU A 41 -15.74 -2.97 3.05
N ALA A 42 -16.28 -1.75 3.04
CA ALA A 42 -15.44 -0.55 2.94
C ALA A 42 -14.78 -0.25 4.28
N GLU A 43 -15.59 -0.18 5.34
CA GLU A 43 -15.09 0.14 6.67
C GLU A 43 -14.10 -0.93 7.15
N SER A 44 -14.38 -2.17 6.80
CA SER A 44 -13.51 -3.27 7.18
C SER A 44 -12.16 -3.15 6.48
N PHE A 45 -12.17 -2.59 5.26
CA PHE A 45 -10.97 -2.47 4.48
C PHE A 45 -10.11 -1.33 5.01
N MET A 46 -10.77 -0.32 5.57
CA MET A 46 -10.06 0.81 6.17
C MET A 46 -9.20 0.35 7.35
N THR A 47 -9.71 -0.61 8.10
CA THR A 47 -9.00 -1.15 9.25
C THR A 47 -7.66 -1.75 8.84
N LYS A 48 -7.69 -2.60 7.81
CA LYS A 48 -6.48 -3.24 7.34
C LYS A 48 -5.55 -2.25 6.64
N LEU A 49 -6.14 -1.20 6.07
CA LEU A 49 -5.37 -0.10 5.49
C LEU A 49 -4.54 0.59 6.56
N LYS A 50 -5.08 0.73 7.76
CA LYS A 50 -4.35 1.28 8.89
C LYS A 50 -3.17 0.38 9.25
N GLU A 51 -3.41 -0.94 9.22
CA GLU A 51 -2.34 -1.92 9.46
C GLU A 51 -1.22 -1.71 8.46
N LEU A 52 -1.60 -1.66 7.18
CA LEU A 52 -0.65 -1.49 6.10
C LEU A 52 0.09 -0.16 6.19
N ALA A 53 -0.66 0.91 6.47
CA ALA A 53 -0.07 2.25 6.56
C ALA A 53 0.99 2.32 7.66
N ALA A 54 0.73 1.64 8.76
CA ALA A 54 1.65 1.65 9.90
C ALA A 54 2.95 0.94 9.57
N ALA A 55 2.87 -0.12 8.77
CA ALA A 55 4.04 -0.92 8.44
C ALA A 55 4.82 -0.33 7.27
N ALA A 56 4.12 0.37 6.39
CA ALA A 56 4.74 0.93 5.19
C ALA A 56 5.45 2.25 5.47
N SER A 57 5.00 2.96 6.49
CA SER A 57 5.54 4.28 6.78
C SER A 57 6.73 4.22 7.72
N SER A 58 7.76 4.95 7.36
CA SER A 58 8.96 5.08 8.18
C SER A 58 8.76 6.14 9.25
N ALA A 59 7.55 6.67 9.33
CA ALA A 59 7.22 7.72 10.29
C ALA A 59 6.87 7.11 11.65
N ASP A 60 6.97 5.78 11.72
CA ASP A 60 6.77 5.03 12.98
C ASP A 60 5.30 4.96 13.38
N GLU A 61 4.71 6.12 13.68
CA GLU A 61 3.33 6.18 14.15
C GLU A 61 2.37 5.87 13.00
N GLY A 62 2.75 6.24 11.80
CA GLY A 62 1.91 6.00 10.65
C GLY A 62 1.98 7.13 9.64
N ALA A 63 0.82 7.59 9.19
CA ALA A 63 0.77 8.65 8.20
C ALA A 63 -0.52 9.44 8.37
N SER A 64 -0.61 10.58 7.70
CA SER A 64 -1.81 11.40 7.75
C SER A 64 -2.93 10.72 6.97
N VAL A 65 -3.93 10.24 7.70
CA VAL A 65 -5.02 9.51 7.07
C VAL A 65 -6.29 10.37 6.99
N ALA A 66 -6.74 10.58 5.77
CA ALA A 66 -8.02 11.20 5.52
C ALA A 66 -8.82 10.30 4.60
N TYR A 67 -10.07 10.00 4.96
CA TYR A 67 -10.84 9.03 4.20
C TYR A 67 -12.32 9.38 4.17
N LYS A 68 -12.98 8.91 3.14
CA LYS A 68 -14.42 9.05 2.97
C LYS A 68 -15.05 7.68 2.79
N ILE A 69 -16.22 7.53 3.37
CA ILE A 69 -17.02 6.33 3.19
C ILE A 69 -18.34 6.74 2.56
N LYS A 70 -18.49 6.47 1.28
CA LYS A 70 -19.60 7.02 0.54
C LYS A 70 -20.54 5.93 0.05
N ASP A 71 -21.71 5.92 0.67
CA ASP A 71 -22.72 4.91 0.43
C ASP A 71 -23.43 5.16 -0.89
N LEU A 72 -23.55 4.11 -1.68
CA LEU A 72 -24.34 4.15 -2.91
C LEU A 72 -25.40 3.06 -2.86
N GLU A 73 -26.08 2.82 -3.97
CA GLU A 73 -27.13 1.80 -4.00
C GLU A 73 -26.57 0.49 -4.54
N GLY A 74 -26.29 -0.43 -3.62
CA GLY A 74 -25.80 -1.74 -4.01
C GLY A 74 -24.28 -1.80 -4.02
N GLN A 75 -23.68 -0.68 -3.68
CA GLN A 75 -22.22 -0.57 -3.61
C GLN A 75 -21.86 0.65 -2.79
N VAL A 76 -20.59 0.78 -2.47
CA VAL A 76 -20.09 1.95 -1.76
C VAL A 76 -18.68 2.26 -2.24
N GLU A 77 -18.28 3.52 -2.15
CA GLU A 77 -16.93 3.88 -2.49
C GLU A 77 -16.14 4.21 -1.23
N LEU A 78 -15.00 3.57 -1.10
CA LEU A 78 -14.08 3.86 -0.03
C LEU A 78 -12.95 4.69 -0.59
N ASP A 79 -12.89 5.96 -0.19
CA ASP A 79 -11.94 6.90 -0.75
C ASP A 79 -11.01 7.41 0.32
N ALA A 80 -9.77 6.98 0.27
CA ALA A 80 -8.80 7.37 1.28
C ALA A 80 -7.59 8.04 0.66
N ALA A 81 -6.91 8.85 1.46
CA ALA A 81 -5.68 9.49 1.06
C ALA A 81 -4.70 9.48 2.23
N PHE A 82 -3.60 8.75 2.07
CA PHE A 82 -2.59 8.65 3.10
C PHE A 82 -1.37 9.46 2.72
N THR A 83 -1.11 10.53 3.46
CA THR A 83 0.05 11.36 3.20
C THR A 83 1.27 10.83 3.96
N PHE A 84 2.20 10.24 3.23
CA PHE A 84 3.41 9.70 3.83
C PHE A 84 4.52 10.74 3.82
N SER A 85 5.57 10.49 4.59
CA SER A 85 6.70 11.39 4.67
C SER A 85 7.63 11.24 3.46
N CYS A 86 7.68 10.03 2.91
CA CYS A 86 8.55 9.74 1.79
C CYS A 86 7.74 9.19 0.62
N GLN A 87 8.35 9.16 -0.56
CA GLN A 87 7.67 8.68 -1.76
C GLN A 87 7.68 7.16 -1.82
N ALA A 88 8.75 6.56 -1.30
CA ALA A 88 8.89 5.11 -1.27
C ALA A 88 7.70 4.47 -0.55
N GLU A 89 7.24 5.13 0.51
CA GLU A 89 6.12 4.64 1.30
C GLU A 89 4.85 4.56 0.44
N MET A 90 4.73 5.50 -0.49
CA MET A 90 3.56 5.59 -1.35
C MET A 90 3.52 4.42 -2.34
N ILE A 91 4.65 4.21 -3.03
CA ILE A 91 4.72 3.15 -4.04
C ILE A 91 4.64 1.76 -3.42
N ILE A 92 5.31 1.56 -2.29
CA ILE A 92 5.25 0.25 -1.62
C ILE A 92 3.85 -0.02 -1.09
N PHE A 93 3.14 1.04 -0.73
CA PHE A 93 1.75 0.93 -0.29
C PHE A 93 0.90 0.39 -1.43
N GLU A 94 1.06 0.99 -2.61
CA GLU A 94 0.38 0.54 -3.82
C GLU A 94 0.68 -0.93 -4.10
N LEU A 95 1.91 -1.33 -3.84
CA LEU A 95 2.33 -2.71 -4.04
C LEU A 95 1.61 -3.63 -3.07
N SER A 96 1.69 -3.31 -1.78
CA SER A 96 1.09 -4.13 -0.75
C SER A 96 -0.42 -4.29 -0.93
N LEU A 97 -1.09 -3.22 -1.37
CA LEU A 97 -2.53 -3.27 -1.61
C LEU A 97 -2.87 -4.33 -2.65
N ARG A 98 -2.15 -4.28 -3.77
CA ARG A 98 -2.37 -5.20 -4.88
C ARG A 98 -1.96 -6.63 -4.51
N SER A 99 -0.93 -6.73 -3.68
CA SER A 99 -0.36 -8.03 -3.33
C SER A 99 -1.23 -8.75 -2.29
N LEU A 100 -1.83 -7.99 -1.39
CA LEU A 100 -2.63 -8.58 -0.32
C LEU A 100 -4.01 -8.98 -0.82
N ALA A 101 -4.60 -8.12 -1.64
CA ALA A 101 -5.93 -8.39 -2.18
C ALA A 101 -5.82 -9.08 -3.54
N LEU A 102 -4.78 -9.91 -3.67
CA LEU A 102 -4.49 -10.59 -4.94
C LEU A 102 -5.63 -11.49 -5.43
N GLU A 103 -6.53 -11.86 -4.52
CA GLU A 103 -7.60 -12.80 -4.83
C GLU A 103 -8.76 -12.14 -5.59
N HIS A 104 -8.44 -11.24 -6.50
CA HIS A 104 -9.45 -10.61 -7.32
C HIS A 104 -9.20 -10.95 -8.79
N HIS A 105 -10.24 -11.37 -9.50
CA HIS A 105 -10.10 -11.80 -10.88
C HIS A 105 -10.00 -10.60 -11.81
N HIS A 106 -9.16 -10.72 -12.83
CA HIS A 106 -8.95 -9.63 -13.80
C HIS A 106 -10.10 -9.58 -14.80
N HIS A 107 -10.95 -10.60 -14.76
CA HIS A 107 -12.17 -10.61 -15.58
C HIS A 107 -13.30 -9.89 -14.85
N HIS A 108 -12.95 -9.27 -13.73
CA HIS A 108 -13.91 -8.51 -12.96
C HIS A 108 -13.32 -7.14 -12.63
N HIS A 109 -14.17 -6.13 -12.53
CA HIS A 109 -13.72 -4.78 -12.22
C HIS A 109 -13.13 -4.73 -10.82
N MET A 1 18.17 -39.57 -39.15
CA MET A 1 19.18 -39.38 -38.10
C MET A 1 19.97 -38.12 -38.34
N ALA A 2 19.85 -37.17 -37.40
CA ALA A 2 20.51 -35.87 -37.50
C ALA A 2 20.30 -35.10 -36.22
N MET A 3 19.06 -35.09 -35.75
CA MET A 3 18.70 -34.42 -34.50
C MET A 3 19.11 -35.29 -33.32
N LYS A 4 20.03 -34.79 -32.52
CA LYS A 4 20.52 -35.51 -31.36
C LYS A 4 20.96 -34.53 -30.29
N ASP A 5 20.07 -34.23 -29.35
CA ASP A 5 20.31 -33.22 -28.34
C ASP A 5 19.81 -33.69 -26.98
N VAL A 6 20.70 -33.75 -25.99
CA VAL A 6 20.29 -34.11 -24.64
C VAL A 6 20.30 -32.88 -23.73
N VAL A 7 19.32 -32.02 -23.92
CA VAL A 7 19.22 -30.80 -23.14
C VAL A 7 18.26 -30.97 -21.97
N ASP A 8 18.77 -30.74 -20.76
CA ASP A 8 17.94 -30.81 -19.57
C ASP A 8 17.59 -29.41 -19.11
N LYS A 9 16.48 -29.29 -18.40
CA LYS A 9 16.00 -27.99 -17.97
C LYS A 9 15.19 -28.11 -16.67
N CYS A 10 15.65 -27.41 -15.64
CA CYS A 10 15.00 -27.46 -14.33
C CYS A 10 15.56 -26.38 -13.40
N SER A 11 15.97 -25.26 -13.98
CA SER A 11 16.54 -24.17 -13.18
C SER A 11 15.45 -23.35 -12.53
N THR A 12 15.01 -23.80 -11.36
CA THR A 12 13.96 -23.11 -10.61
C THR A 12 14.10 -23.36 -9.11
N LYS A 13 14.66 -22.38 -8.41
CA LYS A 13 14.79 -22.45 -6.97
C LYS A 13 15.12 -21.06 -6.41
N GLY A 14 14.42 -20.67 -5.35
CA GLY A 14 14.68 -19.40 -4.73
C GLY A 14 13.80 -18.30 -5.27
N CYS A 15 12.97 -17.73 -4.39
CA CYS A 15 12.13 -16.61 -4.75
C CYS A 15 11.95 -15.71 -3.53
N ALA A 16 12.97 -14.93 -3.23
CA ALA A 16 12.95 -14.05 -2.07
C ALA A 16 13.48 -12.67 -2.45
N ILE A 17 12.56 -11.77 -2.77
CA ILE A 17 12.92 -10.41 -3.16
C ILE A 17 12.03 -9.42 -2.45
N ASP A 18 12.40 -8.15 -2.50
CA ASP A 18 11.59 -7.08 -1.96
C ASP A 18 10.86 -6.39 -3.09
N ILE A 19 9.71 -5.83 -2.77
CA ILE A 19 8.90 -5.15 -3.75
C ILE A 19 9.32 -3.69 -3.87
N GLY A 20 10.23 -3.44 -4.79
CA GLY A 20 10.71 -2.09 -5.02
C GLY A 20 10.41 -1.61 -6.42
N THR A 21 9.26 -1.98 -6.93
CA THR A 21 8.83 -1.53 -8.24
C THR A 21 8.40 -0.07 -8.17
N VAL A 22 9.35 0.81 -8.41
CA VAL A 22 9.11 2.24 -8.33
C VAL A 22 8.54 2.77 -9.63
N ILE A 23 8.08 4.02 -9.61
CA ILE A 23 7.54 4.66 -10.79
C ILE A 23 8.41 5.83 -11.19
N ASP A 24 8.17 6.98 -10.59
CA ASP A 24 8.95 8.20 -10.87
C ASP A 24 9.01 9.08 -9.64
N ASN A 25 8.08 10.03 -9.58
CA ASN A 25 8.01 11.00 -8.49
C ASN A 25 6.91 12.01 -8.79
N ASP A 26 6.21 12.46 -7.76
CA ASP A 26 5.12 13.42 -7.93
C ASP A 26 4.60 13.88 -6.58
N ASN A 27 3.80 13.04 -5.96
CA ASN A 27 3.25 13.34 -4.64
C ASN A 27 3.43 12.12 -3.74
N CYS A 28 3.18 12.33 -2.45
CA CYS A 28 3.40 11.28 -1.46
C CYS A 28 2.08 10.81 -0.88
N THR A 29 1.00 11.18 -1.54
CA THR A 29 -0.33 10.81 -1.08
C THR A 29 -0.81 9.55 -1.79
N SER A 30 -1.26 8.57 -1.02
CA SER A 30 -1.79 7.34 -1.57
C SER A 30 -3.31 7.42 -1.63
N LYS A 31 -3.82 7.63 -2.83
CA LYS A 31 -5.25 7.73 -3.06
C LYS A 31 -5.81 6.41 -3.53
N PHE A 32 -6.74 5.87 -2.76
CA PHE A 32 -7.38 4.63 -3.13
C PHE A 32 -8.89 4.80 -3.11
N SER A 33 -9.51 4.59 -4.25
CA SER A 33 -10.95 4.75 -4.40
C SER A 33 -11.55 3.47 -4.98
N ARG A 34 -12.35 2.79 -4.18
CA ARG A 34 -12.93 1.52 -4.60
C ARG A 34 -14.39 1.44 -4.16
N PHE A 35 -15.21 0.71 -4.91
CA PHE A 35 -16.62 0.61 -4.61
C PHE A 35 -16.94 -0.76 -4.01
N PHE A 36 -17.64 -0.74 -2.88
CA PHE A 36 -17.96 -1.95 -2.15
C PHE A 36 -19.47 -2.13 -2.04
N ALA A 37 -19.89 -3.29 -1.55
CA ALA A 37 -21.31 -3.61 -1.42
C ALA A 37 -21.98 -2.70 -0.39
N THR A 38 -21.44 -2.67 0.82
CA THR A 38 -22.04 -1.86 1.88
C THR A 38 -21.00 -0.96 2.53
N ARG A 39 -21.49 0.01 3.30
CA ARG A 39 -20.63 0.93 4.02
C ARG A 39 -19.79 0.17 5.04
N GLU A 40 -20.34 -0.95 5.51
CA GLU A 40 -19.64 -1.84 6.41
C GLU A 40 -18.38 -2.39 5.76
N GLU A 41 -18.56 -2.90 4.55
CA GLU A 41 -17.47 -3.50 3.78
C GLU A 41 -16.36 -2.49 3.52
N ALA A 42 -16.75 -1.22 3.47
CA ALA A 42 -15.81 -0.14 3.18
C ALA A 42 -14.88 0.12 4.36
N GLU A 43 -15.45 0.29 5.54
CA GLU A 43 -14.64 0.52 6.74
C GLU A 43 -13.85 -0.72 7.11
N SER A 44 -14.44 -1.88 6.85
CA SER A 44 -13.78 -3.15 7.13
C SER A 44 -12.57 -3.37 6.23
N PHE A 45 -12.60 -2.77 5.04
CA PHE A 45 -11.48 -2.86 4.12
C PHE A 45 -10.28 -2.08 4.65
N MET A 46 -10.57 -0.96 5.30
CA MET A 46 -9.52 -0.10 5.81
C MET A 46 -8.83 -0.72 7.03
N THR A 47 -9.49 -1.69 7.66
CA THR A 47 -8.95 -2.38 8.81
C THR A 47 -7.58 -3.00 8.49
N LYS A 48 -7.52 -3.74 7.38
CA LYS A 48 -6.29 -4.38 6.96
C LYS A 48 -5.29 -3.36 6.41
N LEU A 49 -5.81 -2.29 5.84
CA LEU A 49 -4.99 -1.21 5.31
C LEU A 49 -4.25 -0.48 6.43
N LYS A 50 -4.94 -0.27 7.55
CA LYS A 50 -4.34 0.38 8.70
C LYS A 50 -3.16 -0.40 9.24
N GLU A 51 -3.28 -1.71 9.23
CA GLU A 51 -2.19 -2.59 9.66
C GLU A 51 -0.98 -2.40 8.75
N LEU A 52 -1.25 -2.38 7.45
CA LEU A 52 -0.22 -2.22 6.44
C LEU A 52 0.38 -0.82 6.47
N ALA A 53 -0.47 0.18 6.64
CA ALA A 53 -0.04 1.58 6.65
C ALA A 53 0.90 1.86 7.82
N ALA A 54 0.67 1.18 8.93
CA ALA A 54 1.49 1.37 10.13
C ALA A 54 2.94 0.99 9.87
N ALA A 55 3.14 -0.04 9.06
CA ALA A 55 4.49 -0.48 8.70
C ALA A 55 5.02 0.31 7.52
N ALA A 56 4.12 0.68 6.61
CA ALA A 56 4.49 1.37 5.38
C ALA A 56 5.02 2.78 5.65
N SER A 57 4.58 3.38 6.76
CA SER A 57 4.99 4.71 7.09
C SER A 57 5.80 4.73 8.39
N SER A 58 6.84 5.53 8.43
CA SER A 58 7.61 5.72 9.63
C SER A 58 7.07 6.91 10.41
N ALA A 59 5.84 6.79 10.87
CA ALA A 59 5.17 7.86 11.61
C ALA A 59 4.72 7.36 12.98
N ASP A 60 4.52 6.04 13.07
CA ASP A 60 4.13 5.37 14.32
C ASP A 60 2.67 5.63 14.67
N GLU A 61 2.34 6.89 14.90
CA GLU A 61 1.02 7.26 15.39
C GLU A 61 0.09 7.64 14.24
N GLY A 62 0.42 7.21 13.04
CA GLY A 62 -0.47 7.39 11.92
C GLY A 62 0.03 8.40 10.91
N ALA A 63 -0.34 8.19 9.65
CA ALA A 63 -0.02 9.12 8.58
C ALA A 63 -1.17 10.09 8.35
N SER A 64 -1.00 11.00 7.42
CA SER A 64 -2.05 11.94 7.07
C SER A 64 -3.15 11.24 6.28
N VAL A 65 -4.09 10.65 6.98
CA VAL A 65 -5.14 9.89 6.32
C VAL A 65 -6.43 10.71 6.21
N ALA A 66 -6.81 10.99 4.99
CA ALA A 66 -8.08 11.65 4.71
C ALA A 66 -9.00 10.66 4.01
N TYR A 67 -9.91 10.07 4.76
CA TYR A 67 -10.76 9.03 4.22
C TYR A 67 -12.23 9.38 4.41
N LYS A 68 -13.06 8.85 3.54
CA LYS A 68 -14.50 8.98 3.68
C LYS A 68 -15.21 7.89 2.92
N ILE A 69 -16.40 7.56 3.36
CA ILE A 69 -17.23 6.57 2.72
C ILE A 69 -18.46 7.22 2.14
N LYS A 70 -18.64 7.09 0.85
CA LYS A 70 -19.81 7.64 0.19
C LYS A 70 -20.92 6.61 0.14
N ASP A 71 -21.95 6.88 0.90
CA ASP A 71 -23.11 6.00 0.98
C ASP A 71 -23.99 6.17 -0.25
N LEU A 72 -24.08 5.12 -1.06
CA LEU A 72 -24.86 5.16 -2.29
C LEU A 72 -25.94 4.08 -2.26
N GLU A 73 -26.74 4.02 -3.31
CA GLU A 73 -27.78 3.01 -3.42
C GLU A 73 -27.22 1.68 -3.91
N GLY A 74 -27.10 0.74 -2.98
CA GLY A 74 -26.68 -0.61 -3.34
C GLY A 74 -25.19 -0.81 -3.26
N GLN A 75 -24.46 0.29 -3.15
CA GLN A 75 -23.01 0.25 -3.10
C GLN A 75 -22.49 1.45 -2.33
N VAL A 76 -21.20 1.45 -2.04
CA VAL A 76 -20.57 2.59 -1.40
C VAL A 76 -19.22 2.88 -2.03
N GLU A 77 -18.80 4.12 -1.94
CA GLU A 77 -17.50 4.51 -2.43
C GLU A 77 -16.55 4.68 -1.25
N LEU A 78 -15.55 3.83 -1.18
CA LEU A 78 -14.51 3.96 -0.18
C LEU A 78 -13.37 4.75 -0.77
N ASP A 79 -13.21 5.98 -0.29
CA ASP A 79 -12.25 6.90 -0.86
C ASP A 79 -11.30 7.37 0.23
N ALA A 80 -10.04 6.97 0.12
CA ALA A 80 -9.06 7.27 1.16
C ALA A 80 -7.77 7.81 0.58
N ALA A 81 -7.20 8.79 1.25
CA ALA A 81 -5.91 9.36 0.88
C ALA A 81 -4.95 9.32 2.06
N PHE A 82 -3.96 8.43 1.97
CA PHE A 82 -2.93 8.33 2.99
C PHE A 82 -1.70 9.11 2.57
N THR A 83 -1.42 10.19 3.27
CA THR A 83 -0.32 11.06 2.89
C THR A 83 0.92 10.72 3.71
N PHE A 84 1.94 10.22 3.02
CA PHE A 84 3.18 9.81 3.66
C PHE A 84 4.22 10.91 3.55
N SER A 85 5.33 10.74 4.25
CA SER A 85 6.42 11.70 4.20
C SER A 85 7.10 11.69 2.83
N CYS A 86 7.29 10.50 2.28
CA CYS A 86 7.96 10.34 1.00
C CYS A 86 7.13 9.45 0.09
N GLN A 87 7.30 9.60 -1.23
CA GLN A 87 6.58 8.76 -2.18
C GLN A 87 7.01 7.30 -2.04
N ALA A 88 8.25 7.10 -1.59
CA ALA A 88 8.77 5.76 -1.35
C ALA A 88 7.81 4.98 -0.45
N GLU A 89 7.39 5.61 0.64
CA GLU A 89 6.46 4.99 1.59
C GLU A 89 5.11 4.75 0.93
N MET A 90 4.78 5.61 -0.03
CA MET A 90 3.49 5.58 -0.69
C MET A 90 3.43 4.42 -1.69
N ILE A 91 4.46 4.30 -2.52
CA ILE A 91 4.50 3.26 -3.53
C ILE A 91 4.66 1.87 -2.91
N ILE A 92 5.54 1.75 -1.91
CA ILE A 92 5.73 0.46 -1.26
C ILE A 92 4.43 0.01 -0.58
N PHE A 93 3.63 0.98 -0.16
CA PHE A 93 2.34 0.72 0.44
C PHE A 93 1.42 0.01 -0.54
N GLU A 94 1.28 0.56 -1.74
CA GLU A 94 0.39 -0.01 -2.73
C GLU A 94 1.01 -1.26 -3.37
N LEU A 95 2.34 -1.29 -3.42
CA LEU A 95 3.06 -2.49 -3.84
C LEU A 95 2.72 -3.67 -2.94
N SER A 96 2.74 -3.41 -1.63
CA SER A 96 2.34 -4.42 -0.65
C SER A 96 0.90 -4.87 -0.89
N LEU A 97 0.05 -3.91 -1.23
CA LEU A 97 -1.35 -4.21 -1.54
C LEU A 97 -1.44 -5.14 -2.74
N ARG A 98 -0.71 -4.80 -3.80
CA ARG A 98 -0.72 -5.56 -5.03
C ARG A 98 -0.14 -6.96 -4.83
N SER A 99 0.89 -7.05 -4.01
CA SER A 99 1.58 -8.32 -3.79
C SER A 99 0.82 -9.21 -2.81
N LEU A 100 0.01 -8.61 -1.94
CA LEU A 100 -0.74 -9.37 -0.96
C LEU A 100 -2.13 -9.72 -1.47
N ALA A 101 -2.86 -8.71 -1.92
CA ALA A 101 -4.21 -8.90 -2.43
C ALA A 101 -4.16 -9.38 -3.88
N LEU A 102 -3.30 -10.36 -4.12
CA LEU A 102 -3.19 -10.97 -5.44
C LEU A 102 -4.51 -11.60 -5.84
N GLU A 103 -4.90 -12.66 -5.13
CA GLU A 103 -6.09 -13.45 -5.45
C GLU A 103 -6.00 -14.04 -6.86
N HIS A 104 -6.26 -13.21 -7.87
CA HIS A 104 -6.15 -13.63 -9.26
C HIS A 104 -5.89 -12.42 -10.16
N HIS A 105 -4.82 -11.69 -9.88
CA HIS A 105 -4.45 -10.54 -10.70
C HIS A 105 -3.21 -10.86 -11.53
N HIS A 106 -3.45 -11.25 -12.77
CA HIS A 106 -2.38 -11.63 -13.68
C HIS A 106 -2.33 -10.67 -14.87
N HIS A 107 -3.33 -9.81 -14.97
CA HIS A 107 -3.45 -8.87 -16.08
C HIS A 107 -2.49 -7.68 -15.93
N HIS A 108 -1.84 -7.58 -14.78
CA HIS A 108 -0.93 -6.48 -14.53
C HIS A 108 0.30 -6.98 -13.80
N HIS A 109 1.45 -6.45 -14.15
CA HIS A 109 2.69 -6.75 -13.44
C HIS A 109 3.11 -5.53 -12.64
N MET A 1 39.42 2.11 -33.44
CA MET A 1 39.69 1.68 -32.06
C MET A 1 38.39 1.29 -31.36
N ALA A 2 38.27 0.04 -30.96
CA ALA A 2 37.08 -0.44 -30.28
C ALA A 2 37.43 -1.47 -29.22
N MET A 3 37.43 -1.02 -27.97
CA MET A 3 37.72 -1.90 -26.84
C MET A 3 36.43 -2.31 -26.15
N LYS A 4 35.75 -1.32 -25.58
CA LYS A 4 34.45 -1.53 -24.93
C LYS A 4 34.58 -2.45 -23.71
N ASP A 5 34.59 -1.84 -22.53
CA ASP A 5 34.75 -2.58 -21.28
C ASP A 5 33.44 -2.61 -20.50
N VAL A 6 33.30 -3.61 -19.62
CA VAL A 6 32.11 -3.74 -18.80
C VAL A 6 32.49 -4.05 -17.35
N VAL A 7 31.72 -3.56 -16.41
CA VAL A 7 31.99 -3.78 -14.99
C VAL A 7 30.93 -4.66 -14.36
N ASP A 8 31.33 -5.83 -13.91
CA ASP A 8 30.44 -6.72 -13.17
C ASP A 8 31.23 -7.58 -12.20
N LYS A 9 31.08 -7.31 -10.91
CA LYS A 9 31.77 -8.08 -9.90
C LYS A 9 30.92 -9.25 -9.44
N CYS A 10 29.76 -8.95 -8.89
CA CYS A 10 28.81 -9.97 -8.46
C CYS A 10 27.45 -9.35 -8.16
N SER A 11 26.41 -9.97 -8.68
CA SER A 11 25.06 -9.47 -8.50
C SER A 11 24.42 -10.10 -7.25
N THR A 12 24.34 -9.31 -6.18
CA THR A 12 23.72 -9.76 -4.95
C THR A 12 22.37 -9.07 -4.76
N LYS A 13 21.30 -9.86 -4.82
CA LYS A 13 19.95 -9.33 -4.73
C LYS A 13 18.98 -10.43 -4.32
N GLY A 14 17.85 -10.04 -3.74
CA GLY A 14 16.88 -11.02 -3.30
C GLY A 14 16.66 -10.96 -1.80
N CYS A 15 17.24 -9.95 -1.16
CA CYS A 15 17.11 -9.78 0.28
C CYS A 15 16.09 -8.68 0.58
N ALA A 16 15.02 -8.66 -0.20
CA ALA A 16 13.96 -7.69 -0.02
C ALA A 16 12.64 -8.22 -0.58
N ILE A 17 11.55 -7.89 0.11
CA ILE A 17 10.23 -8.23 -0.38
C ILE A 17 9.78 -7.18 -1.38
N ASP A 18 9.50 -7.62 -2.59
CA ASP A 18 9.19 -6.70 -3.68
C ASP A 18 8.09 -7.28 -4.56
N ILE A 19 7.54 -6.45 -5.43
CA ILE A 19 6.49 -6.87 -6.34
C ILE A 19 7.10 -7.26 -7.68
N GLY A 20 8.27 -6.70 -7.98
CA GLY A 20 8.93 -6.96 -9.23
C GLY A 20 8.72 -5.84 -10.23
N THR A 21 7.68 -5.06 -9.98
CA THR A 21 7.35 -3.94 -10.84
C THR A 21 7.01 -2.72 -9.98
N VAL A 22 7.42 -1.55 -10.45
CA VAL A 22 7.20 -0.31 -9.73
C VAL A 22 6.58 0.74 -10.66
N ILE A 23 5.57 1.44 -10.17
CA ILE A 23 4.95 2.51 -10.93
C ILE A 23 5.98 3.61 -11.24
N ASP A 24 5.83 4.23 -12.41
CA ASP A 24 6.76 5.27 -12.87
C ASP A 24 6.93 6.38 -11.82
N ASN A 25 5.89 7.17 -11.61
CA ASN A 25 5.92 8.23 -10.62
C ASN A 25 4.52 8.79 -10.42
N ASP A 26 4.39 9.61 -9.37
CA ASP A 26 3.13 10.24 -9.02
C ASP A 26 3.40 11.19 -7.87
N ASN A 27 2.38 11.58 -7.12
CA ASN A 27 2.56 12.47 -5.99
C ASN A 27 2.87 11.68 -4.71
N CYS A 28 2.89 12.37 -3.57
CA CYS A 28 3.28 11.75 -2.32
C CYS A 28 2.07 11.20 -1.57
N THR A 29 0.89 11.71 -1.89
CA THR A 29 -0.33 11.26 -1.26
C THR A 29 -0.87 10.03 -1.98
N SER A 30 -1.13 8.97 -1.23
CA SER A 30 -1.65 7.75 -1.81
C SER A 30 -3.15 7.71 -1.66
N LYS A 31 -3.85 7.94 -2.76
CA LYS A 31 -5.30 7.86 -2.76
C LYS A 31 -5.79 6.67 -3.54
N PHE A 32 -6.93 6.14 -3.11
CA PHE A 32 -7.53 4.98 -3.73
C PHE A 32 -9.04 5.02 -3.53
N SER A 33 -9.79 4.97 -4.62
CA SER A 33 -11.24 5.03 -4.56
C SER A 33 -11.84 3.82 -5.26
N ARG A 34 -12.43 2.91 -4.49
CA ARG A 34 -12.98 1.68 -5.04
C ARG A 34 -14.43 1.47 -4.61
N PHE A 35 -15.22 0.91 -5.50
CA PHE A 35 -16.60 0.57 -5.21
C PHE A 35 -16.67 -0.76 -4.48
N PHE A 36 -17.43 -0.80 -3.41
CA PHE A 36 -17.63 -2.03 -2.68
C PHE A 36 -19.11 -2.40 -2.65
N ALA A 37 -19.39 -3.68 -2.43
CA ALA A 37 -20.76 -4.18 -2.42
C ALA A 37 -21.54 -3.58 -1.26
N THR A 38 -20.97 -3.65 -0.06
CA THR A 38 -21.61 -3.12 1.12
C THR A 38 -20.70 -2.10 1.80
N ARG A 39 -21.28 -1.25 2.63
CA ARG A 39 -20.49 -0.27 3.39
C ARG A 39 -19.55 -1.00 4.36
N GLU A 40 -19.95 -2.20 4.75
CA GLU A 40 -19.10 -3.07 5.57
C GLU A 40 -17.79 -3.36 4.86
N GLU A 41 -17.91 -3.75 3.60
CA GLU A 41 -16.75 -4.03 2.75
C GLU A 41 -15.77 -2.86 2.75
N ALA A 42 -16.29 -1.65 2.86
CA ALA A 42 -15.46 -0.46 2.80
C ALA A 42 -14.68 -0.26 4.08
N GLU A 43 -15.38 -0.26 5.21
CA GLU A 43 -14.74 -0.02 6.50
C GLU A 43 -13.79 -1.16 6.88
N SER A 44 -14.14 -2.37 6.47
CA SER A 44 -13.29 -3.53 6.72
C SER A 44 -12.01 -3.45 5.90
N PHE A 45 -12.10 -2.80 4.73
CA PHE A 45 -10.94 -2.62 3.87
C PHE A 45 -9.99 -1.60 4.49
N MET A 46 -10.56 -0.52 5.03
CA MET A 46 -9.78 0.54 5.64
C MET A 46 -8.98 0.04 6.85
N THR A 47 -9.45 -1.05 7.44
CA THR A 47 -8.78 -1.63 8.61
C THR A 47 -7.33 -2.00 8.30
N LYS A 48 -7.12 -2.73 7.20
CA LYS A 48 -5.79 -3.16 6.83
C LYS A 48 -4.94 -1.98 6.34
N LEU A 49 -5.61 -0.98 5.76
CA LEU A 49 -4.93 0.23 5.28
C LEU A 49 -4.20 0.92 6.42
N LYS A 50 -4.86 1.01 7.56
CA LYS A 50 -4.27 1.61 8.75
C LYS A 50 -3.01 0.87 9.19
N GLU A 51 -3.11 -0.45 9.28
CA GLU A 51 -2.01 -1.28 9.76
C GLU A 51 -0.87 -1.31 8.75
N LEU A 52 -1.22 -1.31 7.47
CA LEU A 52 -0.24 -1.30 6.41
C LEU A 52 0.57 0.00 6.40
N ALA A 53 -0.08 1.10 6.74
CA ALA A 53 0.60 2.38 6.85
C ALA A 53 1.58 2.35 8.02
N ALA A 54 1.19 1.67 9.09
CA ALA A 54 2.04 1.51 10.26
C ALA A 54 3.24 0.63 9.95
N ALA A 55 3.07 -0.29 9.01
CA ALA A 55 4.15 -1.17 8.61
C ALA A 55 5.09 -0.48 7.62
N ALA A 56 4.52 0.38 6.79
CA ALA A 56 5.29 1.07 5.75
C ALA A 56 6.08 2.24 6.31
N SER A 57 5.40 3.18 6.95
CA SER A 57 6.02 4.40 7.44
C SER A 57 6.23 4.38 8.94
N SER A 58 5.78 3.30 9.58
CA SER A 58 5.78 3.17 11.05
C SER A 58 4.77 4.11 11.66
N ALA A 59 4.91 5.40 11.35
CA ALA A 59 3.97 6.46 11.75
C ALA A 59 4.04 6.77 13.23
N ASP A 60 3.83 5.75 14.07
CA ASP A 60 3.75 5.91 15.53
C ASP A 60 2.62 6.85 15.90
N GLU A 61 2.87 8.15 15.80
CA GLU A 61 1.86 9.15 16.06
C GLU A 61 0.83 9.13 14.94
N GLY A 62 1.30 8.84 13.74
CA GLY A 62 0.39 8.64 12.62
C GLY A 62 0.67 9.56 11.45
N ALA A 63 0.81 8.97 10.27
CA ALA A 63 0.88 9.74 9.03
C ALA A 63 -0.48 10.33 8.73
N SER A 64 -0.51 11.39 7.94
CA SER A 64 -1.75 12.07 7.59
C SER A 64 -2.71 11.10 6.90
N VAL A 65 -3.75 10.69 7.61
CA VAL A 65 -4.69 9.74 7.08
C VAL A 65 -6.10 10.32 6.99
N ALA A 66 -6.66 10.28 5.80
CA ALA A 66 -8.03 10.69 5.57
C ALA A 66 -8.77 9.56 4.89
N TYR A 67 -10.01 9.33 5.31
CA TYR A 67 -10.81 8.25 4.75
C TYR A 67 -12.25 8.69 4.56
N LYS A 68 -12.84 8.28 3.47
CA LYS A 68 -14.24 8.55 3.18
C LYS A 68 -14.97 7.29 2.83
N ILE A 69 -16.18 7.19 3.32
CA ILE A 69 -17.06 6.09 2.98
C ILE A 69 -18.37 6.65 2.47
N LYS A 70 -18.57 6.61 1.16
CA LYS A 70 -19.75 7.20 0.58
C LYS A 70 -20.82 6.15 0.36
N ASP A 71 -21.96 6.37 0.97
CA ASP A 71 -23.10 5.48 0.88
C ASP A 71 -23.82 5.72 -0.43
N LEU A 72 -23.52 4.91 -1.44
CA LEU A 72 -24.15 5.05 -2.74
C LEU A 72 -25.39 4.16 -2.82
N GLU A 73 -26.02 4.15 -3.97
CA GLU A 73 -27.22 3.35 -4.15
C GLU A 73 -26.85 1.93 -4.60
N GLY A 74 -26.89 0.99 -3.65
CA GLY A 74 -26.60 -0.39 -3.95
C GLY A 74 -25.16 -0.74 -3.64
N GLN A 75 -24.29 0.24 -3.71
CA GLN A 75 -22.86 0.06 -3.48
C GLN A 75 -22.32 1.21 -2.66
N VAL A 76 -21.03 1.17 -2.35
CA VAL A 76 -20.38 2.27 -1.66
C VAL A 76 -19.02 2.55 -2.28
N GLU A 77 -18.51 3.75 -2.07
CA GLU A 77 -17.18 4.08 -2.56
C GLU A 77 -16.27 4.40 -1.38
N LEU A 78 -15.18 3.66 -1.30
CA LEU A 78 -14.19 3.83 -0.24
C LEU A 78 -13.06 4.72 -0.74
N ASP A 79 -12.86 5.84 -0.06
CA ASP A 79 -11.79 6.76 -0.38
C ASP A 79 -10.70 6.69 0.67
N ALA A 80 -9.52 6.25 0.28
CA ALA A 80 -8.38 6.24 1.17
C ALA A 80 -7.37 7.29 0.74
N ALA A 81 -6.95 8.13 1.67
CA ALA A 81 -5.96 9.17 1.39
C ALA A 81 -4.88 9.20 2.47
N PHE A 82 -3.72 8.66 2.14
CA PHE A 82 -2.60 8.63 3.07
C PHE A 82 -1.47 9.52 2.59
N THR A 83 -0.96 10.37 3.49
CA THR A 83 0.15 11.24 3.15
C THR A 83 1.43 10.77 3.83
N PHE A 84 2.36 10.25 3.04
CA PHE A 84 3.60 9.73 3.57
C PHE A 84 4.73 10.74 3.40
N SER A 85 5.88 10.46 3.99
CA SER A 85 7.02 11.36 3.92
C SER A 85 7.83 11.09 2.66
N CYS A 86 8.08 9.81 2.39
CA CYS A 86 8.84 9.41 1.23
C CYS A 86 7.94 8.70 0.22
N GLN A 87 8.21 8.89 -1.07
CA GLN A 87 7.41 8.26 -2.11
C GLN A 87 7.65 6.76 -2.12
N ALA A 88 8.84 6.35 -1.69
CA ALA A 88 9.16 4.94 -1.56
C ALA A 88 8.18 4.24 -0.64
N GLU A 89 7.75 4.94 0.40
CA GLU A 89 6.78 4.42 1.34
C GLU A 89 5.40 4.38 0.72
N MET A 90 5.12 5.36 -0.13
CA MET A 90 3.82 5.48 -0.79
C MET A 90 3.63 4.33 -1.78
N ILE A 91 4.63 4.10 -2.62
CA ILE A 91 4.53 3.08 -3.65
C ILE A 91 4.47 1.67 -3.06
N ILE A 92 5.32 1.37 -2.07
CA ILE A 92 5.30 0.06 -1.44
C ILE A 92 3.97 -0.19 -0.74
N PHE A 93 3.37 0.89 -0.26
CA PHE A 93 2.10 0.83 0.45
C PHE A 93 0.97 0.40 -0.50
N GLU A 94 0.85 1.09 -1.63
CA GLU A 94 -0.24 0.82 -2.54
C GLU A 94 -0.04 -0.49 -3.30
N LEU A 95 1.22 -0.87 -3.49
CA LEU A 95 1.54 -2.14 -4.12
C LEU A 95 1.17 -3.30 -3.20
N SER A 96 1.44 -3.15 -1.91
CA SER A 96 1.15 -4.20 -0.94
C SER A 96 -0.37 -4.38 -0.77
N LEU A 97 -1.13 -3.33 -1.09
CA LEU A 97 -2.59 -3.38 -1.00
C LEU A 97 -3.15 -4.56 -1.79
N ARG A 98 -2.76 -4.67 -3.05
CA ARG A 98 -3.24 -5.75 -3.89
C ARG A 98 -2.51 -7.06 -3.59
N SER A 99 -1.21 -6.97 -3.31
CA SER A 99 -0.40 -8.16 -3.11
C SER A 99 -0.73 -8.88 -1.81
N LEU A 100 -1.49 -8.23 -0.94
CA LEU A 100 -1.87 -8.84 0.32
C LEU A 100 -2.98 -9.86 0.09
N ALA A 101 -4.02 -9.43 -0.62
CA ALA A 101 -5.13 -10.31 -0.94
C ALA A 101 -4.75 -11.24 -2.08
N LEU A 102 -3.94 -10.74 -2.98
CA LEU A 102 -3.46 -11.53 -4.10
C LEU A 102 -2.11 -12.11 -3.79
N GLU A 103 -2.10 -13.14 -2.94
CA GLU A 103 -0.89 -13.85 -2.58
C GLU A 103 -0.31 -14.54 -3.81
N HIS A 104 -1.20 -14.95 -4.70
CA HIS A 104 -0.81 -15.49 -5.99
C HIS A 104 -0.57 -14.35 -6.97
N HIS A 105 0.69 -14.00 -7.18
CA HIS A 105 1.05 -12.88 -8.03
C HIS A 105 0.71 -13.14 -9.49
N HIS A 106 0.30 -12.09 -10.18
CA HIS A 106 0.01 -12.16 -11.61
C HIS A 106 1.17 -11.58 -12.40
N HIS A 107 1.48 -12.17 -13.54
CA HIS A 107 2.55 -11.68 -14.39
C HIS A 107 2.04 -11.31 -15.77
N HIS A 108 0.86 -10.67 -15.79
CA HIS A 108 0.23 -10.28 -17.04
C HIS A 108 -0.87 -9.26 -16.76
N HIS A 109 -1.99 -9.75 -16.22
CA HIS A 109 -3.12 -8.90 -15.84
C HIS A 109 -4.22 -9.79 -15.27
N MET A 1 22.20 -50.70 -9.40
CA MET A 1 21.72 -50.14 -8.12
C MET A 1 20.98 -48.83 -8.35
N ALA A 2 19.69 -48.83 -8.04
CA ALA A 2 18.89 -47.63 -8.17
C ALA A 2 19.35 -46.57 -7.17
N MET A 3 19.88 -45.47 -7.70
CA MET A 3 20.37 -44.39 -6.86
C MET A 3 19.21 -43.51 -6.43
N LYS A 4 18.82 -43.65 -5.17
CA LYS A 4 17.64 -42.98 -4.66
C LYS A 4 17.95 -41.59 -4.13
N ASP A 5 18.33 -40.70 -5.04
CA ASP A 5 18.50 -39.30 -4.73
C ASP A 5 17.46 -38.48 -5.48
N VAL A 6 16.60 -39.21 -6.19
CA VAL A 6 15.56 -38.60 -7.02
C VAL A 6 14.57 -37.80 -6.19
N VAL A 7 14.33 -36.56 -6.61
CA VAL A 7 13.39 -35.69 -5.94
C VAL A 7 12.68 -34.81 -6.97
N ASP A 8 11.38 -34.64 -6.79
CA ASP A 8 10.60 -33.80 -7.69
C ASP A 8 9.77 -32.83 -6.88
N LYS A 9 8.73 -32.25 -7.48
CA LYS A 9 7.90 -31.26 -6.82
C LYS A 9 8.74 -30.01 -6.55
N CYS A 10 9.23 -29.40 -7.62
CA CYS A 10 10.09 -28.24 -7.53
C CYS A 10 9.59 -27.13 -8.45
N SER A 11 8.28 -27.10 -8.66
CA SER A 11 7.66 -26.04 -9.42
C SER A 11 6.55 -25.41 -8.58
N THR A 12 6.95 -24.51 -7.68
CA THR A 12 6.05 -23.93 -6.73
C THR A 12 6.01 -22.41 -6.90
N LYS A 13 4.82 -21.85 -6.73
CA LYS A 13 4.63 -20.39 -6.70
C LYS A 13 4.94 -19.77 -8.06
N GLY A 14 5.22 -18.48 -8.06
CA GLY A 14 5.49 -17.77 -9.30
C GLY A 14 4.52 -16.63 -9.53
N CYS A 15 3.87 -16.19 -8.47
CA CYS A 15 2.90 -15.11 -8.55
C CYS A 15 3.58 -13.79 -8.26
N ALA A 16 4.08 -13.15 -9.31
CA ALA A 16 4.79 -11.90 -9.16
C ALA A 16 4.29 -10.88 -10.18
N ILE A 17 3.78 -9.77 -9.68
CA ILE A 17 3.30 -8.69 -10.53
C ILE A 17 4.05 -7.41 -10.22
N ASP A 18 4.08 -6.50 -11.19
CA ASP A 18 4.77 -5.24 -11.02
C ASP A 18 3.79 -4.08 -11.13
N ILE A 19 3.86 -3.17 -10.18
CA ILE A 19 3.02 -1.97 -10.22
C ILE A 19 3.43 -1.07 -11.37
N GLY A 20 4.72 -1.07 -11.67
CA GLY A 20 5.23 -0.24 -12.74
C GLY A 20 5.46 1.17 -12.28
N THR A 21 6.48 1.35 -11.44
CA THR A 21 6.81 2.66 -10.89
C THR A 21 7.58 3.49 -11.92
N VAL A 22 7.01 3.60 -13.11
CA VAL A 22 7.58 4.41 -14.18
C VAL A 22 6.67 5.61 -14.42
N ILE A 23 5.74 5.78 -13.51
CA ILE A 23 4.76 6.85 -13.56
C ILE A 23 5.30 8.07 -12.80
N ASP A 24 4.78 9.25 -13.11
CA ASP A 24 5.22 10.48 -12.47
C ASP A 24 5.04 10.42 -10.96
N ASN A 25 6.15 10.47 -10.25
CA ASN A 25 6.17 10.46 -8.79
C ASN A 25 5.82 11.83 -8.22
N ASP A 26 4.65 12.33 -8.63
CA ASP A 26 4.22 13.68 -8.31
C ASP A 26 4.12 13.92 -6.80
N ASN A 27 3.17 13.27 -6.15
CA ASN A 27 2.91 13.51 -4.74
C ASN A 27 3.25 12.31 -3.88
N CYS A 28 3.19 12.50 -2.58
CA CYS A 28 3.46 11.43 -1.62
C CYS A 28 2.16 10.90 -1.04
N THR A 29 1.05 11.40 -1.57
CA THR A 29 -0.27 10.99 -1.12
C THR A 29 -0.85 9.93 -2.04
N SER A 30 -1.23 8.79 -1.47
CA SER A 30 -1.85 7.73 -2.24
C SER A 30 -3.35 7.78 -2.06
N LYS A 31 -4.08 7.63 -3.16
CA LYS A 31 -5.52 7.60 -3.11
C LYS A 31 -6.02 6.19 -3.33
N PHE A 32 -6.61 5.62 -2.30
CA PHE A 32 -7.20 4.30 -2.40
C PHE A 32 -8.70 4.45 -2.57
N SER A 33 -9.22 3.96 -3.69
CA SER A 33 -10.64 4.06 -3.96
C SER A 33 -11.17 2.71 -4.45
N ARG A 34 -11.91 2.04 -3.60
CA ARG A 34 -12.44 0.73 -3.92
C ARG A 34 -13.93 0.66 -3.58
N PHE A 35 -14.69 0.04 -4.46
CA PHE A 35 -16.13 -0.07 -4.28
C PHE A 35 -16.47 -1.37 -3.56
N PHE A 36 -17.42 -1.30 -2.63
CA PHE A 36 -17.83 -2.48 -1.89
C PHE A 36 -19.34 -2.60 -1.88
N ALA A 37 -19.83 -3.77 -1.50
CA ALA A 37 -21.27 -4.03 -1.46
C ALA A 37 -21.98 -3.13 -0.46
N THR A 38 -21.52 -3.16 0.78
CA THR A 38 -22.10 -2.33 1.83
C THR A 38 -21.04 -1.41 2.41
N ARG A 39 -21.47 -0.32 3.05
CA ARG A 39 -20.56 0.58 3.72
C ARG A 39 -19.82 -0.16 4.84
N GLU A 40 -20.48 -1.17 5.38
CA GLU A 40 -19.88 -2.01 6.41
C GLU A 40 -18.66 -2.72 5.86
N GLU A 41 -18.79 -3.27 4.66
CA GLU A 41 -17.68 -3.91 3.96
C GLU A 41 -16.53 -2.92 3.78
N ALA A 42 -16.88 -1.67 3.60
CA ALA A 42 -15.91 -0.63 3.29
C ALA A 42 -15.09 -0.23 4.53
N GLU A 43 -15.79 0.12 5.60
CA GLU A 43 -15.14 0.58 6.82
C GLU A 43 -14.37 -0.54 7.50
N SER A 44 -14.74 -1.78 7.20
CA SER A 44 -14.04 -2.94 7.74
C SER A 44 -12.75 -3.19 6.97
N PHE A 45 -12.72 -2.80 5.71
CA PHE A 45 -11.53 -2.99 4.89
C PHE A 45 -10.46 -1.98 5.32
N MET A 46 -10.91 -0.86 5.88
CA MET A 46 -10.01 0.18 6.36
C MET A 46 -9.18 -0.34 7.54
N THR A 47 -9.75 -1.27 8.30
CA THR A 47 -9.09 -1.82 9.48
C THR A 47 -7.73 -2.42 9.12
N LYS A 48 -7.71 -3.25 8.09
CA LYS A 48 -6.47 -3.87 7.66
C LYS A 48 -5.59 -2.86 6.93
N LEU A 49 -6.20 -1.85 6.33
CA LEU A 49 -5.45 -0.77 5.69
C LEU A 49 -4.63 -0.01 6.72
N LYS A 50 -5.18 0.15 7.93
CA LYS A 50 -4.44 0.73 9.05
C LYS A 50 -3.13 -0.03 9.26
N GLU A 51 -3.25 -1.36 9.35
CA GLU A 51 -2.11 -2.24 9.51
C GLU A 51 -1.08 -2.01 8.41
N LEU A 52 -1.55 -2.03 7.17
CA LEU A 52 -0.69 -1.86 6.00
C LEU A 52 0.03 -0.51 6.04
N ALA A 53 -0.72 0.56 6.29
CA ALA A 53 -0.16 1.90 6.31
C ALA A 53 0.85 2.06 7.44
N ALA A 54 0.51 1.55 8.61
CA ALA A 54 1.36 1.65 9.79
C ALA A 54 2.66 0.86 9.59
N ALA A 55 2.58 -0.20 8.80
CA ALA A 55 3.75 -1.04 8.53
C ALA A 55 4.61 -0.43 7.43
N ALA A 56 3.96 0.05 6.38
CA ALA A 56 4.66 0.63 5.24
C ALA A 56 5.42 1.89 5.64
N SER A 57 4.74 2.78 6.34
CA SER A 57 5.37 4.02 6.76
C SER A 57 6.03 3.83 8.12
N SER A 58 7.26 4.31 8.24
CA SER A 58 7.99 4.24 9.51
C SER A 58 7.48 5.28 10.49
N ALA A 59 6.32 5.84 10.20
CA ALA A 59 5.65 6.75 11.12
C ALA A 59 5.04 5.95 12.28
N ASP A 60 4.65 4.71 11.97
CA ASP A 60 4.11 3.76 12.96
C ASP A 60 2.72 4.15 13.43
N GLU A 61 2.55 5.39 13.85
CA GLU A 61 1.24 5.89 14.25
C GLU A 61 0.29 5.90 13.06
N GLY A 62 0.85 6.10 11.88
CA GLY A 62 0.07 6.12 10.66
C GLY A 62 0.40 7.32 9.81
N ALA A 63 -0.05 7.30 8.58
CA ALA A 63 0.14 8.43 7.68
C ALA A 63 -1.02 9.40 7.79
N SER A 64 -0.89 10.56 7.16
CA SER A 64 -1.97 11.52 7.13
C SER A 64 -3.07 11.06 6.18
N VAL A 65 -4.02 10.32 6.71
CA VAL A 65 -5.05 9.73 5.89
C VAL A 65 -6.36 10.52 5.98
N ALA A 66 -6.76 11.07 4.84
CA ALA A 66 -8.07 11.69 4.71
C ALA A 66 -8.99 10.70 4.01
N TYR A 67 -9.76 9.97 4.79
CA TYR A 67 -10.59 8.91 4.26
C TYR A 67 -12.06 9.31 4.25
N LYS A 68 -12.80 8.74 3.33
CA LYS A 68 -14.23 8.98 3.23
C LYS A 68 -14.94 7.71 2.79
N ILE A 69 -16.17 7.56 3.24
CA ILE A 69 -17.01 6.45 2.84
C ILE A 69 -18.25 7.00 2.16
N LYS A 70 -18.34 6.81 0.86
CA LYS A 70 -19.42 7.40 0.10
C LYS A 70 -20.55 6.42 -0.11
N ASP A 71 -21.71 6.78 0.40
CA ASP A 71 -22.90 5.98 0.28
C ASP A 71 -23.47 6.10 -1.14
N LEU A 72 -23.28 5.07 -1.96
CA LEU A 72 -23.72 5.11 -3.35
C LEU A 72 -24.95 4.24 -3.57
N GLU A 73 -25.37 4.16 -4.82
CA GLU A 73 -26.56 3.41 -5.20
C GLU A 73 -26.19 1.98 -5.58
N GLY A 74 -26.41 1.06 -4.66
CA GLY A 74 -26.14 -0.34 -4.91
C GLY A 74 -24.75 -0.75 -4.48
N GLN A 75 -23.95 0.23 -4.08
CA GLN A 75 -22.59 -0.01 -3.65
C GLN A 75 -22.10 1.17 -2.82
N VAL A 76 -20.89 1.08 -2.31
CA VAL A 76 -20.30 2.20 -1.58
C VAL A 76 -18.90 2.47 -2.09
N GLU A 77 -18.47 3.70 -2.01
CA GLU A 77 -17.15 4.09 -2.43
C GLU A 77 -16.26 4.33 -1.22
N LEU A 78 -15.26 3.49 -1.06
CA LEU A 78 -14.30 3.67 0.02
C LEU A 78 -13.07 4.36 -0.53
N ASP A 79 -12.82 5.57 -0.07
CA ASP A 79 -11.70 6.35 -0.57
C ASP A 79 -10.86 6.87 0.59
N ALA A 80 -9.55 6.76 0.45
CA ALA A 80 -8.64 7.21 1.50
C ALA A 80 -7.39 7.82 0.89
N ALA A 81 -7.10 9.05 1.29
CA ALA A 81 -5.90 9.73 0.84
C ALA A 81 -4.82 9.66 1.91
N PHE A 82 -3.85 8.77 1.71
CA PHE A 82 -2.76 8.62 2.66
C PHE A 82 -1.59 9.50 2.27
N THR A 83 -1.32 10.52 3.07
CA THR A 83 -0.17 11.37 2.85
C THR A 83 0.99 10.89 3.73
N PHE A 84 1.97 10.26 3.09
CA PHE A 84 3.11 9.74 3.82
C PHE A 84 4.17 10.81 3.98
N SER A 85 4.94 10.72 5.06
CA SER A 85 6.04 11.65 5.32
C SER A 85 7.12 11.53 4.25
N CYS A 86 7.27 10.32 3.72
CA CYS A 86 8.23 10.05 2.66
C CYS A 86 7.53 9.39 1.49
N GLN A 87 7.93 9.73 0.28
CA GLN A 87 7.31 9.15 -0.91
C GLN A 87 7.63 7.67 -1.02
N ALA A 88 8.78 7.27 -0.48
CA ALA A 88 9.20 5.88 -0.46
C ALA A 88 8.13 5.00 0.18
N GLU A 89 7.51 5.52 1.25
CA GLU A 89 6.49 4.79 1.99
C GLU A 89 5.24 4.62 1.13
N MET A 90 5.03 5.56 0.21
CA MET A 90 3.85 5.55 -0.65
C MET A 90 3.99 4.49 -1.75
N ILE A 91 5.13 4.50 -2.42
CA ILE A 91 5.35 3.57 -3.53
C ILE A 91 5.43 2.12 -3.06
N ILE A 92 6.01 1.88 -1.87
CA ILE A 92 6.07 0.53 -1.32
C ILE A 92 4.68 0.07 -0.90
N PHE A 93 3.84 1.03 -0.52
CA PHE A 93 2.46 0.76 -0.16
C PHE A 93 1.70 0.26 -1.38
N GLU A 94 1.88 0.94 -2.51
CA GLU A 94 1.25 0.56 -3.77
C GLU A 94 1.60 -0.87 -4.16
N LEU A 95 2.90 -1.18 -4.08
CA LEU A 95 3.40 -2.51 -4.44
C LEU A 95 2.67 -3.60 -3.66
N SER A 96 2.42 -3.32 -2.39
CA SER A 96 1.86 -4.31 -1.48
C SER A 96 0.34 -4.40 -1.60
N LEU A 97 -0.29 -3.35 -2.13
CA LEU A 97 -1.74 -3.33 -2.28
C LEU A 97 -2.20 -4.37 -3.29
N ARG A 98 -1.61 -4.35 -4.47
CA ARG A 98 -2.02 -5.27 -5.53
C ARG A 98 -1.49 -6.68 -5.28
N SER A 99 -0.35 -6.76 -4.61
CA SER A 99 0.24 -8.06 -4.29
C SER A 99 -0.51 -8.76 -3.14
N LEU A 100 -1.56 -8.13 -2.65
CA LEU A 100 -2.33 -8.67 -1.54
C LEU A 100 -3.62 -9.33 -2.02
N ALA A 101 -4.41 -8.60 -2.81
CA ALA A 101 -5.69 -9.10 -3.28
C ALA A 101 -5.67 -9.35 -4.78
N LEU A 102 -4.52 -9.11 -5.39
CA LEU A 102 -4.31 -9.26 -6.83
C LEU A 102 -5.09 -8.19 -7.61
N GLU A 103 -6.41 -8.35 -7.62
CA GLU A 103 -7.31 -7.45 -8.36
C GLU A 103 -6.94 -7.33 -9.83
N HIS A 104 -7.66 -8.06 -10.67
CA HIS A 104 -7.44 -7.97 -12.11
C HIS A 104 -8.34 -6.87 -12.70
N HIS A 105 -8.82 -6.00 -11.83
CA HIS A 105 -9.65 -4.88 -12.24
C HIS A 105 -8.82 -3.84 -12.95
N HIS A 106 -9.15 -3.60 -14.21
CA HIS A 106 -8.43 -2.64 -15.04
C HIS A 106 -8.86 -1.21 -14.67
N HIS A 107 -8.09 -0.24 -15.13
CA HIS A 107 -8.38 1.15 -14.83
C HIS A 107 -9.28 1.74 -15.91
N HIS A 108 -10.45 2.22 -15.50
CA HIS A 108 -11.43 2.75 -16.45
C HIS A 108 -10.90 3.98 -17.18
N HIS A 109 -11.27 4.11 -18.43
CA HIS A 109 -10.88 5.25 -19.25
C HIS A 109 -12.10 5.79 -19.99
N MET A 1 54.25 -7.58 -28.74
CA MET A 1 53.83 -6.40 -27.94
C MET A 1 52.37 -6.51 -27.54
N ALA A 2 52.11 -7.20 -26.43
CA ALA A 2 50.77 -7.36 -25.92
C ALA A 2 50.80 -7.86 -24.48
N MET A 3 50.88 -6.93 -23.53
CA MET A 3 50.97 -7.28 -22.13
C MET A 3 49.62 -7.18 -21.45
N LYS A 4 48.57 -7.61 -22.14
CA LYS A 4 47.24 -7.60 -21.57
C LYS A 4 47.04 -8.81 -20.67
N ASP A 5 47.48 -8.67 -19.44
CA ASP A 5 47.37 -9.75 -18.47
C ASP A 5 46.67 -9.26 -17.22
N VAL A 6 45.36 -9.47 -17.17
CA VAL A 6 44.55 -9.01 -16.07
C VAL A 6 43.70 -10.14 -15.52
N VAL A 7 43.72 -10.32 -14.21
CA VAL A 7 42.99 -11.40 -13.57
C VAL A 7 41.74 -10.87 -12.87
N ASP A 8 40.59 -11.05 -13.51
CA ASP A 8 39.30 -10.76 -12.90
C ASP A 8 38.23 -11.60 -13.57
N LYS A 9 37.51 -12.39 -12.79
CA LYS A 9 36.50 -13.28 -13.35
C LYS A 9 35.62 -13.85 -12.23
N CYS A 10 35.11 -12.97 -11.39
CA CYS A 10 34.23 -13.39 -10.30
C CYS A 10 33.12 -12.37 -10.11
N SER A 11 31.98 -12.64 -10.74
CA SER A 11 30.80 -11.81 -10.62
C SER A 11 29.58 -12.62 -11.04
N THR A 12 28.94 -13.24 -10.07
CA THR A 12 27.83 -14.13 -10.34
C THR A 12 26.54 -13.65 -9.70
N LYS A 13 26.65 -13.15 -8.47
CA LYS A 13 25.46 -12.77 -7.71
C LYS A 13 24.85 -11.48 -8.25
N GLY A 14 23.57 -11.56 -8.59
CA GLY A 14 22.86 -10.40 -9.10
C GLY A 14 21.47 -10.76 -9.57
N CYS A 15 20.56 -10.94 -8.62
CA CYS A 15 19.18 -11.31 -8.93
C CYS A 15 18.33 -11.23 -7.67
N ALA A 16 17.28 -10.42 -7.71
CA ALA A 16 16.41 -10.22 -6.55
C ALA A 16 15.07 -9.63 -6.95
N ILE A 17 14.02 -10.07 -6.28
CA ILE A 17 12.69 -9.50 -6.45
C ILE A 17 12.38 -8.56 -5.29
N ASP A 18 11.74 -7.43 -5.59
CA ASP A 18 11.46 -6.43 -4.57
C ASP A 18 10.17 -5.69 -4.90
N ILE A 19 9.49 -5.21 -3.87
CA ILE A 19 8.28 -4.42 -4.05
C ILE A 19 8.58 -3.12 -4.80
N GLY A 20 9.53 -2.35 -4.28
CA GLY A 20 9.78 -1.02 -4.79
C GLY A 20 10.62 -1.00 -6.05
N THR A 21 10.24 -1.80 -7.03
CA THR A 21 10.91 -1.81 -8.30
C THR A 21 10.08 -1.06 -9.33
N VAL A 22 8.92 -0.60 -8.88
CA VAL A 22 8.03 0.21 -9.70
C VAL A 22 7.72 1.52 -8.96
N ILE A 23 8.05 2.64 -9.58
CA ILE A 23 7.86 3.93 -8.94
C ILE A 23 7.11 4.89 -9.84
N ASP A 24 5.91 5.26 -9.40
CA ASP A 24 5.10 6.24 -10.12
C ASP A 24 5.60 7.65 -9.85
N ASN A 25 6.21 7.82 -8.66
CA ASN A 25 6.71 9.12 -8.17
C ASN A 25 5.71 10.25 -8.46
N ASP A 26 4.44 9.91 -8.38
CA ASP A 26 3.37 10.84 -8.73
C ASP A 26 3.09 11.83 -7.60
N ASN A 27 2.91 11.32 -6.39
CA ASN A 27 2.60 12.17 -5.24
C ASN A 27 3.36 11.67 -4.00
N CYS A 28 3.01 12.24 -2.85
CA CYS A 28 3.45 11.70 -1.56
C CYS A 28 2.23 11.13 -0.85
N THR A 29 1.07 11.40 -1.43
CA THR A 29 -0.20 10.99 -0.88
C THR A 29 -0.79 9.86 -1.71
N SER A 30 -1.11 8.76 -1.06
CA SER A 30 -1.69 7.62 -1.73
C SER A 30 -3.20 7.63 -1.58
N LYS A 31 -3.89 8.03 -2.63
CA LYS A 31 -5.33 7.99 -2.66
C LYS A 31 -5.79 6.74 -3.37
N PHE A 32 -6.38 5.86 -2.61
CA PHE A 32 -6.81 4.57 -3.11
C PHE A 32 -8.32 4.43 -2.96
N SER A 33 -9.00 4.26 -4.09
CA SER A 33 -10.45 4.15 -4.11
C SER A 33 -10.87 2.73 -4.50
N ARG A 34 -11.77 2.14 -3.72
CA ARG A 34 -12.25 0.80 -3.98
C ARG A 34 -13.76 0.73 -3.79
N PHE A 35 -14.42 -0.06 -4.61
CA PHE A 35 -15.87 -0.22 -4.52
C PHE A 35 -16.23 -1.46 -3.70
N PHE A 36 -17.24 -1.33 -2.86
CA PHE A 36 -17.72 -2.44 -2.05
C PHE A 36 -19.25 -2.46 -2.05
N ALA A 37 -19.83 -3.48 -1.44
CA ALA A 37 -21.28 -3.59 -1.38
C ALA A 37 -21.88 -2.57 -0.42
N THR A 38 -21.41 -2.59 0.83
CA THR A 38 -21.94 -1.69 1.84
C THR A 38 -20.83 -0.91 2.53
N ARG A 39 -21.20 0.21 3.15
CA ARG A 39 -20.25 1.08 3.83
C ARG A 39 -19.54 0.35 4.96
N GLU A 40 -20.19 -0.66 5.52
CA GLU A 40 -19.58 -1.48 6.55
C GLU A 40 -18.37 -2.21 5.99
N GLU A 41 -18.58 -2.78 4.80
CA GLU A 41 -17.51 -3.47 4.08
C GLU A 41 -16.33 -2.53 3.84
N ALA A 42 -16.64 -1.25 3.71
CA ALA A 42 -15.62 -0.24 3.45
C ALA A 42 -14.82 0.06 4.71
N GLU A 43 -15.50 0.08 5.85
CA GLU A 43 -14.84 0.32 7.13
C GLU A 43 -13.89 -0.83 7.46
N SER A 44 -14.34 -2.05 7.19
CA SER A 44 -13.53 -3.24 7.42
C SER A 44 -12.27 -3.20 6.56
N PHE A 45 -12.37 -2.57 5.40
CA PHE A 45 -11.22 -2.42 4.51
C PHE A 45 -10.21 -1.47 5.12
N MET A 46 -10.70 -0.40 5.74
CA MET A 46 -9.83 0.57 6.39
C MET A 46 -9.14 -0.06 7.60
N THR A 47 -9.81 -1.01 8.23
CA THR A 47 -9.26 -1.69 9.39
C THR A 47 -7.95 -2.41 9.05
N LYS A 48 -7.93 -3.12 7.92
CA LYS A 48 -6.73 -3.84 7.51
C LYS A 48 -5.66 -2.86 7.01
N LEU A 49 -6.10 -1.80 6.33
CA LEU A 49 -5.20 -0.79 5.79
C LEU A 49 -4.48 -0.05 6.91
N LYS A 50 -5.20 0.22 8.00
CA LYS A 50 -4.64 0.86 9.17
C LYS A 50 -3.39 0.14 9.66
N GLU A 51 -3.51 -1.17 9.84
CA GLU A 51 -2.40 -1.96 10.36
C GLU A 51 -1.25 -2.02 9.36
N LEU A 52 -1.59 -2.06 8.08
CA LEU A 52 -0.58 -2.08 7.02
C LEU A 52 0.18 -0.75 6.97
N ALA A 53 -0.55 0.35 7.11
CA ALA A 53 0.04 1.68 7.07
C ALA A 53 1.05 1.88 8.18
N ALA A 54 0.77 1.29 9.34
CA ALA A 54 1.65 1.39 10.50
C ALA A 54 3.01 0.75 10.21
N ALA A 55 3.00 -0.31 9.41
CA ALA A 55 4.23 -1.01 9.06
C ALA A 55 4.90 -0.35 7.85
N ALA A 56 4.10 0.24 6.99
CA ALA A 56 4.60 0.86 5.77
C ALA A 56 5.30 2.18 6.06
N SER A 57 4.59 3.08 6.74
CA SER A 57 5.10 4.43 6.97
C SER A 57 5.69 4.58 8.37
N SER A 58 6.89 5.15 8.43
CA SER A 58 7.58 5.35 9.69
C SER A 58 7.39 6.78 10.20
N ALA A 59 6.18 7.28 10.08
CA ALA A 59 5.86 8.62 10.54
C ALA A 59 5.66 8.65 12.06
N ASP A 60 4.81 7.78 12.55
CA ASP A 60 4.55 7.69 14.00
C ASP A 60 3.80 6.40 14.32
N GLU A 61 2.51 6.37 13.97
CA GLU A 61 1.70 5.17 14.12
C GLU A 61 1.01 4.85 12.80
N GLY A 62 1.50 5.50 11.76
CA GLY A 62 0.92 5.39 10.45
C GLY A 62 1.08 6.68 9.68
N ALA A 63 0.27 6.87 8.65
CA ALA A 63 0.34 8.08 7.85
C ALA A 63 -0.95 8.87 8.00
N SER A 64 -0.93 10.12 7.54
CA SER A 64 -2.11 10.96 7.59
C SER A 64 -3.18 10.41 6.66
N VAL A 65 -4.17 9.76 7.23
CA VAL A 65 -5.21 9.13 6.43
C VAL A 65 -6.46 10.00 6.38
N ALA A 66 -6.78 10.45 5.18
CA ALA A 66 -8.03 11.15 4.93
C ALA A 66 -8.92 10.27 4.07
N TYR A 67 -9.82 9.55 4.71
CA TYR A 67 -10.65 8.60 4.00
C TYR A 67 -12.12 8.97 4.12
N LYS A 68 -12.85 8.75 3.05
CA LYS A 68 -14.28 8.97 3.05
C LYS A 68 -14.97 7.76 2.45
N ILE A 69 -16.19 7.55 2.86
CA ILE A 69 -16.98 6.44 2.35
C ILE A 69 -18.22 6.98 1.66
N LYS A 70 -18.29 6.78 0.35
CA LYS A 70 -19.45 7.23 -0.39
C LYS A 70 -20.46 6.09 -0.53
N ASP A 71 -21.59 6.27 0.10
CA ASP A 71 -22.66 5.28 0.10
C ASP A 71 -23.57 5.54 -1.08
N LEU A 72 -23.34 4.82 -2.17
CA LEU A 72 -24.12 5.01 -3.38
C LEU A 72 -25.29 4.05 -3.42
N GLU A 73 -26.23 4.32 -4.30
CA GLU A 73 -27.39 3.47 -4.46
C GLU A 73 -27.00 2.22 -5.27
N GLY A 74 -26.61 1.17 -4.56
CA GLY A 74 -26.23 -0.08 -5.22
C GLY A 74 -24.89 -0.59 -4.75
N GLN A 75 -24.00 0.33 -4.40
CA GLN A 75 -22.66 -0.02 -3.94
C GLN A 75 -22.04 1.18 -3.23
N VAL A 76 -20.87 0.99 -2.64
CA VAL A 76 -20.20 2.08 -1.96
C VAL A 76 -18.76 2.21 -2.45
N GLU A 77 -18.17 3.36 -2.20
CA GLU A 77 -16.78 3.58 -2.56
C GLU A 77 -15.98 3.99 -1.34
N LEU A 78 -14.91 3.25 -1.08
CA LEU A 78 -13.98 3.60 -0.03
C LEU A 78 -12.84 4.39 -0.65
N ASP A 79 -12.74 5.65 -0.27
CA ASP A 79 -11.75 6.54 -0.85
C ASP A 79 -10.81 7.05 0.22
N ALA A 80 -9.61 6.48 0.27
CA ALA A 80 -8.66 6.81 1.33
C ALA A 80 -7.41 7.47 0.77
N ALA A 81 -7.09 8.65 1.31
CA ALA A 81 -5.87 9.35 0.92
C ALA A 81 -4.86 9.33 2.07
N PHE A 82 -3.83 8.51 1.91
CA PHE A 82 -2.78 8.39 2.92
C PHE A 82 -1.63 9.33 2.59
N THR A 83 -1.44 10.34 3.40
CA THR A 83 -0.36 11.29 3.20
C THR A 83 0.91 10.82 3.90
N PHE A 84 1.86 10.33 3.12
CA PHE A 84 3.10 9.80 3.66
C PHE A 84 4.17 10.87 3.77
N SER A 85 5.09 10.69 4.71
CA SER A 85 6.17 11.64 4.93
C SER A 85 7.23 11.53 3.82
N CYS A 86 7.24 10.39 3.14
CA CYS A 86 8.21 10.14 2.09
C CYS A 86 7.50 9.55 0.86
N GLN A 87 8.04 9.82 -0.31
CA GLN A 87 7.44 9.34 -1.56
C GLN A 87 7.61 7.83 -1.71
N ALA A 88 8.69 7.30 -1.17
CA ALA A 88 8.93 5.87 -1.22
C ALA A 88 7.81 5.10 -0.53
N GLU A 89 7.26 5.70 0.52
CA GLU A 89 6.16 5.09 1.27
C GLU A 89 4.93 4.92 0.38
N MET A 90 4.72 5.87 -0.53
CA MET A 90 3.58 5.83 -1.44
C MET A 90 3.64 4.59 -2.33
N ILE A 91 4.75 4.43 -3.03
CA ILE A 91 4.90 3.37 -4.00
C ILE A 91 4.92 1.99 -3.35
N ILE A 92 5.65 1.84 -2.25
CA ILE A 92 5.75 0.55 -1.59
C ILE A 92 4.38 0.11 -1.04
N PHE A 93 3.55 1.08 -0.69
CA PHE A 93 2.23 0.80 -0.17
C PHE A 93 1.31 0.30 -1.28
N GLU A 94 1.26 1.07 -2.37
CA GLU A 94 0.42 0.73 -3.53
C GLU A 94 0.76 -0.66 -4.07
N LEU A 95 2.05 -0.94 -4.21
CA LEU A 95 2.52 -2.18 -4.79
C LEU A 95 2.16 -3.39 -3.92
N SER A 96 2.52 -3.32 -2.64
CA SER A 96 2.09 -4.33 -1.67
C SER A 96 0.58 -4.59 -1.72
N LEU A 97 -0.21 -3.52 -1.83
CA LEU A 97 -1.67 -3.63 -1.85
C LEU A 97 -2.16 -4.37 -3.08
N ARG A 98 -1.47 -4.19 -4.20
CA ARG A 98 -1.88 -4.75 -5.47
C ARG A 98 -1.99 -6.27 -5.39
N SER A 99 -0.96 -6.90 -4.83
CA SER A 99 -0.92 -8.35 -4.71
C SER A 99 -1.52 -8.79 -3.37
N LEU A 100 -2.20 -7.87 -2.70
CA LEU A 100 -2.80 -8.15 -1.40
C LEU A 100 -4.31 -8.31 -1.52
N ALA A 101 -4.91 -7.47 -2.36
CA ALA A 101 -6.35 -7.53 -2.61
C ALA A 101 -6.74 -8.91 -3.16
N LEU A 102 -5.80 -9.53 -3.88
CA LEU A 102 -5.94 -10.88 -4.44
C LEU A 102 -7.04 -10.98 -5.51
N GLU A 103 -7.96 -10.01 -5.56
CA GLU A 103 -9.02 -10.01 -6.56
C GLU A 103 -8.44 -10.05 -7.96
N HIS A 104 -7.55 -9.12 -8.27
CA HIS A 104 -6.84 -9.14 -9.54
C HIS A 104 -5.65 -10.09 -9.44
N HIS A 105 -5.96 -11.38 -9.40
CA HIS A 105 -4.93 -12.40 -9.28
C HIS A 105 -4.08 -12.42 -10.55
N HIS A 106 -2.77 -12.26 -10.38
CA HIS A 106 -1.87 -12.21 -11.51
C HIS A 106 -1.31 -13.60 -11.83
N HIS A 107 -2.05 -14.35 -12.62
CA HIS A 107 -1.59 -15.66 -13.09
C HIS A 107 -1.36 -15.60 -14.59
N HIS A 108 -1.65 -14.44 -15.17
CA HIS A 108 -1.39 -14.19 -16.58
C HIS A 108 0.10 -13.94 -16.78
N HIS A 109 0.74 -14.80 -17.56
CA HIS A 109 2.14 -14.61 -17.91
C HIS A 109 2.22 -13.76 -19.17
N MET A 1 14.75 3.49 50.41
CA MET A 1 14.34 3.79 49.02
C MET A 1 15.28 3.12 48.04
N ALA A 2 15.06 1.84 47.82
CA ALA A 2 15.89 1.06 46.91
C ALA A 2 15.04 0.29 45.91
N MET A 3 14.97 0.81 44.69
CA MET A 3 14.24 0.14 43.62
C MET A 3 14.83 0.51 42.26
N LYS A 4 15.89 -0.18 41.88
CA LYS A 4 16.61 0.16 40.65
C LYS A 4 17.13 -1.11 39.96
N ASP A 5 16.35 -1.60 39.01
CA ASP A 5 16.74 -2.77 38.21
C ASP A 5 15.75 -2.97 37.08
N VAL A 6 16.26 -2.92 35.85
CA VAL A 6 15.40 -2.97 34.67
C VAL A 6 15.22 -4.40 34.15
N VAL A 7 13.99 -4.72 33.77
CA VAL A 7 13.68 -5.99 33.16
C VAL A 7 13.13 -5.79 31.75
N ASP A 8 13.88 -6.25 30.76
CA ASP A 8 13.49 -6.09 29.36
C ASP A 8 14.35 -6.95 28.45
N LYS A 9 13.69 -7.80 27.67
CA LYS A 9 14.37 -8.58 26.64
C LYS A 9 13.51 -8.56 25.38
N CYS A 10 13.64 -7.47 24.63
CA CYS A 10 12.80 -7.27 23.45
C CYS A 10 13.54 -7.63 22.17
N SER A 11 13.65 -8.91 21.90
CA SER A 11 14.20 -9.39 20.65
C SER A 11 13.08 -9.62 19.64
N THR A 12 12.66 -8.56 18.98
CA THR A 12 11.52 -8.63 18.09
C THR A 12 11.85 -8.11 16.69
N LYS A 13 11.88 -9.04 15.74
CA LYS A 13 12.06 -8.72 14.33
C LYS A 13 11.79 -9.96 13.49
N GLY A 14 10.57 -10.10 13.02
CA GLY A 14 10.17 -11.28 12.30
C GLY A 14 9.24 -10.97 11.15
N CYS A 15 9.71 -10.18 10.22
CA CYS A 15 8.96 -9.86 9.03
C CYS A 15 9.78 -10.15 7.78
N ALA A 16 9.22 -10.92 6.86
CA ALA A 16 9.92 -11.28 5.64
C ALA A 16 9.23 -10.67 4.42
N ILE A 17 9.63 -9.46 4.06
CA ILE A 17 9.05 -8.77 2.93
C ILE A 17 9.90 -7.58 2.52
N ASP A 18 10.20 -7.49 1.23
CA ASP A 18 10.92 -6.34 0.68
C ASP A 18 10.47 -6.06 -0.74
N ILE A 19 9.67 -5.02 -0.89
CA ILE A 19 9.29 -4.56 -2.21
C ILE A 19 9.97 -3.23 -2.52
N GLY A 20 11.16 -3.32 -3.10
CA GLY A 20 11.94 -2.13 -3.40
C GLY A 20 11.32 -1.30 -4.50
N THR A 21 10.48 -1.95 -5.33
CA THR A 21 9.75 -1.32 -6.42
C THR A 21 10.65 -0.44 -7.31
N VAL A 22 10.01 0.38 -8.13
CA VAL A 22 10.71 1.30 -9.00
C VAL A 22 10.43 2.74 -8.57
N ILE A 23 11.34 3.64 -8.90
CA ILE A 23 11.16 5.03 -8.52
C ILE A 23 10.22 5.72 -9.48
N ASP A 24 8.92 5.61 -9.21
CA ASP A 24 7.91 6.27 -10.00
C ASP A 24 7.96 7.77 -9.75
N ASN A 25 7.79 8.14 -8.48
CA ASN A 25 8.02 9.49 -7.98
C ASN A 25 7.04 10.52 -8.54
N ASP A 26 6.16 11.01 -7.69
CA ASP A 26 5.30 12.14 -8.03
C ASP A 26 5.00 12.97 -6.78
N ASN A 27 4.13 12.44 -5.92
CA ASN A 27 3.76 13.12 -4.69
C ASN A 27 4.13 12.23 -3.50
N CYS A 28 3.75 12.65 -2.30
CA CYS A 28 3.93 11.82 -1.12
C CYS A 28 2.58 11.36 -0.59
N THR A 29 1.52 11.80 -1.26
CA THR A 29 0.17 11.44 -0.89
C THR A 29 -0.48 10.60 -1.98
N SER A 30 -0.89 9.39 -1.62
CA SER A 30 -1.58 8.50 -2.54
C SER A 30 -3.07 8.55 -2.27
N LYS A 31 -3.85 8.79 -3.30
CA LYS A 31 -5.30 8.77 -3.17
C LYS A 31 -5.85 7.54 -3.87
N PHE A 32 -6.74 6.85 -3.18
CA PHE A 32 -7.26 5.59 -3.68
C PHE A 32 -8.71 5.41 -3.25
N SER A 33 -9.57 5.07 -4.20
CA SER A 33 -10.95 4.77 -3.89
C SER A 33 -11.38 3.50 -4.64
N ARG A 34 -12.00 2.58 -3.91
CA ARG A 34 -12.47 1.34 -4.49
C ARG A 34 -13.92 1.10 -4.09
N PHE A 35 -14.69 0.55 -5.02
CA PHE A 35 -16.10 0.29 -4.78
C PHE A 35 -16.29 -1.09 -4.16
N PHE A 36 -17.05 -1.13 -3.07
CA PHE A 36 -17.32 -2.38 -2.38
C PHE A 36 -18.82 -2.60 -2.29
N ALA A 37 -19.21 -3.79 -1.85
CA ALA A 37 -20.62 -4.16 -1.78
C ALA A 37 -21.37 -3.31 -0.75
N THR A 38 -20.94 -3.37 0.49
CA THR A 38 -21.61 -2.66 1.55
C THR A 38 -20.64 -1.73 2.27
N ARG A 39 -21.17 -0.83 3.09
CA ARG A 39 -20.34 0.05 3.89
C ARG A 39 -19.54 -0.76 4.90
N GLU A 40 -20.06 -1.95 5.20
CA GLU A 40 -19.38 -2.89 6.07
C GLU A 40 -18.06 -3.33 5.44
N GLU A 41 -18.13 -3.65 4.15
CA GLU A 41 -16.95 -4.02 3.38
C GLU A 41 -15.94 -2.88 3.37
N ALA A 42 -16.43 -1.66 3.48
CA ALA A 42 -15.57 -0.49 3.46
C ALA A 42 -14.86 -0.33 4.79
N GLU A 43 -15.59 -0.53 5.87
CA GLU A 43 -15.02 -0.49 7.21
C GLU A 43 -13.98 -1.59 7.36
N SER A 44 -14.30 -2.75 6.81
CA SER A 44 -13.40 -3.91 6.84
C SER A 44 -12.13 -3.61 6.05
N PHE A 45 -12.28 -2.85 4.97
CA PHE A 45 -11.14 -2.49 4.14
C PHE A 45 -10.23 -1.53 4.89
N MET A 46 -10.81 -0.46 5.44
CA MET A 46 -10.05 0.55 6.16
C MET A 46 -9.25 -0.07 7.31
N THR A 47 -9.75 -1.16 7.86
CA THR A 47 -9.07 -1.88 8.93
C THR A 47 -7.65 -2.30 8.50
N LYS A 48 -7.54 -2.93 7.34
CA LYS A 48 -6.25 -3.43 6.87
C LYS A 48 -5.34 -2.29 6.42
N LEU A 49 -5.94 -1.17 5.99
CA LEU A 49 -5.16 0.01 5.63
C LEU A 49 -4.37 0.52 6.84
N LYS A 50 -5.01 0.51 8.00
CA LYS A 50 -4.35 0.91 9.25
C LYS A 50 -3.19 -0.03 9.57
N GLU A 51 -3.43 -1.32 9.36
CA GLU A 51 -2.40 -2.33 9.59
C GLU A 51 -1.21 -2.10 8.68
N LEU A 52 -1.51 -1.88 7.40
CA LEU A 52 -0.49 -1.68 6.38
C LEU A 52 0.27 -0.37 6.59
N ALA A 53 -0.46 0.69 6.93
CA ALA A 53 0.12 2.02 7.08
C ALA A 53 1.21 2.04 8.14
N ALA A 54 0.96 1.37 9.26
CA ALA A 54 1.89 1.36 10.38
C ALA A 54 3.21 0.67 10.00
N ALA A 55 3.12 -0.35 9.15
CA ALA A 55 4.30 -1.08 8.74
C ALA A 55 5.02 -0.42 7.58
N ALA A 56 4.25 0.21 6.69
CA ALA A 56 4.82 0.80 5.48
C ALA A 56 5.50 2.14 5.76
N SER A 57 4.79 3.04 6.42
CA SER A 57 5.29 4.39 6.61
C SER A 57 6.03 4.53 7.94
N SER A 58 6.71 5.66 8.09
CA SER A 58 7.42 5.97 9.32
C SER A 58 6.50 6.74 10.27
N ALA A 59 5.22 6.78 9.93
CA ALA A 59 4.23 7.41 10.78
C ALA A 59 3.76 6.42 11.83
N ASP A 60 4.33 6.54 13.00
CA ASP A 60 4.15 5.56 14.08
C ASP A 60 2.70 5.53 14.58
N GLU A 61 2.02 6.66 14.54
CA GLU A 61 0.65 6.74 15.01
C GLU A 61 -0.32 6.65 13.82
N GLY A 62 0.23 6.31 12.66
CA GLY A 62 -0.59 6.17 11.47
C GLY A 62 -0.32 7.26 10.45
N ALA A 63 -0.35 6.88 9.17
CA ALA A 63 -0.15 7.84 8.10
C ALA A 63 -1.30 8.84 8.05
N SER A 64 -1.02 10.02 7.55
CA SER A 64 -2.03 11.06 7.45
C SER A 64 -3.04 10.70 6.37
N VAL A 65 -4.13 10.08 6.78
CA VAL A 65 -5.14 9.62 5.85
C VAL A 65 -6.43 10.42 5.96
N ALA A 66 -6.78 11.09 4.88
CA ALA A 66 -8.09 11.73 4.77
C ALA A 66 -8.99 10.82 3.96
N TYR A 67 -9.86 10.10 4.64
CA TYR A 67 -10.68 9.10 3.97
C TYR A 67 -12.16 9.36 4.17
N LYS A 68 -12.96 8.78 3.29
CA LYS A 68 -14.40 8.86 3.40
C LYS A 68 -15.03 7.56 2.96
N ILE A 69 -16.17 7.25 3.53
CA ILE A 69 -16.95 6.10 3.13
C ILE A 69 -18.24 6.60 2.49
N LYS A 70 -18.33 6.51 1.18
CA LYS A 70 -19.47 7.05 0.48
C LYS A 70 -20.44 5.95 0.11
N ASP A 71 -21.60 6.01 0.71
CA ASP A 71 -22.68 5.10 0.41
C ASP A 71 -23.21 5.37 -0.98
N LEU A 72 -23.28 4.35 -1.81
CA LEU A 72 -23.79 4.50 -3.16
C LEU A 72 -25.04 3.65 -3.33
N GLU A 73 -25.52 3.53 -4.56
CA GLU A 73 -26.70 2.75 -4.83
C GLU A 73 -26.31 1.30 -5.14
N GLY A 74 -26.43 0.43 -4.15
CA GLY A 74 -26.10 -0.98 -4.33
C GLY A 74 -24.62 -1.23 -4.14
N GLN A 75 -23.91 -0.27 -3.57
CA GLN A 75 -22.47 -0.39 -3.34
C GLN A 75 -21.99 0.83 -2.56
N VAL A 76 -20.69 0.88 -2.28
CA VAL A 76 -20.09 2.03 -1.60
C VAL A 76 -18.71 2.30 -2.18
N GLU A 77 -18.25 3.53 -2.05
CA GLU A 77 -16.89 3.87 -2.44
C GLU A 77 -16.06 4.19 -1.22
N LEU A 78 -15.02 3.40 -0.99
CA LEU A 78 -14.05 3.68 0.05
C LEU A 78 -12.95 4.53 -0.53
N ASP A 79 -12.91 5.78 -0.12
CA ASP A 79 -11.95 6.74 -0.67
C ASP A 79 -11.00 7.20 0.42
N ALA A 80 -9.72 7.25 0.11
CA ALA A 80 -8.73 7.62 1.10
C ALA A 80 -7.53 8.33 0.47
N ALA A 81 -7.04 9.36 1.15
CA ALA A 81 -5.83 10.05 0.74
C ALA A 81 -4.76 9.88 1.81
N PHE A 82 -3.73 9.09 1.48
CA PHE A 82 -2.67 8.77 2.43
C PHE A 82 -1.43 9.62 2.18
N THR A 83 -1.12 10.49 3.13
CA THR A 83 0.11 11.25 3.07
C THR A 83 1.19 10.55 3.90
N PHE A 84 2.23 10.09 3.22
CA PHE A 84 3.31 9.37 3.88
C PHE A 84 4.47 10.31 4.18
N SER A 85 5.54 9.75 4.74
CA SER A 85 6.70 10.55 5.09
C SER A 85 7.84 10.35 4.10
N CYS A 86 7.72 9.31 3.28
CA CYS A 86 8.74 9.02 2.27
C CYS A 86 8.08 8.62 0.96
N GLN A 87 8.81 8.76 -0.14
CA GLN A 87 8.30 8.37 -1.45
C GLN A 87 7.99 6.89 -1.50
N ALA A 88 8.95 6.07 -1.05
CA ALA A 88 8.83 4.63 -1.11
C ALA A 88 7.58 4.16 -0.38
N GLU A 89 7.34 4.76 0.78
CA GLU A 89 6.23 4.36 1.63
C GLU A 89 4.89 4.45 0.90
N MET A 90 4.81 5.38 -0.04
CA MET A 90 3.59 5.55 -0.84
C MET A 90 3.45 4.41 -1.84
N ILE A 91 4.46 4.27 -2.71
CA ILE A 91 4.42 3.30 -3.79
C ILE A 91 4.48 1.85 -3.29
N ILE A 92 5.18 1.59 -2.20
CA ILE A 92 5.22 0.25 -1.62
C ILE A 92 3.85 -0.09 -1.01
N PHE A 93 3.18 0.94 -0.53
CA PHE A 93 1.86 0.78 0.06
C PHE A 93 0.88 0.32 -1.00
N GLU A 94 0.90 0.98 -2.15
CA GLU A 94 0.04 0.62 -3.28
C GLU A 94 0.29 -0.82 -3.70
N LEU A 95 1.57 -1.20 -3.73
CA LEU A 95 1.94 -2.57 -4.08
C LEU A 95 1.43 -3.56 -3.03
N SER A 96 1.64 -3.24 -1.75
CA SER A 96 1.15 -4.06 -0.66
C SER A 96 -0.35 -4.32 -0.80
N LEU A 97 -1.11 -3.30 -1.19
CA LEU A 97 -2.55 -3.43 -1.40
C LEU A 97 -2.85 -4.51 -2.43
N ARG A 98 -2.14 -4.44 -3.54
CA ARG A 98 -2.36 -5.33 -4.68
C ARG A 98 -1.79 -6.72 -4.44
N SER A 99 -0.68 -6.78 -3.71
CA SER A 99 0.01 -8.04 -3.47
C SER A 99 -0.68 -8.85 -2.38
N LEU A 100 -1.23 -8.16 -1.38
CA LEU A 100 -1.90 -8.83 -0.27
C LEU A 100 -3.21 -9.45 -0.74
N ALA A 101 -3.70 -8.99 -1.89
CA ALA A 101 -4.89 -9.56 -2.49
C ALA A 101 -4.60 -10.96 -3.01
N LEU A 102 -3.30 -11.21 -3.26
CA LEU A 102 -2.81 -12.52 -3.72
C LEU A 102 -3.33 -12.89 -5.10
N GLU A 103 -4.62 -13.13 -5.18
CA GLU A 103 -5.27 -13.60 -6.40
C GLU A 103 -5.05 -12.66 -7.58
N HIS A 104 -5.09 -11.35 -7.30
CA HIS A 104 -4.94 -10.31 -8.33
C HIS A 104 -6.17 -10.26 -9.23
N HIS A 105 -6.63 -9.05 -9.52
CA HIS A 105 -7.76 -8.86 -10.41
C HIS A 105 -7.53 -7.63 -11.28
N HIS A 106 -7.49 -6.47 -10.64
CA HIS A 106 -7.18 -5.24 -11.35
C HIS A 106 -5.66 -5.10 -11.43
N HIS A 107 -5.12 -5.21 -12.63
CA HIS A 107 -3.69 -5.36 -12.82
C HIS A 107 -2.93 -4.04 -12.71
N HIS A 108 -2.09 -3.97 -11.68
CA HIS A 108 -1.06 -2.93 -11.54
C HIS A 108 -1.64 -1.54 -11.25
N HIS A 109 -2.92 -1.48 -10.93
CA HIS A 109 -3.56 -0.22 -10.57
C HIS A 109 -4.54 -0.44 -9.42
#